data_5BZG
# 
_entry.id   5BZG 
# 
_audit_conform.dict_name       mmcif_pdbx.dic 
_audit_conform.dict_version    5.398 
_audit_conform.dict_location   http://mmcif.pdb.org/dictionaries/ascii/mmcif_pdbx.dic 
# 
loop_
_database_2.database_id 
_database_2.database_code 
_database_2.pdbx_database_accession 
_database_2.pdbx_DOI 
PDB   5BZG         pdb_00005bzg 10.2210/pdb5bzg/pdb 
WWPDB D_1000210185 ?            ?                   
# 
loop_
_pdbx_audit_revision_history.ordinal 
_pdbx_audit_revision_history.data_content_type 
_pdbx_audit_revision_history.major_revision 
_pdbx_audit_revision_history.minor_revision 
_pdbx_audit_revision_history.revision_date 
1 'Structure model' 1 0 2016-06-29 
2 'Structure model' 1 1 2017-10-11 
3 'Structure model' 1 2 2024-11-13 
# 
_pdbx_audit_revision_details.ordinal             1 
_pdbx_audit_revision_details.revision_ordinal    1 
_pdbx_audit_revision_details.data_content_type   'Structure model' 
_pdbx_audit_revision_details.provider            repository 
_pdbx_audit_revision_details.type                'Initial release' 
_pdbx_audit_revision_details.description         ? 
_pdbx_audit_revision_details.details             ? 
# 
loop_
_pdbx_audit_revision_group.ordinal 
_pdbx_audit_revision_group.revision_ordinal 
_pdbx_audit_revision_group.data_content_type 
_pdbx_audit_revision_group.group 
1 2 'Structure model' 'Data collection'      
2 2 'Structure model' 'Database references'  
3 2 'Structure model' 'Derived calculations' 
4 3 'Structure model' 'Data collection'      
5 3 'Structure model' 'Database references'  
6 3 'Structure model' 'Structure summary'    
# 
loop_
_pdbx_audit_revision_category.ordinal 
_pdbx_audit_revision_category.revision_ordinal 
_pdbx_audit_revision_category.data_content_type 
_pdbx_audit_revision_category.category 
1 2 'Structure model' citation                  
2 2 'Structure model' pdbx_struct_oper_list     
3 2 'Structure model' reflns_shell              
4 3 'Structure model' chem_comp_atom            
5 3 'Structure model' chem_comp_bond            
6 3 'Structure model' database_2                
7 3 'Structure model' pdbx_entry_details        
8 3 'Structure model' pdbx_modification_feature 
# 
loop_
_pdbx_audit_revision_item.ordinal 
_pdbx_audit_revision_item.revision_ordinal 
_pdbx_audit_revision_item.data_content_type 
_pdbx_audit_revision_item.item 
1 2 'Structure model' '_citation.journal_id_CSD'                  
2 2 'Structure model' '_pdbx_struct_oper_list.symmetry_operation' 
3 2 'Structure model' '_reflns_shell.percent_possible_all'        
4 3 'Structure model' '_database_2.pdbx_DOI'                      
5 3 'Structure model' '_database_2.pdbx_database_accession'       
# 
_pdbx_database_status.status_code                     REL 
_pdbx_database_status.status_code_sf                  REL 
_pdbx_database_status.status_code_mr                  ? 
_pdbx_database_status.entry_id                        5BZG 
_pdbx_database_status.recvd_initial_deposition_date   2015-06-11 
_pdbx_database_status.SG_entry                        N 
_pdbx_database_status.deposit_site                    RCSB 
_pdbx_database_status.process_site                    RCSB 
_pdbx_database_status.status_code_cs                  ? 
_pdbx_database_status.methods_development_category    ? 
_pdbx_database_status.pdb_format_compatible           Y 
_pdbx_database_status.status_code_nmr_data            ? 
# 
loop_
_pdbx_database_related.content_type 
_pdbx_database_related.db_id 
_pdbx_database_related.db_name 
_pdbx_database_related.details 
unspecified 5BZC PDB . 
unspecified 5BZE PDB . 
unspecified 5BZF PDB . 
unspecified 5BZH PDB . 
unspecified 5BZI PDB . 
unspecified 5BZJ PDB . 
unspecified 5BZM PDB . 
unspecified 5BZN PDB . 
unspecified 5BZO PDB . 
unspecified 5BZQ PDB . 
unspecified 5BZP PDB . 
unspecified 5BZR PDB . 
unspecified 5BZS PDB . 
unspecified 5BZT PDB . 
# 
loop_
_audit_author.name 
_audit_author.pdbx_ordinal 
'Liu, L.K.'    1 
'Finzel, B.C.' 2 
# 
_citation.abstract                  ? 
_citation.abstract_id_CAS           ? 
_citation.book_id_ISBN              ? 
_citation.book_publisher            ? 
_citation.book_publisher_city       ? 
_citation.book_title                ? 
_citation.coordinate_linkage        ? 
_citation.country                   ? 
_citation.database_id_Medline       ? 
_citation.details                   ? 
_citation.id                        primary 
_citation.journal_abbrev            'To Be Published' 
_citation.journal_id_ASTM           ? 
_citation.journal_id_CSD            0353 
_citation.journal_id_ISSN           ? 
_citation.journal_full              ? 
_citation.journal_issue             ? 
_citation.journal_volume            ? 
_citation.language                  ? 
_citation.page_first                ? 
_citation.page_last                 ? 
_citation.title                     'Crystal structure of the murine cd44 hyaluronan binding domain complex with a small molecule' 
_citation.year                      ? 
_citation.database_id_CSD           ? 
_citation.pdbx_database_id_DOI      ? 
_citation.pdbx_database_id_PubMed   ? 
_citation.unpublished_flag          ? 
# 
loop_
_citation_author.citation_id 
_citation_author.name 
_citation_author.ordinal 
_citation_author.identifier_ORCID 
primary 'Liu, L.K.'    1 ? 
primary 'Finzel, B.C.' 2 ? 
# 
loop_
_entity.id 
_entity.type 
_entity.src_method 
_entity.pdbx_description 
_entity.formula_weight 
_entity.pdbx_number_of_molecules 
_entity.pdbx_ec 
_entity.pdbx_mutation 
_entity.pdbx_fragment 
_entity.details 
1 polymer     man 'CD44 antigen'                                 16855.803 1  ? 'H23M; Q24N' 
'HYALURONAN BINDING DOMAIN, UNP RESIDUES 21-171' ? 
2 non-polymer syn 'DIMETHYL SULFOXIDE'                           78.133    1  ? ?            ? ? 
3 non-polymer syn 2-methyl-1,2,3,4-tetrahydroisoquinolin-5-amine 162.232   1  ? ?            ? ? 
4 non-polymer syn 'SULFATE ION'                                  96.063    1  ? ?            ? ? 
5 water       nat water                                          18.015    21 ? ?            ? ? 
# 
_entity_name_com.entity_id   1 
_entity_name_com.name        
;Extracellular matrix receptor III,ECMR-III,GP90 lymphocyte homing/adhesion receptor,HUTCH-I,Hermes antigen,Hyaluronate receptor,Lymphocyte antigen 24,Ly-24,Phagocytic glycoprotein 1,PGP-1,Phagocytic glycoprotein I,PGP-I
;
# 
_entity_poly.entity_id                      1 
_entity_poly.type                           'polypeptide(L)' 
_entity_poly.nstd_linkage                   no 
_entity_poly.nstd_monomer                   no 
_entity_poly.pdbx_seq_one_letter_code       
;MNQIDLNVTCRYAGVFHVEKNGRYSISRTEAADLCQAFNSTLPTMDQMKLALSKGFETCRYGFIEGNVVIPRIHPNAICA
ANHTGVYILVTSNTSHYDTYCFNASAPPEEDCTSVTDLPNSFDGPVTITIVNRDGTRYSKKGEYRTHQEDI
;
_entity_poly.pdbx_seq_one_letter_code_can   
;MNQIDLNVTCRYAGVFHVEKNGRYSISRTEAADLCQAFNSTLPTMDQMKLALSKGFETCRYGFIEGNVVIPRIHPNAICA
ANHTGVYILVTSNTSHYDTYCFNASAPPEEDCTSVTDLPNSFDGPVTITIVNRDGTRYSKKGEYRTHQEDI
;
_entity_poly.pdbx_strand_id                 A 
_entity_poly.pdbx_target_identifier         ? 
# 
loop_
_pdbx_entity_nonpoly.entity_id 
_pdbx_entity_nonpoly.name 
_pdbx_entity_nonpoly.comp_id 
2 'DIMETHYL SULFOXIDE'                           DMS 
3 2-methyl-1,2,3,4-tetrahydroisoquinolin-5-amine 4X6 
4 'SULFATE ION'                                  SO4 
5 water                                          HOH 
# 
loop_
_entity_poly_seq.entity_id 
_entity_poly_seq.num 
_entity_poly_seq.mon_id 
_entity_poly_seq.hetero 
1 1   MET n 
1 2   ASN n 
1 3   GLN n 
1 4   ILE n 
1 5   ASP n 
1 6   LEU n 
1 7   ASN n 
1 8   VAL n 
1 9   THR n 
1 10  CYS n 
1 11  ARG n 
1 12  TYR n 
1 13  ALA n 
1 14  GLY n 
1 15  VAL n 
1 16  PHE n 
1 17  HIS n 
1 18  VAL n 
1 19  GLU n 
1 20  LYS n 
1 21  ASN n 
1 22  GLY n 
1 23  ARG n 
1 24  TYR n 
1 25  SER n 
1 26  ILE n 
1 27  SER n 
1 28  ARG n 
1 29  THR n 
1 30  GLU n 
1 31  ALA n 
1 32  ALA n 
1 33  ASP n 
1 34  LEU n 
1 35  CYS n 
1 36  GLN n 
1 37  ALA n 
1 38  PHE n 
1 39  ASN n 
1 40  SER n 
1 41  THR n 
1 42  LEU n 
1 43  PRO n 
1 44  THR n 
1 45  MET n 
1 46  ASP n 
1 47  GLN n 
1 48  MET n 
1 49  LYS n 
1 50  LEU n 
1 51  ALA n 
1 52  LEU n 
1 53  SER n 
1 54  LYS n 
1 55  GLY n 
1 56  PHE n 
1 57  GLU n 
1 58  THR n 
1 59  CYS n 
1 60  ARG n 
1 61  TYR n 
1 62  GLY n 
1 63  PHE n 
1 64  ILE n 
1 65  GLU n 
1 66  GLY n 
1 67  ASN n 
1 68  VAL n 
1 69  VAL n 
1 70  ILE n 
1 71  PRO n 
1 72  ARG n 
1 73  ILE n 
1 74  HIS n 
1 75  PRO n 
1 76  ASN n 
1 77  ALA n 
1 78  ILE n 
1 79  CYS n 
1 80  ALA n 
1 81  ALA n 
1 82  ASN n 
1 83  HIS n 
1 84  THR n 
1 85  GLY n 
1 86  VAL n 
1 87  TYR n 
1 88  ILE n 
1 89  LEU n 
1 90  VAL n 
1 91  THR n 
1 92  SER n 
1 93  ASN n 
1 94  THR n 
1 95  SER n 
1 96  HIS n 
1 97  TYR n 
1 98  ASP n 
1 99  THR n 
1 100 TYR n 
1 101 CYS n 
1 102 PHE n 
1 103 ASN n 
1 104 ALA n 
1 105 SER n 
1 106 ALA n 
1 107 PRO n 
1 108 PRO n 
1 109 GLU n 
1 110 GLU n 
1 111 ASP n 
1 112 CYS n 
1 113 THR n 
1 114 SER n 
1 115 VAL n 
1 116 THR n 
1 117 ASP n 
1 118 LEU n 
1 119 PRO n 
1 120 ASN n 
1 121 SER n 
1 122 PHE n 
1 123 ASP n 
1 124 GLY n 
1 125 PRO n 
1 126 VAL n 
1 127 THR n 
1 128 ILE n 
1 129 THR n 
1 130 ILE n 
1 131 VAL n 
1 132 ASN n 
1 133 ARG n 
1 134 ASP n 
1 135 GLY n 
1 136 THR n 
1 137 ARG n 
1 138 TYR n 
1 139 SER n 
1 140 LYS n 
1 141 LYS n 
1 142 GLY n 
1 143 GLU n 
1 144 TYR n 
1 145 ARG n 
1 146 THR n 
1 147 HIS n 
1 148 GLN n 
1 149 GLU n 
1 150 ASP n 
1 151 ILE n 
# 
_entity_src_gen.entity_id                          1 
_entity_src_gen.pdbx_src_id                        1 
_entity_src_gen.pdbx_alt_source_flag               sample 
_entity_src_gen.pdbx_seq_type                      'Biological sequence' 
_entity_src_gen.pdbx_beg_seq_num                   1 
_entity_src_gen.pdbx_end_seq_num                   151 
_entity_src_gen.gene_src_common_name               Mouse 
_entity_src_gen.gene_src_genus                     ? 
_entity_src_gen.pdbx_gene_src_gene                 'Cd44, Ly-24' 
_entity_src_gen.gene_src_species                   ? 
_entity_src_gen.gene_src_strain                    ? 
_entity_src_gen.gene_src_tissue                    ? 
_entity_src_gen.gene_src_tissue_fraction           ? 
_entity_src_gen.gene_src_details                   ? 
_entity_src_gen.pdbx_gene_src_fragment             ? 
_entity_src_gen.pdbx_gene_src_scientific_name      'Mus musculus' 
_entity_src_gen.pdbx_gene_src_ncbi_taxonomy_id     10090 
_entity_src_gen.pdbx_gene_src_variant              ? 
_entity_src_gen.pdbx_gene_src_cell_line            ? 
_entity_src_gen.pdbx_gene_src_atcc                 ? 
_entity_src_gen.pdbx_gene_src_organ                ? 
_entity_src_gen.pdbx_gene_src_organelle            ? 
_entity_src_gen.pdbx_gene_src_cell                 ? 
_entity_src_gen.pdbx_gene_src_cellular_location    ? 
_entity_src_gen.host_org_common_name               ? 
_entity_src_gen.pdbx_host_org_scientific_name      'Escherichia coli' 
_entity_src_gen.pdbx_host_org_ncbi_taxonomy_id     469008 
_entity_src_gen.host_org_genus                     ? 
_entity_src_gen.pdbx_host_org_gene                 ? 
_entity_src_gen.pdbx_host_org_organ                ? 
_entity_src_gen.host_org_species                   ? 
_entity_src_gen.pdbx_host_org_tissue               ? 
_entity_src_gen.pdbx_host_org_tissue_fraction      ? 
_entity_src_gen.pdbx_host_org_strain               'BL21(DE3)' 
_entity_src_gen.pdbx_host_org_variant              ? 
_entity_src_gen.pdbx_host_org_cell_line            ? 
_entity_src_gen.pdbx_host_org_atcc                 ? 
_entity_src_gen.pdbx_host_org_culture_collection   ? 
_entity_src_gen.pdbx_host_org_cell                 ? 
_entity_src_gen.pdbx_host_org_organelle            ? 
_entity_src_gen.pdbx_host_org_cellular_location    ? 
_entity_src_gen.pdbx_host_org_vector_type          plasmid 
_entity_src_gen.pdbx_host_org_vector               ? 
_entity_src_gen.host_org_details                   ? 
_entity_src_gen.expression_system_id               ? 
_entity_src_gen.plasmid_name                       pMCSG7 
_entity_src_gen.plasmid_details                    ? 
_entity_src_gen.pdbx_description                   ? 
# 
loop_
_chem_comp.id 
_chem_comp.type 
_chem_comp.mon_nstd_flag 
_chem_comp.name 
_chem_comp.pdbx_synonyms 
_chem_comp.formula 
_chem_comp.formula_weight 
4X6 non-polymer         . 2-methyl-1,2,3,4-tetrahydroisoquinolin-5-amine ? 'C10 H14 N2'     162.232 
ALA 'L-peptide linking' y ALANINE                                        ? 'C3 H7 N O2'     89.093  
ARG 'L-peptide linking' y ARGININE                                       ? 'C6 H15 N4 O2 1' 175.209 
ASN 'L-peptide linking' y ASPARAGINE                                     ? 'C4 H8 N2 O3'    132.118 
ASP 'L-peptide linking' y 'ASPARTIC ACID'                                ? 'C4 H7 N O4'     133.103 
CYS 'L-peptide linking' y CYSTEINE                                       ? 'C3 H7 N O2 S'   121.158 
DMS non-polymer         . 'DIMETHYL SULFOXIDE'                           ? 'C2 H6 O S'      78.133  
GLN 'L-peptide linking' y GLUTAMINE                                      ? 'C5 H10 N2 O3'   146.144 
GLU 'L-peptide linking' y 'GLUTAMIC ACID'                                ? 'C5 H9 N O4'     147.129 
GLY 'peptide linking'   y GLYCINE                                        ? 'C2 H5 N O2'     75.067  
HIS 'L-peptide linking' y HISTIDINE                                      ? 'C6 H10 N3 O2 1' 156.162 
HOH non-polymer         . WATER                                          ? 'H2 O'           18.015  
ILE 'L-peptide linking' y ISOLEUCINE                                     ? 'C6 H13 N O2'    131.173 
LEU 'L-peptide linking' y LEUCINE                                        ? 'C6 H13 N O2'    131.173 
LYS 'L-peptide linking' y LYSINE                                         ? 'C6 H15 N2 O2 1' 147.195 
MET 'L-peptide linking' y METHIONINE                                     ? 'C5 H11 N O2 S'  149.211 
PHE 'L-peptide linking' y PHENYLALANINE                                  ? 'C9 H11 N O2'    165.189 
PRO 'L-peptide linking' y PROLINE                                        ? 'C5 H9 N O2'     115.130 
SER 'L-peptide linking' y SERINE                                         ? 'C3 H7 N O3'     105.093 
SO4 non-polymer         . 'SULFATE ION'                                  ? 'O4 S -2'        96.063  
THR 'L-peptide linking' y THREONINE                                      ? 'C4 H9 N O3'     119.119 
TYR 'L-peptide linking' y TYROSINE                                       ? 'C9 H11 N O3'    181.189 
VAL 'L-peptide linking' y VALINE                                         ? 'C5 H11 N O2'    117.146 
# 
loop_
_pdbx_poly_seq_scheme.asym_id 
_pdbx_poly_seq_scheme.entity_id 
_pdbx_poly_seq_scheme.seq_id 
_pdbx_poly_seq_scheme.mon_id 
_pdbx_poly_seq_scheme.ndb_seq_num 
_pdbx_poly_seq_scheme.pdb_seq_num 
_pdbx_poly_seq_scheme.auth_seq_num 
_pdbx_poly_seq_scheme.pdb_mon_id 
_pdbx_poly_seq_scheme.auth_mon_id 
_pdbx_poly_seq_scheme.pdb_strand_id 
_pdbx_poly_seq_scheme.pdb_ins_code 
_pdbx_poly_seq_scheme.hetero 
A 1 1   MET 1   23  ?   ?   ?   A . n 
A 1 2   ASN 2   24  24  ASN ASN A . n 
A 1 3   GLN 3   25  25  GLN GLN A . n 
A 1 4   ILE 4   26  26  ILE ILE A . n 
A 1 5   ASP 5   27  27  ASP ASP A . n 
A 1 6   LEU 6   28  28  LEU LEU A . n 
A 1 7   ASN 7   29  29  ASN ASN A . n 
A 1 8   VAL 8   30  30  VAL VAL A . n 
A 1 9   THR 9   31  31  THR THR A . n 
A 1 10  CYS 10  32  32  CYS CYS A . n 
A 1 11  ARG 11  33  33  ARG ARG A . n 
A 1 12  TYR 12  34  34  TYR TYR A . n 
A 1 13  ALA 13  35  35  ALA ALA A . n 
A 1 14  GLY 14  36  36  GLY GLY A . n 
A 1 15  VAL 15  37  37  VAL VAL A . n 
A 1 16  PHE 16  38  38  PHE PHE A . n 
A 1 17  HIS 17  39  39  HIS HIS A . n 
A 1 18  VAL 18  40  40  VAL VAL A . n 
A 1 19  GLU 19  41  41  GLU GLU A . n 
A 1 20  LYS 20  42  42  LYS LYS A . n 
A 1 21  ASN 21  43  43  ASN ASN A . n 
A 1 22  GLY 22  44  44  GLY GLY A . n 
A 1 23  ARG 23  45  45  ARG ARG A . n 
A 1 24  TYR 24  46  46  TYR TYR A . n 
A 1 25  SER 25  47  47  SER SER A . n 
A 1 26  ILE 26  48  48  ILE ILE A . n 
A 1 27  SER 27  49  49  SER SER A . n 
A 1 28  ARG 28  50  50  ARG ARG A . n 
A 1 29  THR 29  51  51  THR THR A . n 
A 1 30  GLU 30  52  52  GLU GLU A . n 
A 1 31  ALA 31  53  53  ALA ALA A . n 
A 1 32  ALA 32  54  54  ALA ALA A . n 
A 1 33  ASP 33  55  55  ASP ASP A . n 
A 1 34  LEU 34  56  56  LEU LEU A . n 
A 1 35  CYS 35  57  57  CYS CYS A . n 
A 1 36  GLN 36  58  58  GLN GLN A . n 
A 1 37  ALA 37  59  59  ALA ALA A . n 
A 1 38  PHE 38  60  60  PHE PHE A . n 
A 1 39  ASN 39  61  61  ASN ASN A . n 
A 1 40  SER 40  62  62  SER SER A . n 
A 1 41  THR 41  63  63  THR THR A . n 
A 1 42  LEU 42  64  64  LEU LEU A . n 
A 1 43  PRO 43  65  65  PRO PRO A . n 
A 1 44  THR 44  66  66  THR THR A . n 
A 1 45  MET 45  67  67  MET MET A . n 
A 1 46  ASP 46  68  68  ASP ASP A . n 
A 1 47  GLN 47  69  69  GLN GLN A . n 
A 1 48  MET 48  70  70  MET MET A . n 
A 1 49  LYS 49  71  71  LYS LYS A . n 
A 1 50  LEU 50  72  72  LEU LEU A . n 
A 1 51  ALA 51  73  73  ALA ALA A . n 
A 1 52  LEU 52  74  74  LEU LEU A . n 
A 1 53  SER 53  75  75  SER SER A . n 
A 1 54  LYS 54  76  76  LYS LYS A . n 
A 1 55  GLY 55  77  77  GLY GLY A . n 
A 1 56  PHE 56  78  78  PHE PHE A . n 
A 1 57  GLU 57  79  79  GLU GLU A . n 
A 1 58  THR 58  80  80  THR THR A . n 
A 1 59  CYS 59  81  81  CYS CYS A . n 
A 1 60  ARG 60  82  82  ARG ARG A . n 
A 1 61  TYR 61  83  83  TYR TYR A . n 
A 1 62  GLY 62  84  84  GLY GLY A . n 
A 1 63  PHE 63  85  85  PHE PHE A . n 
A 1 64  ILE 64  86  86  ILE ILE A . n 
A 1 65  GLU 65  87  87  GLU GLU A . n 
A 1 66  GLY 66  88  88  GLY GLY A . n 
A 1 67  ASN 67  89  89  ASN ASN A . n 
A 1 68  VAL 68  90  90  VAL VAL A . n 
A 1 69  VAL 69  91  91  VAL VAL A . n 
A 1 70  ILE 70  92  92  ILE ILE A . n 
A 1 71  PRO 71  93  93  PRO PRO A . n 
A 1 72  ARG 72  94  94  ARG ARG A . n 
A 1 73  ILE 73  95  95  ILE ILE A . n 
A 1 74  HIS 74  96  96  HIS HIS A . n 
A 1 75  PRO 75  97  97  PRO PRO A . n 
A 1 76  ASN 76  98  98  ASN ASN A . n 
A 1 77  ALA 77  99  99  ALA ALA A . n 
A 1 78  ILE 78  100 100 ILE ILE A . n 
A 1 79  CYS 79  101 101 CYS CYS A . n 
A 1 80  ALA 80  102 102 ALA ALA A . n 
A 1 81  ALA 81  103 103 ALA ALA A . n 
A 1 82  ASN 82  104 104 ASN ASN A . n 
A 1 83  HIS 83  105 105 HIS HIS A . n 
A 1 84  THR 84  106 106 THR THR A . n 
A 1 85  GLY 85  107 107 GLY GLY A . n 
A 1 86  VAL 86  108 108 VAL VAL A . n 
A 1 87  TYR 87  109 109 TYR TYR A . n 
A 1 88  ILE 88  110 110 ILE ILE A . n 
A 1 89  LEU 89  111 111 LEU LEU A . n 
A 1 90  VAL 90  112 112 VAL VAL A . n 
A 1 91  THR 91  113 113 THR THR A . n 
A 1 92  SER 92  114 114 SER SER A . n 
A 1 93  ASN 93  115 115 ASN ASN A . n 
A 1 94  THR 94  116 116 THR THR A . n 
A 1 95  SER 95  117 117 SER SER A . n 
A 1 96  HIS 96  118 118 HIS HIS A . n 
A 1 97  TYR 97  119 119 TYR TYR A . n 
A 1 98  ASP 98  120 120 ASP ASP A . n 
A 1 99  THR 99  121 121 THR THR A . n 
A 1 100 TYR 100 122 122 TYR TYR A . n 
A 1 101 CYS 101 123 123 CYS CYS A . n 
A 1 102 PHE 102 124 124 PHE PHE A . n 
A 1 103 ASN 103 125 125 ASN ASN A . n 
A 1 104 ALA 104 126 126 ALA ALA A . n 
A 1 105 SER 105 127 127 SER SER A . n 
A 1 106 ALA 106 128 128 ALA ALA A . n 
A 1 107 PRO 107 129 129 PRO PRO A . n 
A 1 108 PRO 108 130 130 PRO PRO A . n 
A 1 109 GLU 109 131 131 GLU GLU A . n 
A 1 110 GLU 110 132 132 GLU GLU A . n 
A 1 111 ASP 111 133 133 ASP ASP A . n 
A 1 112 CYS 112 134 134 CYS CYS A . n 
A 1 113 THR 113 135 135 THR THR A . n 
A 1 114 SER 114 136 136 SER SER A . n 
A 1 115 VAL 115 137 137 VAL VAL A . n 
A 1 116 THR 116 138 138 THR THR A . n 
A 1 117 ASP 117 139 139 ASP ASP A . n 
A 1 118 LEU 118 140 140 LEU LEU A . n 
A 1 119 PRO 119 141 141 PRO PRO A . n 
A 1 120 ASN 120 142 142 ASN ASN A . n 
A 1 121 SER 121 143 143 SER SER A . n 
A 1 122 PHE 122 144 144 PHE PHE A . n 
A 1 123 ASP 123 145 145 ASP ASP A . n 
A 1 124 GLY 124 146 146 GLY GLY A . n 
A 1 125 PRO 125 147 147 PRO PRO A . n 
A 1 126 VAL 126 148 148 VAL VAL A . n 
A 1 127 THR 127 149 149 THR THR A . n 
A 1 128 ILE 128 150 150 ILE ILE A . n 
A 1 129 THR 129 151 151 THR THR A . n 
A 1 130 ILE 130 152 152 ILE ILE A . n 
A 1 131 VAL 131 153 153 VAL VAL A . n 
A 1 132 ASN 132 154 154 ASN ASN A . n 
A 1 133 ARG 133 155 155 ARG ARG A . n 
A 1 134 ASP 134 156 156 ASP ASP A . n 
A 1 135 GLY 135 157 157 GLY GLY A . n 
A 1 136 THR 136 158 158 THR THR A . n 
A 1 137 ARG 137 159 159 ARG ARG A . n 
A 1 138 TYR 138 160 160 TYR TYR A . n 
A 1 139 SER 139 161 161 SER SER A . n 
A 1 140 LYS 140 162 162 LYS LYS A . n 
A 1 141 LYS 141 163 163 LYS LYS A . n 
A 1 142 GLY 142 164 164 GLY GLY A . n 
A 1 143 GLU 143 165 165 GLU GLU A . n 
A 1 144 TYR 144 166 166 TYR TYR A . n 
A 1 145 ARG 145 167 167 ARG ARG A . n 
A 1 146 THR 146 168 168 THR THR A . n 
A 1 147 HIS 147 169 169 HIS HIS A . n 
A 1 148 GLN 148 170 170 GLN GLN A . n 
A 1 149 GLU 149 171 171 GLU GLU A . n 
A 1 150 ASP 150 172 172 ASP ASP A . n 
A 1 151 ILE 151 173 173 ILE ILE A . n 
# 
loop_
_pdbx_nonpoly_scheme.asym_id 
_pdbx_nonpoly_scheme.entity_id 
_pdbx_nonpoly_scheme.mon_id 
_pdbx_nonpoly_scheme.ndb_seq_num 
_pdbx_nonpoly_scheme.pdb_seq_num 
_pdbx_nonpoly_scheme.auth_seq_num 
_pdbx_nonpoly_scheme.pdb_mon_id 
_pdbx_nonpoly_scheme.auth_mon_id 
_pdbx_nonpoly_scheme.pdb_strand_id 
_pdbx_nonpoly_scheme.pdb_ins_code 
B 2 DMS 1  201 1  DMS DMS A . 
C 3 4X6 1  202 1  4X6 DRG A . 
D 4 SO4 1  203 1  SO4 SO4 A . 
E 5 HOH 1  301 19 HOH HOH A . 
E 5 HOH 2  302 7  HOH HOH A . 
E 5 HOH 3  303 9  HOH HOH A . 
E 5 HOH 4  304 2  HOH HOH A . 
E 5 HOH 5  305 12 HOH HOH A . 
E 5 HOH 6  306 11 HOH HOH A . 
E 5 HOH 7  307 14 HOH HOH A . 
E 5 HOH 8  308 16 HOH HOH A . 
E 5 HOH 9  309 13 HOH HOH A . 
E 5 HOH 10 310 5  HOH HOH A . 
E 5 HOH 11 311 17 HOH HOH A . 
E 5 HOH 12 312 1  HOH HOH A . 
E 5 HOH 13 313 4  HOH HOH A . 
E 5 HOH 14 314 10 HOH HOH A . 
E 5 HOH 15 315 21 HOH HOH A . 
E 5 HOH 16 316 18 HOH HOH A . 
E 5 HOH 17 317 8  HOH HOH A . 
E 5 HOH 18 318 15 HOH HOH A . 
E 5 HOH 19 319 6  HOH HOH A . 
E 5 HOH 20 320 3  HOH HOH A . 
E 5 HOH 21 321 20 HOH HOH A . 
# 
loop_
_software.citation_id 
_software.classification 
_software.compiler_name 
_software.compiler_version 
_software.contact_author 
_software.contact_author_email 
_software.date 
_software.description 
_software.dependencies 
_software.hardware 
_software.language 
_software.location 
_software.mods 
_software.name 
_software.os 
_software.os_version 
_software.type 
_software.version 
_software.pdbx_ordinal 
? 'data scaling'    ? ? ? ? ? ? ? ? ? ? ? XSCALE      ? ? ? .     1 
? phasing           ? ? ? ? ? ? ? ? ? ? ? PHASER      ? ? ? 2.1.4 2 
? refinement        ? ? ? ? ? ? ? ? ? ? ? REFMAC      ? ? ? .     3 
? 'data extraction' ? ? ? ? ? ? ? ? ? ? ? PDB_EXTRACT ? ? ? 3.15  4 
# 
_cell.angle_alpha                  90.000 
_cell.angle_alpha_esd              ? 
_cell.angle_beta                   118.2050 
_cell.angle_beta_esd               ? 
_cell.angle_gamma                  90.000 
_cell.angle_gamma_esd              ? 
_cell.entry_id                     5BZG 
_cell.details                      ? 
_cell.formula_units_Z              ? 
_cell.length_a                     30.9870 
_cell.length_a_esd                 ? 
_cell.length_b                     81.7440 
_cell.length_b_esd                 ? 
_cell.length_c                     32.2360 
_cell.length_c_esd                 ? 
_cell.volume                       ? 
_cell.volume_esd                   ? 
_cell.Z_PDB                        2 
_cell.reciprocal_angle_alpha       ? 
_cell.reciprocal_angle_beta        ? 
_cell.reciprocal_angle_gamma       ? 
_cell.reciprocal_angle_alpha_esd   ? 
_cell.reciprocal_angle_beta_esd    ? 
_cell.reciprocal_angle_gamma_esd   ? 
_cell.reciprocal_length_a          ? 
_cell.reciprocal_length_b          ? 
_cell.reciprocal_length_c          ? 
_cell.reciprocal_length_a_esd      ? 
_cell.reciprocal_length_b_esd      ? 
_cell.reciprocal_length_c_esd      ? 
_cell.pdbx_unique_axis             ? 
# 
_symmetry.entry_id                         5BZG 
_symmetry.cell_setting                     ? 
_symmetry.Int_Tables_number                4 
_symmetry.space_group_name_Hall            ? 
_symmetry.space_group_name_H-M             'P 1 21 1' 
_symmetry.pdbx_full_space_group_name_H-M   ? 
# 
_exptl.absorpt_coefficient_mu     ? 
_exptl.absorpt_correction_T_max   ? 
_exptl.absorpt_correction_T_min   ? 
_exptl.absorpt_correction_type    ? 
_exptl.absorpt_process_details    ? 
_exptl.entry_id                   5BZG 
_exptl.crystals_number            1 
_exptl.details                    ? 
_exptl.method                     'X-RAY DIFFRACTION' 
_exptl.method_details             ? 
# 
_exptl_crystal.colour                      ? 
_exptl_crystal.density_diffrn              ? 
_exptl_crystal.density_Matthews            2.15 
_exptl_crystal.density_method              ? 
_exptl_crystal.density_percent_sol         42.89 
_exptl_crystal.description                 ? 
_exptl_crystal.F_000                       ? 
_exptl_crystal.id                          1 
_exptl_crystal.preparation                 ? 
_exptl_crystal.size_max                    ? 
_exptl_crystal.size_mid                    ? 
_exptl_crystal.size_min                    ? 
_exptl_crystal.size_rad                    ? 
_exptl_crystal.colour_lustre               ? 
_exptl_crystal.colour_modifier             ? 
_exptl_crystal.colour_primary              ? 
_exptl_crystal.density_meas                ? 
_exptl_crystal.density_meas_esd            ? 
_exptl_crystal.density_meas_gt             ? 
_exptl_crystal.density_meas_lt             ? 
_exptl_crystal.density_meas_temp           ? 
_exptl_crystal.density_meas_temp_esd       ? 
_exptl_crystal.density_meas_temp_gt        ? 
_exptl_crystal.density_meas_temp_lt        ? 
_exptl_crystal.pdbx_crystal_image_url      ? 
_exptl_crystal.pdbx_crystal_image_format   ? 
_exptl_crystal.pdbx_mosaicity              ? 
_exptl_crystal.pdbx_mosaicity_esd          ? 
# 
_exptl_crystal_grow.apparatus       ? 
_exptl_crystal_grow.atmosphere      ? 
_exptl_crystal_grow.crystal_id      1 
_exptl_crystal_grow.details         ? 
_exptl_crystal_grow.method          'VAPOR DIFFUSION, HANGING DROP' 
_exptl_crystal_grow.method_ref      ? 
_exptl_crystal_grow.pH              6.5 
_exptl_crystal_grow.pressure        ? 
_exptl_crystal_grow.pressure_esd    ? 
_exptl_crystal_grow.seeding         ? 
_exptl_crystal_grow.seeding_ref     ? 
_exptl_crystal_grow.temp            298 
_exptl_crystal_grow.temp_details    ? 
_exptl_crystal_grow.temp_esd        ? 
_exptl_crystal_grow.time            ? 
_exptl_crystal_grow.pdbx_details    'PEG MME 5000, MES, (NH4)2SO4' 
_exptl_crystal_grow.pdbx_pH_range   ? 
# 
_diffrn.ambient_environment    ? 
_diffrn.ambient_temp           100 
_diffrn.ambient_temp_details   ? 
_diffrn.ambient_temp_esd       ? 
_diffrn.crystal_id             1 
_diffrn.crystal_support        ? 
_diffrn.crystal_treatment      ? 
_diffrn.details                ? 
_diffrn.id                     1 
_diffrn.ambient_pressure       ? 
_diffrn.ambient_pressure_esd   ? 
_diffrn.ambient_pressure_gt    ? 
_diffrn.ambient_pressure_lt    ? 
_diffrn.ambient_temp_gt        ? 
_diffrn.ambient_temp_lt        ? 
# 
_diffrn_detector.details                      ? 
_diffrn_detector.detector                     CCD 
_diffrn_detector.diffrn_id                    1 
_diffrn_detector.type                         NOIR-1 
_diffrn_detector.area_resol_mean              ? 
_diffrn_detector.dtime                        ? 
_diffrn_detector.pdbx_frames_total            ? 
_diffrn_detector.pdbx_collection_time_total   ? 
_diffrn_detector.pdbx_collection_date         2013-01-29 
# 
_diffrn_radiation.collimation                      ? 
_diffrn_radiation.diffrn_id                        1 
_diffrn_radiation.filter_edge                      ? 
_diffrn_radiation.inhomogeneity                    ? 
_diffrn_radiation.monochromator                    'double crystal' 
_diffrn_radiation.polarisn_norm                    ? 
_diffrn_radiation.polarisn_ratio                   ? 
_diffrn_radiation.probe                            ? 
_diffrn_radiation.type                             ? 
_diffrn_radiation.xray_symbol                      ? 
_diffrn_radiation.wavelength_id                    1 
_diffrn_radiation.pdbx_monochromatic_or_laue_m_l   M 
_diffrn_radiation.pdbx_wavelength_list             ? 
_diffrn_radiation.pdbx_wavelength                  ? 
_diffrn_radiation.pdbx_diffrn_protocol             'SINGLE WAVELENGTH' 
_diffrn_radiation.pdbx_analyzer                    ? 
_diffrn_radiation.pdbx_scattering_type             x-ray 
# 
_diffrn_radiation_wavelength.id           1 
_diffrn_radiation_wavelength.wavelength   1.000 
_diffrn_radiation_wavelength.wt           1.0 
# 
_diffrn_source.current                     ? 
_diffrn_source.details                     ? 
_diffrn_source.diffrn_id                   1 
_diffrn_source.power                       ? 
_diffrn_source.size                        ? 
_diffrn_source.source                      SYNCHROTRON 
_diffrn_source.target                      ? 
_diffrn_source.type                        'ALS BEAMLINE 4.2.2' 
_diffrn_source.voltage                     ? 
_diffrn_source.take-off_angle              ? 
_diffrn_source.pdbx_wavelength_list        1.000 
_diffrn_source.pdbx_wavelength             ? 
_diffrn_source.pdbx_synchrotron_beamline   4.2.2 
_diffrn_source.pdbx_synchrotron_site       ALS 
# 
_reflns.B_iso_Wilson_estimate            19.588 
_reflns.entry_id                         5BZG 
_reflns.data_reduction_details           ? 
_reflns.data_reduction_method            ? 
_reflns.d_resolution_high                2.160 
_reflns.d_resolution_low                 9.64 
_reflns.details                          ? 
_reflns.limit_h_max                      ? 
_reflns.limit_h_min                      ? 
_reflns.limit_k_max                      ? 
_reflns.limit_k_min                      ? 
_reflns.limit_l_max                      ? 
_reflns.limit_l_min                      ? 
_reflns.number_all                       ? 
_reflns.number_obs                       7318 
_reflns.observed_criterion               ? 
_reflns.observed_criterion_F_max         ? 
_reflns.observed_criterion_F_min         ? 
_reflns.observed_criterion_I_max         ? 
_reflns.observed_criterion_I_min         ? 
_reflns.observed_criterion_sigma_F       ? 
_reflns.observed_criterion_sigma_I       -3.000 
_reflns.percent_possible_obs             94.800 
_reflns.R_free_details                   ? 
_reflns.Rmerge_F_all                     ? 
_reflns.Rmerge_F_obs                     0.993 
_reflns.Friedel_coverage                 ? 
_reflns.number_gt                        ? 
_reflns.threshold_expression             ? 
_reflns.pdbx_redundancy                  3.787 
_reflns.pdbx_Rmerge_I_obs                0.116 
_reflns.pdbx_Rmerge_I_all                ? 
_reflns.pdbx_Rsym_value                  ? 
_reflns.pdbx_netI_over_av_sigmaI         ? 
_reflns.pdbx_netI_over_sigmaI            11.800 
_reflns.pdbx_res_netI_over_av_sigmaI_2   ? 
_reflns.pdbx_res_netI_over_sigmaI_2      ? 
_reflns.pdbx_chi_squared                 0.930 
_reflns.pdbx_scaling_rejects             ? 
_reflns.pdbx_d_res_high_opt              ? 
_reflns.pdbx_d_res_low_opt               ? 
_reflns.pdbx_d_res_opt_method            ? 
_reflns.phase_calculation_details        ? 
_reflns.pdbx_Rrim_I_all                  0.135 
_reflns.pdbx_Rpim_I_all                  ? 
_reflns.pdbx_d_opt                       ? 
_reflns.pdbx_number_measured_all         27713 
_reflns.pdbx_diffrn_id                   1 
_reflns.pdbx_ordinal                     1 
_reflns.pdbx_CC_half                     ? 
_reflns.pdbx_R_split                     ? 
# 
loop_
_reflns_shell.d_res_high 
_reflns_shell.d_res_low 
_reflns_shell.meanI_over_sigI_all 
_reflns_shell.meanI_over_sigI_obs 
_reflns_shell.number_measured_all 
_reflns_shell.number_measured_obs 
_reflns_shell.number_possible 
_reflns_shell.number_unique_all 
_reflns_shell.number_unique_obs 
_reflns_shell.percent_possible_all 
_reflns_shell.percent_possible_obs 
_reflns_shell.Rmerge_F_all 
_reflns_shell.Rmerge_F_obs 
_reflns_shell.Rmerge_I_all 
_reflns_shell.Rmerge_I_obs 
_reflns_shell.meanI_over_sigI_gt 
_reflns_shell.meanI_over_uI_all 
_reflns_shell.meanI_over_uI_gt 
_reflns_shell.number_measured_gt 
_reflns_shell.number_unique_gt 
_reflns_shell.percent_possible_gt 
_reflns_shell.Rmerge_F_gt 
_reflns_shell.Rmerge_I_gt 
_reflns_shell.pdbx_redundancy 
_reflns_shell.pdbx_Rsym_value 
_reflns_shell.pdbx_chi_squared 
_reflns_shell.pdbx_netI_over_sigmaI_all 
_reflns_shell.pdbx_netI_over_sigmaI_obs 
_reflns_shell.pdbx_Rrim_I_all 
_reflns_shell.pdbx_Rpim_I_all 
_reflns_shell.pdbx_rejects 
_reflns_shell.pdbx_ordinal 
_reflns_shell.pdbx_diffrn_id 
_reflns_shell.pdbx_CC_half 
_reflns_shell.pdbx_R_split 
2.160 2.210 ? 2.760  ? 919  575 ? 328 57.000 ? ? 0.806 ? 0.401 ? ? ? ? ? ? ? ? ? ? ? ? ? 0.481 ? 0 1  1 ? ? 
2.210 2.270 ? 4.650  ? 2069 549 ? 539 98.200 ? ? 0.907 ? 0.304 ? ? ? ? ? ? ? ? ? ? ? ? ? 0.352 ? 0 2  1 ? ? 
2.270 2.340 ? 4.540  ? 2042 542 ? 524 96.700 ? ? 0.920 ? 0.314 ? ? ? ? ? ? ? ? ? ? ? ? ? 0.365 ? 0 3  1 ? ? 
2.340 2.410 ? 4.620  ? 1911 506 ? 499 98.600 ? ? 0.913 ? 0.298 ? ? ? ? ? ? ? ? ? ? ? ? ? 0.346 ? 0 4  1 ? ? 
2.410 2.490 ? 4.790  ? 1936 520 ? 500 96.200 ? ? 0.952 ? 0.289 ? ? ? ? ? ? ? ? ? ? ? ? ? 0.335 ? 0 5  1 ? ? 
2.490 2.580 ? 5.720  ? 1883 497 ? 486 97.800 ? ? 0.939 ? 0.252 ? ? ? ? ? ? ? ? ? ? ? ? ? 0.292 ? 0 6  1 ? ? 
2.580 2.670 ? 6.050  ? 1706 460 ? 442 96.100 ? ? 0.948 ? 0.224 ? ? ? ? ? ? ? ? ? ? ? ? ? 0.259 ? 0 7  1 ? ? 
2.670 2.780 ? 6.810  ? 1749 451 ? 449 99.600 ? ? 0.960 ? 0.203 ? ? ? ? ? ? ? ? ? ? ? ? ? 0.235 ? 0 8  1 ? ? 
2.780 2.910 ? 8.390  ? 1635 441 ? 428 97.100 ? ? 0.968 ? 0.169 ? ? ? ? ? ? ? ? ? ? ? ? ? 0.197 ? 0 9  1 ? ? 
2.910 3.050 ? 11.130 ? 1611 420 ? 416 99.000 ? ? 0.989 ? 0.116 ? ? ? ? ? ? ? ? ? ? ? ? ? 0.135 ? 0 10 1 ? ? 
3.050 3.210 ? 14.020 ? 1462 400 ? 385 96.200 ? ? 0.990 ? 0.094 ? ? ? ? ? ? ? ? ? ? ? ? ? 0.110 ? 0 11 1 ? ? 
3.210 3.410 ? 16.020 ? 1455 373 ? 374 100.0  ? ? 0.993 ? 0.080 ? ? ? ? ? ? ? ? ? ? ? ? ? 0.093 ? 0 12 1 ? ? 
3.410 3.650 ? 18.740 ? 1341 363 ? 351 96.700 ? ? 0.996 ? 0.064 ? ? ? ? ? ? ? ? ? ? ? ? ? 0.074 ? 0 13 1 ? ? 
3.650 3.940 ? 23.040 ? 1247 328 ? 327 99.700 ? ? 0.997 ? 0.051 ? ? ? ? ? ? ? ? ? ? ? ? ? 0.060 ? 0 14 1 ? ? 
3.940 4.310 ? 26.040 ? 1112 299 ? 293 98.000 ? ? 0.997 ? 0.048 ? ? ? ? ? ? ? ? ? ? ? ? ? 0.056 ? 0 15 1 ? ? 
4.310 4.820 ? 28.640 ? 1027 277 ? 275 99.300 ? ? 0.998 ? 0.041 ? ? ? ? ? ? ? ? ? ? ? ? ? 0.048 ? 0 16 1 ? ? 
4.820 5.570 ? 24.550 ? 917  250 ? 247 98.800 ? ? 0.996 ? 0.051 ? ? ? ? ? ? ? ? ? ? ? ? ? 0.059 ? 0 17 1 ? ? 
5.570 6.820 ? 21.520 ? 785  212 ? 208 98.100 ? ? 0.997 ? 0.056 ? ? ? ? ? ? ? ? ? ? ? ? ? 0.065 ? 0 18 1 ? ? 
6.820 9.640 ? 27.870 ? 587  161 ? 157 97.500 ? ? 0.997 ? 0.041 ? ? ? ? ? ? ? ? ? ? ? ? ? 0.049 ? 0 19 1 ? ? 
9.640 ?     ? 35.740 ? 319  96  ? 90  93.800 ? ? 0.999 ? 0.025 ? ? ? ? ? ? ? ? ? ? ? ? ? 0.029 ? 0 20 1 ? ? 
# 
_refine.aniso_B[1][1]                            -1.2300 
_refine.aniso_B[1][2]                            0.0000 
_refine.aniso_B[1][3]                            -0.8200 
_refine.aniso_B[2][2]                            0.9800 
_refine.aniso_B[2][3]                            0.0000 
_refine.aniso_B[3][3]                            -0.5200 
_refine.B_iso_max                                43.160 
_refine.B_iso_mean                               12.2740 
_refine.B_iso_min                                2.000 
_refine.correlation_coeff_Fo_to_Fc               0.9260 
_refine.correlation_coeff_Fo_to_Fc_free          0.8750 
_refine.details                                  
'HYDROGENS HAVE BEEN ADDED IN THE RIDING POSITIONS U VALUES      : REFINED INDIVIDUALLY' 
_refine.diff_density_max                         ? 
_refine.diff_density_max_esd                     ? 
_refine.diff_density_min                         ? 
_refine.diff_density_min_esd                     ? 
_refine.diff_density_rms                         ? 
_refine.diff_density_rms_esd                     ? 
_refine.entry_id                                 5BZG 
_refine.pdbx_refine_id                           'X-RAY DIFFRACTION' 
_refine.ls_abs_structure_details                 ? 
_refine.ls_abs_structure_Flack                   ? 
_refine.ls_abs_structure_Flack_esd               ? 
_refine.ls_abs_structure_Rogers                  ? 
_refine.ls_abs_structure_Rogers_esd              ? 
_refine.ls_d_res_high                            2.1900 
_refine.ls_d_res_low                             9.64 
_refine.ls_extinction_coef                       ? 
_refine.ls_extinction_coef_esd                   ? 
_refine.ls_extinction_expression                 ? 
_refine.ls_extinction_method                     ? 
_refine.ls_goodness_of_fit_all                   ? 
_refine.ls_goodness_of_fit_all_esd               ? 
_refine.ls_goodness_of_fit_obs                   ? 
_refine.ls_goodness_of_fit_obs_esd               ? 
_refine.ls_hydrogen_treatment                    ? 
_refine.ls_matrix_type                           ? 
_refine.ls_number_constraints                    ? 
_refine.ls_number_parameters                     ? 
_refine.ls_number_reflns_all                     ? 
_refine.ls_number_reflns_obs                     6800 
_refine.ls_number_reflns_R_free                  378 
_refine.ls_number_reflns_R_work                  ? 
_refine.ls_number_restraints                     ? 
_refine.ls_percent_reflns_obs                    98.3200 
_refine.ls_percent_reflns_R_free                 5.3000 
_refine.ls_R_factor_all                          ? 
_refine.ls_R_factor_obs                          0.1935 
_refine.ls_R_factor_R_free                       0.2416 
_refine.ls_R_factor_R_free_error                 ? 
_refine.ls_R_factor_R_free_error_details         ? 
_refine.ls_R_factor_R_work                       0.1910 
_refine.ls_R_Fsqd_factor_obs                     ? 
_refine.ls_R_I_factor_obs                        ? 
_refine.ls_redundancy_reflns_all                 ? 
_refine.ls_redundancy_reflns_obs                 ? 
_refine.ls_restrained_S_all                      ? 
_refine.ls_restrained_S_obs                      ? 
_refine.ls_shift_over_esd_max                    ? 
_refine.ls_shift_over_esd_mean                   ? 
_refine.ls_structure_factor_coef                 ? 
_refine.ls_weighting_details                     ? 
_refine.ls_weighting_scheme                      ? 
_refine.ls_wR_factor_all                         ? 
_refine.ls_wR_factor_obs                         ? 
_refine.ls_wR_factor_R_free                      0.2110 
_refine.ls_wR_factor_R_work                      0.1682 
_refine.occupancy_max                            ? 
_refine.occupancy_min                            ? 
_refine.solvent_model_details                    MASK 
_refine.solvent_model_param_bsol                 ? 
_refine.solvent_model_param_ksol                 ? 
_refine.ls_R_factor_gt                           ? 
_refine.ls_goodness_of_fit_gt                    ? 
_refine.ls_goodness_of_fit_ref                   ? 
_refine.ls_shift_over_su_max                     ? 
_refine.ls_shift_over_su_max_lt                  ? 
_refine.ls_shift_over_su_mean                    ? 
_refine.ls_shift_over_su_mean_lt                 ? 
_refine.pdbx_ls_sigma_I                          ? 
_refine.pdbx_ls_sigma_F                          0.000 
_refine.pdbx_ls_sigma_Fsqd                       ? 
_refine.pdbx_data_cutoff_high_absF               ? 
_refine.pdbx_data_cutoff_high_rms_absF           ? 
_refine.pdbx_data_cutoff_low_absF                ? 
_refine.pdbx_isotropic_thermal_model             ? 
_refine.pdbx_ls_cross_valid_method               THROUGHOUT 
_refine.pdbx_method_to_determine_struct          'MOLECULAR REPLACEMENT' 
_refine.pdbx_starting_model                      ? 
_refine.pdbx_stereochemistry_target_values       'MAXIMUM LIKELIHOOD' 
_refine.pdbx_R_Free_selection_details            RANDOM 
_refine.pdbx_stereochem_target_val_spec_case     ? 
_refine.pdbx_overall_ESU_R                       0.3670 
_refine.pdbx_overall_ESU_R_Free                  0.2340 
_refine.pdbx_solvent_vdw_probe_radii             1.4000 
_refine.pdbx_solvent_ion_probe_radii             0.8000 
_refine.pdbx_solvent_shrinkage_radii             0.8000 
_refine.pdbx_real_space_R                        ? 
_refine.pdbx_density_correlation                 ? 
_refine.pdbx_pd_number_of_powder_patterns        ? 
_refine.pdbx_pd_number_of_points                 ? 
_refine.pdbx_pd_meas_number_of_points            ? 
_refine.pdbx_pd_proc_ls_prof_R_factor            ? 
_refine.pdbx_pd_proc_ls_prof_wR_factor           ? 
_refine.pdbx_pd_Marquardt_correlation_coeff      ? 
_refine.pdbx_pd_Fsqrd_R_factor                   ? 
_refine.pdbx_pd_ls_matrix_band_width             ? 
_refine.pdbx_overall_phase_error                 ? 
_refine.pdbx_overall_SU_R_free_Cruickshank_DPI   ? 
_refine.pdbx_overall_SU_R_free_Blow_DPI          ? 
_refine.pdbx_overall_SU_R_Blow_DPI               ? 
_refine.pdbx_TLS_residual_ADP_flag               ? 
_refine.pdbx_diffrn_id                           1 
_refine.overall_SU_B                             5.8670 
_refine.overall_SU_ML                            0.1530 
_refine.overall_SU_R_Cruickshank_DPI             0.3669 
_refine.overall_SU_R_free                        0.2339 
_refine.overall_FOM_free_R_set                   ? 
_refine.overall_FOM_work_R_set                   0.8573 
_refine.pdbx_average_fsc_overall                 ? 
_refine.pdbx_average_fsc_work                    ? 
_refine.pdbx_average_fsc_free                    ? 
# 
_refine_hist.cycle_id                         final 
_refine_hist.pdbx_refine_id                   'X-RAY DIFFRACTION' 
_refine_hist.d_res_high                       2.1900 
_refine_hist.d_res_low                        9.64 
_refine_hist.pdbx_number_atoms_ligand         21 
_refine_hist.number_atoms_solvent             21 
_refine_hist.number_atoms_total               1213 
_refine_hist.pdbx_number_residues_total       150 
_refine_hist.pdbx_B_iso_mean_ligand           31.84 
_refine_hist.pdbx_B_iso_mean_solvent          9.42 
_refine_hist.pdbx_number_atoms_protein        1171 
_refine_hist.pdbx_number_atoms_nucleic_acid   0 
# 
loop_
_refine_ls_restr.pdbx_refine_id 
_refine_ls_restr.criterion 
_refine_ls_restr.dev_ideal 
_refine_ls_restr.dev_ideal_target 
_refine_ls_restr.number 
_refine_ls_restr.rejects 
_refine_ls_restr.type 
_refine_ls_restr.weight 
_refine_ls_restr.pdbx_restraint_function 
'X-RAY DIFFRACTION' ? 0.011  0.021  1279 ? r_bond_refined_d       ? ? 
'X-RAY DIFFRACTION' ? 1.321  1.956  1750 ? r_angle_refined_deg    ? ? 
'X-RAY DIFFRACTION' ? 6.642  5.000  161  ? r_dihedral_angle_1_deg ? ? 
'X-RAY DIFFRACTION' ? 35.068 23.934 61   ? r_dihedral_angle_2_deg ? ? 
'X-RAY DIFFRACTION' ? 12.105 15.000 200  ? r_dihedral_angle_3_deg ? ? 
'X-RAY DIFFRACTION' ? 16.828 15.000 9    ? r_dihedral_angle_4_deg ? ? 
'X-RAY DIFFRACTION' ? 0.093  0.200  194  ? r_chiral_restr         ? ? 
'X-RAY DIFFRACTION' ? 0.005  0.021  998  ? r_gen_planes_refined   ? ? 
'X-RAY DIFFRACTION' ? 0.534  1.500  788  ? r_mcbond_it            ? ? 
'X-RAY DIFFRACTION' ? 0.998  2.000  1292 ? r_mcangle_it           ? ? 
'X-RAY DIFFRACTION' ? 1.700  3.000  491  ? r_scbond_it            ? ? 
'X-RAY DIFFRACTION' ? 2.815  4.500  458  ? r_scangle_it           ? ? 
# 
_refine_ls_shell.pdbx_refine_id                   'X-RAY DIFFRACTION' 
_refine_ls_shell.d_res_high                       2.1900 
_refine_ls_shell.d_res_low                        2.2470 
_refine_ls_shell.number_reflns_all                499 
_refine_ls_shell.number_reflns_obs                ? 
_refine_ls_shell.number_reflns_R_free             31 
_refine_ls_shell.number_reflns_R_work             468 
_refine_ls_shell.percent_reflns_obs               98.6200 
_refine_ls_shell.percent_reflns_R_free            ? 
_refine_ls_shell.R_factor_all                     ? 
_refine_ls_shell.R_factor_obs                     ? 
_refine_ls_shell.R_factor_R_free                  0.2890 
_refine_ls_shell.R_factor_R_free_error            ? 
_refine_ls_shell.R_factor_R_work                  0.2000 
_refine_ls_shell.redundancy_reflns_all            ? 
_refine_ls_shell.redundancy_reflns_obs            ? 
_refine_ls_shell.wR_factor_all                    ? 
_refine_ls_shell.wR_factor_obs                    ? 
_refine_ls_shell.wR_factor_R_free                 ? 
_refine_ls_shell.wR_factor_R_work                 ? 
_refine_ls_shell.pdbx_total_number_of_bins_used   20 
_refine_ls_shell.pdbx_phase_error                 ? 
_refine_ls_shell.pdbx_fsc_work                    ? 
_refine_ls_shell.pdbx_fsc_free                    ? 
# 
_struct.entry_id                     5BZG 
_struct.title                        'Crystal structure of the murine CD44 hyaluronan binding domain complex with a small molecule' 
_struct.pdbx_model_details           ? 
_struct.pdbx_formula_weight          ? 
_struct.pdbx_formula_weight_method   ? 
_struct.pdbx_model_type_details      ? 
_struct.pdbx_CASP_flag               ? 
# 
_struct_keywords.entry_id        5BZG 
_struct_keywords.text            'Link module, PROTEIN BINDING' 
_struct_keywords.pdbx_keywords   'PROTEIN BINDING' 
# 
loop_
_struct_asym.id 
_struct_asym.pdbx_blank_PDB_chainid_flag 
_struct_asym.pdbx_modified 
_struct_asym.entity_id 
_struct_asym.details 
A N N 1 ? 
B N N 2 ? 
C N N 3 ? 
D N N 4 ? 
E N N 5 ? 
# 
_struct_ref.id                         1 
_struct_ref.db_name                    UNP 
_struct_ref.db_code                    CD44_MOUSE 
_struct_ref.pdbx_db_accession          P15379 
_struct_ref.pdbx_db_isoform            ? 
_struct_ref.entity_id                  1 
_struct_ref.pdbx_seq_one_letter_code   
;HQQIDLNVTCRYAGVFHVEKNGRYSISRTEAADLCQAFNSTLPTMDQMKLALSKGFETCRYGFIEGNVVIPRIHPNAICA
ANHTGVYILVTSNTSHYDTYCFNASAPPEEDCTSVTDLPNSFDGPVTITIVNRDGTRYSKKGEYRTHQEDI
;
_struct_ref.pdbx_align_begin           21 
# 
_struct_ref_seq.align_id                      1 
_struct_ref_seq.ref_id                        1 
_struct_ref_seq.pdbx_PDB_id_code              5BZG 
_struct_ref_seq.pdbx_strand_id                A 
_struct_ref_seq.seq_align_beg                 1 
_struct_ref_seq.pdbx_seq_align_beg_ins_code   ? 
_struct_ref_seq.seq_align_end                 151 
_struct_ref_seq.pdbx_seq_align_end_ins_code   ? 
_struct_ref_seq.pdbx_db_accession             P15379 
_struct_ref_seq.db_align_beg                  21 
_struct_ref_seq.pdbx_db_align_beg_ins_code    ? 
_struct_ref_seq.db_align_end                  171 
_struct_ref_seq.pdbx_db_align_end_ins_code    ? 
_struct_ref_seq.pdbx_auth_seq_align_beg       23 
_struct_ref_seq.pdbx_auth_seq_align_end       173 
# 
loop_
_struct_ref_seq_dif.align_id 
_struct_ref_seq_dif.pdbx_pdb_id_code 
_struct_ref_seq_dif.mon_id 
_struct_ref_seq_dif.pdbx_pdb_strand_id 
_struct_ref_seq_dif.seq_num 
_struct_ref_seq_dif.pdbx_pdb_ins_code 
_struct_ref_seq_dif.pdbx_seq_db_name 
_struct_ref_seq_dif.pdbx_seq_db_accession_code 
_struct_ref_seq_dif.db_mon_id 
_struct_ref_seq_dif.pdbx_seq_db_seq_num 
_struct_ref_seq_dif.details 
_struct_ref_seq_dif.pdbx_auth_seq_num 
_struct_ref_seq_dif.pdbx_ordinal 
1 5BZG MET A 1 ? UNP P15379 HIS 21 'engineered mutation' 23 1 
1 5BZG ASN A 2 ? UNP P15379 GLN 22 'engineered mutation' 24 2 
# 
_pdbx_struct_assembly.id                   1 
_pdbx_struct_assembly.details              author_and_software_defined_assembly 
_pdbx_struct_assembly.method_details       PISA 
_pdbx_struct_assembly.oligomeric_details   monomeric 
_pdbx_struct_assembly.oligomeric_count     1 
# 
_pdbx_struct_assembly_gen.assembly_id       1 
_pdbx_struct_assembly_gen.oper_expression   1 
_pdbx_struct_assembly_gen.asym_id_list      A,B,C,D,E 
# 
_pdbx_struct_oper_list.id                   1 
_pdbx_struct_oper_list.type                 'identity operation' 
_pdbx_struct_oper_list.name                 1_555 
_pdbx_struct_oper_list.symmetry_operation   x,y,z 
_pdbx_struct_oper_list.matrix[1][1]         1.0000000000 
_pdbx_struct_oper_list.matrix[1][2]         0.0000000000 
_pdbx_struct_oper_list.matrix[1][3]         0.0000000000 
_pdbx_struct_oper_list.vector[1]            0.0000000000 
_pdbx_struct_oper_list.matrix[2][1]         0.0000000000 
_pdbx_struct_oper_list.matrix[2][2]         1.0000000000 
_pdbx_struct_oper_list.matrix[2][3]         0.0000000000 
_pdbx_struct_oper_list.vector[2]            0.0000000000 
_pdbx_struct_oper_list.matrix[3][1]         0.0000000000 
_pdbx_struct_oper_list.matrix[3][2]         0.0000000000 
_pdbx_struct_oper_list.matrix[3][3]         1.0000000000 
_pdbx_struct_oper_list.vector[3]            0.0000000000 
# 
loop_
_struct_conf.conf_type_id 
_struct_conf.id 
_struct_conf.pdbx_PDB_helix_id 
_struct_conf.beg_label_comp_id 
_struct_conf.beg_label_asym_id 
_struct_conf.beg_label_seq_id 
_struct_conf.pdbx_beg_PDB_ins_code 
_struct_conf.end_label_comp_id 
_struct_conf.end_label_asym_id 
_struct_conf.end_label_seq_id 
_struct_conf.pdbx_end_PDB_ins_code 
_struct_conf.beg_auth_comp_id 
_struct_conf.beg_auth_asym_id 
_struct_conf.beg_auth_seq_id 
_struct_conf.end_auth_comp_id 
_struct_conf.end_auth_asym_id 
_struct_conf.end_auth_seq_id 
_struct_conf.pdbx_PDB_helix_class 
_struct_conf.details 
_struct_conf.pdbx_PDB_helix_length 
HELX_P HELX_P1 AA1 SER A 27  ? PHE A 38  ? SER A 49  PHE A 60  1 ? 12 
HELX_P HELX_P2 AA2 THR A 44  ? LYS A 54  ? THR A 66  LYS A 76  1 ? 11 
HELX_P HELX_P3 AA3 CYS A 79  ? HIS A 83  ? CYS A 101 HIS A 105 5 ? 5  
HELX_P HELX_P4 AA4 HIS A 147 ? ILE A 151 ? HIS A 169 ILE A 173 5 ? 5  
# 
_struct_conf_type.id          HELX_P 
_struct_conf_type.criteria    ? 
_struct_conf_type.reference   ? 
# 
loop_
_struct_conn.id 
_struct_conn.conn_type_id 
_struct_conn.pdbx_leaving_atom_flag 
_struct_conn.pdbx_PDB_id 
_struct_conn.ptnr1_label_asym_id 
_struct_conn.ptnr1_label_comp_id 
_struct_conn.ptnr1_label_seq_id 
_struct_conn.ptnr1_label_atom_id 
_struct_conn.pdbx_ptnr1_label_alt_id 
_struct_conn.pdbx_ptnr1_PDB_ins_code 
_struct_conn.pdbx_ptnr1_standard_comp_id 
_struct_conn.ptnr1_symmetry 
_struct_conn.ptnr2_label_asym_id 
_struct_conn.ptnr2_label_comp_id 
_struct_conn.ptnr2_label_seq_id 
_struct_conn.ptnr2_label_atom_id 
_struct_conn.pdbx_ptnr2_label_alt_id 
_struct_conn.pdbx_ptnr2_PDB_ins_code 
_struct_conn.ptnr1_auth_asym_id 
_struct_conn.ptnr1_auth_comp_id 
_struct_conn.ptnr1_auth_seq_id 
_struct_conn.ptnr2_auth_asym_id 
_struct_conn.ptnr2_auth_comp_id 
_struct_conn.ptnr2_auth_seq_id 
_struct_conn.ptnr2_symmetry 
_struct_conn.pdbx_ptnr3_label_atom_id 
_struct_conn.pdbx_ptnr3_label_seq_id 
_struct_conn.pdbx_ptnr3_label_comp_id 
_struct_conn.pdbx_ptnr3_label_asym_id 
_struct_conn.pdbx_ptnr3_label_alt_id 
_struct_conn.pdbx_ptnr3_PDB_ins_code 
_struct_conn.details 
_struct_conn.pdbx_dist_value 
_struct_conn.pdbx_value_order 
_struct_conn.pdbx_role 
disulf1 disulf ? ? A CYS 10 SG ? ? ? 1_555 A CYS 112 SG ? ? A CYS 32 A CYS 134 1_555 ? ? ? ? ? ? ? 2.059 ? ? 
disulf2 disulf ? ? A CYS 35 SG ? ? ? 1_555 A CYS 101 SG ? ? A CYS 57 A CYS 123 1_555 ? ? ? ? ? ? ? 2.026 ? ? 
disulf3 disulf ? ? A CYS 59 SG ? ? ? 1_555 A CYS 79  SG ? ? A CYS 81 A CYS 101 1_555 ? ? ? ? ? ? ? 2.080 ? ? 
# 
_struct_conn_type.id          disulf 
_struct_conn_type.criteria    ? 
_struct_conn_type.reference   ? 
# 
loop_
_pdbx_modification_feature.ordinal 
_pdbx_modification_feature.label_comp_id 
_pdbx_modification_feature.label_asym_id 
_pdbx_modification_feature.label_seq_id 
_pdbx_modification_feature.label_alt_id 
_pdbx_modification_feature.modified_residue_label_comp_id 
_pdbx_modification_feature.modified_residue_label_asym_id 
_pdbx_modification_feature.modified_residue_label_seq_id 
_pdbx_modification_feature.modified_residue_label_alt_id 
_pdbx_modification_feature.auth_comp_id 
_pdbx_modification_feature.auth_asym_id 
_pdbx_modification_feature.auth_seq_id 
_pdbx_modification_feature.PDB_ins_code 
_pdbx_modification_feature.symmetry 
_pdbx_modification_feature.modified_residue_auth_comp_id 
_pdbx_modification_feature.modified_residue_auth_asym_id 
_pdbx_modification_feature.modified_residue_auth_seq_id 
_pdbx_modification_feature.modified_residue_PDB_ins_code 
_pdbx_modification_feature.modified_residue_symmetry 
_pdbx_modification_feature.comp_id_linking_atom 
_pdbx_modification_feature.modified_residue_id_linking_atom 
_pdbx_modification_feature.modified_residue_id 
_pdbx_modification_feature.ref_pcm_id 
_pdbx_modification_feature.ref_comp_id 
_pdbx_modification_feature.type 
_pdbx_modification_feature.category 
1 CYS A 10 ? CYS A 112 ? CYS A 32 ? 1_555 CYS A 134 ? 1_555 SG SG . . . None 'Disulfide bridge' 
2 CYS A 35 ? CYS A 101 ? CYS A 57 ? 1_555 CYS A 123 ? 1_555 SG SG . . . None 'Disulfide bridge' 
3 CYS A 59 ? CYS A 79  ? CYS A 81 ? 1_555 CYS A 101 ? 1_555 SG SG . . . None 'Disulfide bridge' 
# 
loop_
_struct_sheet.id 
_struct_sheet.type 
_struct_sheet.number_strands 
_struct_sheet.details 
AA1 ? 8 ? 
AA2 ? 2 ? 
# 
loop_
_struct_sheet_order.sheet_id 
_struct_sheet_order.range_id_1 
_struct_sheet_order.range_id_2 
_struct_sheet_order.offset 
_struct_sheet_order.sense 
AA1 1 2 ? anti-parallel 
AA1 2 3 ? anti-parallel 
AA1 3 4 ? parallel      
AA1 4 5 ? anti-parallel 
AA1 5 6 ? anti-parallel 
AA1 6 7 ? parallel      
AA1 7 8 ? anti-parallel 
AA2 1 2 ? anti-parallel 
# 
loop_
_struct_sheet_range.sheet_id 
_struct_sheet_range.id 
_struct_sheet_range.beg_label_comp_id 
_struct_sheet_range.beg_label_asym_id 
_struct_sheet_range.beg_label_seq_id 
_struct_sheet_range.pdbx_beg_PDB_ins_code 
_struct_sheet_range.end_label_comp_id 
_struct_sheet_range.end_label_asym_id 
_struct_sheet_range.end_label_seq_id 
_struct_sheet_range.pdbx_end_PDB_ins_code 
_struct_sheet_range.beg_auth_comp_id 
_struct_sheet_range.beg_auth_asym_id 
_struct_sheet_range.beg_auth_seq_id 
_struct_sheet_range.end_auth_comp_id 
_struct_sheet_range.end_auth_asym_id 
_struct_sheet_range.end_auth_seq_id 
AA1 1 GLY A 85  ? ILE A 88  ? GLY A 107 ILE A 110 
AA1 2 VAL A 68  ? ARG A 72  ? VAL A 90  ARG A 94  
AA1 3 GLY A 62  ? PHE A 63  ? GLY A 84  PHE A 85  
AA1 4 ASP A 98  ? PHE A 102 ? ASP A 120 PHE A 124 
AA1 5 VAL A 15  ? LYS A 20  ? VAL A 37  LYS A 42  
AA1 6 GLN A 3   ? VAL A 8   ? GLN A 25  VAL A 30  
AA1 7 PHE A 122 ? ASN A 132 ? PHE A 144 ASN A 154 
AA1 8 ARG A 137 ? GLU A 143 ? ARG A 159 GLU A 165 
AA2 1 ARG A 11  ? TYR A 12  ? ARG A 33  TYR A 34  
AA2 2 GLU A 110 ? ASP A 111 ? GLU A 132 ASP A 133 
# 
loop_
_pdbx_struct_sheet_hbond.sheet_id 
_pdbx_struct_sheet_hbond.range_id_1 
_pdbx_struct_sheet_hbond.range_id_2 
_pdbx_struct_sheet_hbond.range_1_label_atom_id 
_pdbx_struct_sheet_hbond.range_1_label_comp_id 
_pdbx_struct_sheet_hbond.range_1_label_asym_id 
_pdbx_struct_sheet_hbond.range_1_label_seq_id 
_pdbx_struct_sheet_hbond.range_1_PDB_ins_code 
_pdbx_struct_sheet_hbond.range_1_auth_atom_id 
_pdbx_struct_sheet_hbond.range_1_auth_comp_id 
_pdbx_struct_sheet_hbond.range_1_auth_asym_id 
_pdbx_struct_sheet_hbond.range_1_auth_seq_id 
_pdbx_struct_sheet_hbond.range_2_label_atom_id 
_pdbx_struct_sheet_hbond.range_2_label_comp_id 
_pdbx_struct_sheet_hbond.range_2_label_asym_id 
_pdbx_struct_sheet_hbond.range_2_label_seq_id 
_pdbx_struct_sheet_hbond.range_2_PDB_ins_code 
_pdbx_struct_sheet_hbond.range_2_auth_atom_id 
_pdbx_struct_sheet_hbond.range_2_auth_comp_id 
_pdbx_struct_sheet_hbond.range_2_auth_asym_id 
_pdbx_struct_sheet_hbond.range_2_auth_seq_id 
AA1 1 2 O GLY A 85  ? O GLY A 107 N ARG A 72  ? N ARG A 94  
AA1 2 3 O VAL A 69  ? O VAL A 91  N GLY A 62  ? N GLY A 84  
AA1 3 4 N PHE A 63  ? N PHE A 85  O TYR A 100 ? O TYR A 122 
AA1 4 5 O THR A 99  ? O THR A 121 N VAL A 18  ? N VAL A 40  
AA1 5 6 O GLU A 19  ? O GLU A 41  N ASN A 7   ? N ASN A 29  
AA1 6 7 N LEU A 6   ? N LEU A 28  O VAL A 131 ? O VAL A 153 
AA1 7 8 N ILE A 128 ? N ILE A 150 O LYS A 140 ? O LYS A 162 
AA2 1 2 N ARG A 11  ? N ARG A 33  O ASP A 111 ? O ASP A 133 
# 
loop_
_struct_site.id 
_struct_site.pdbx_evidence_code 
_struct_site.pdbx_auth_asym_id 
_struct_site.pdbx_auth_comp_id 
_struct_site.pdbx_auth_seq_id 
_struct_site.pdbx_auth_ins_code 
_struct_site.pdbx_num_residues 
_struct_site.details 
AC1 Software A DMS 201 ? 9 'binding site for residue DMS A 201' 
AC2 Software A 4X6 202 ? 8 'binding site for residue 4X6 A 202' 
AC3 Software A SO4 203 ? 6 'binding site for residue SO4 A 203' 
# 
loop_
_struct_site_gen.id 
_struct_site_gen.site_id 
_struct_site_gen.pdbx_num_res 
_struct_site_gen.label_comp_id 
_struct_site_gen.label_asym_id 
_struct_site_gen.label_seq_id 
_struct_site_gen.pdbx_auth_ins_code 
_struct_site_gen.auth_comp_id 
_struct_site_gen.auth_asym_id 
_struct_site_gen.auth_seq_id 
_struct_site_gen.label_atom_id 
_struct_site_gen.label_alt_id 
_struct_site_gen.symmetry 
_struct_site_gen.details 
1  AC1 9 CYS A 10  ? CYS A 32  . ? 1_556 ? 
2  AC1 9 GLY A 66  ? GLY A 88  . ? 1_555 ? 
3  AC1 9 ASN A 67  ? ASN A 89  . ? 1_555 ? 
4  AC1 9 CYS A 112 ? CYS A 134 . ? 1_556 ? 
5  AC1 9 THR A 113 ? THR A 135 . ? 1_556 ? 
6  AC1 9 SER A 114 ? SER A 136 . ? 1_556 ? 
7  AC1 9 ARG A 133 ? ARG A 155 . ? 1_556 ? 
8  AC1 9 ASP A 134 ? ASP A 156 . ? 1_556 ? 
9  AC1 9 HOH E .   ? HOH A 306 . ? 1_555 ? 
10 AC2 8 ASN A 7   ? ASN A 29  . ? 1_555 ? 
11 AC2 8 VAL A 8   ? VAL A 30  . ? 1_555 ? 
12 AC2 8 THR A 9   ? THR A 31  . ? 1_555 ? 
13 AC2 8 GLU A 19  ? GLU A 41  . ? 1_555 ? 
14 AC2 8 ASP A 46  ? ASP A 68  . ? 1_655 ? 
15 AC2 8 VAL A 131 ? VAL A 153 . ? 1_555 ? 
16 AC2 8 ARG A 133 ? ARG A 155 . ? 1_555 ? 
17 AC2 8 HOH E .   ? HOH A 313 . ? 1_555 ? 
18 AC3 6 ARG A 11  ? ARG A 33  . ? 1_555 ? 
19 AC3 6 PHE A 16  ? PHE A 38  . ? 1_555 ? 
20 AC3 6 PHE A 38  ? PHE A 60  . ? 1_555 ? 
21 AC3 6 SER A 40  ? SER A 62  . ? 1_555 ? 
22 AC3 6 ASN A 103 ? ASN A 125 . ? 1_555 ? 
23 AC3 6 VAL A 115 ? VAL A 137 . ? 1_555 ? 
# 
_pdbx_entry_details.entry_id                   5BZG 
_pdbx_entry_details.compound_details           ? 
_pdbx_entry_details.source_details             ? 
_pdbx_entry_details.nonpolymer_details         ? 
_pdbx_entry_details.sequence_details           ? 
_pdbx_entry_details.has_ligand_of_interest     ? 
_pdbx_entry_details.has_protein_modification   Y 
# 
_pdbx_validate_rmsd_angle.id                         1 
_pdbx_validate_rmsd_angle.PDB_model_num              1 
_pdbx_validate_rmsd_angle.auth_atom_id_1             CB 
_pdbx_validate_rmsd_angle.auth_asym_id_1             A 
_pdbx_validate_rmsd_angle.auth_comp_id_1             ASP 
_pdbx_validate_rmsd_angle.auth_seq_id_1              120 
_pdbx_validate_rmsd_angle.PDB_ins_code_1             ? 
_pdbx_validate_rmsd_angle.label_alt_id_1             ? 
_pdbx_validate_rmsd_angle.auth_atom_id_2             CG 
_pdbx_validate_rmsd_angle.auth_asym_id_2             A 
_pdbx_validate_rmsd_angle.auth_comp_id_2             ASP 
_pdbx_validate_rmsd_angle.auth_seq_id_2              120 
_pdbx_validate_rmsd_angle.PDB_ins_code_2             ? 
_pdbx_validate_rmsd_angle.label_alt_id_2             ? 
_pdbx_validate_rmsd_angle.auth_atom_id_3             OD1 
_pdbx_validate_rmsd_angle.auth_asym_id_3             A 
_pdbx_validate_rmsd_angle.auth_comp_id_3             ASP 
_pdbx_validate_rmsd_angle.auth_seq_id_3              120 
_pdbx_validate_rmsd_angle.PDB_ins_code_3             ? 
_pdbx_validate_rmsd_angle.label_alt_id_3             ? 
_pdbx_validate_rmsd_angle.angle_value                125.11 
_pdbx_validate_rmsd_angle.angle_target_value         118.30 
_pdbx_validate_rmsd_angle.angle_deviation            6.81 
_pdbx_validate_rmsd_angle.angle_standard_deviation   0.90 
_pdbx_validate_rmsd_angle.linker_flag                N 
# 
loop_
_pdbx_validate_torsion.id 
_pdbx_validate_torsion.PDB_model_num 
_pdbx_validate_torsion.auth_comp_id 
_pdbx_validate_torsion.auth_asym_id 
_pdbx_validate_torsion.auth_seq_id 
_pdbx_validate_torsion.PDB_ins_code 
_pdbx_validate_torsion.label_alt_id 
_pdbx_validate_torsion.phi 
_pdbx_validate_torsion.psi 
1 1 TYR A 46  ? ? -59.58  104.63  
2 1 SER A 47  ? ? -151.30 14.90   
3 1 GLU A 131 ? ? -122.49 -135.77 
# 
_phasing.method   MR 
# 
_pdbx_unobs_or_zero_occ_residues.id               1 
_pdbx_unobs_or_zero_occ_residues.PDB_model_num    1 
_pdbx_unobs_or_zero_occ_residues.polymer_flag     Y 
_pdbx_unobs_or_zero_occ_residues.occupancy_flag   1 
_pdbx_unobs_or_zero_occ_residues.auth_asym_id     A 
_pdbx_unobs_or_zero_occ_residues.auth_comp_id     MET 
_pdbx_unobs_or_zero_occ_residues.auth_seq_id      23 
_pdbx_unobs_or_zero_occ_residues.PDB_ins_code     ? 
_pdbx_unobs_or_zero_occ_residues.label_asym_id    A 
_pdbx_unobs_or_zero_occ_residues.label_comp_id    MET 
_pdbx_unobs_or_zero_occ_residues.label_seq_id     1 
# 
loop_
_chem_comp_atom.comp_id 
_chem_comp_atom.atom_id 
_chem_comp_atom.type_symbol 
_chem_comp_atom.pdbx_aromatic_flag 
_chem_comp_atom.pdbx_stereo_config 
_chem_comp_atom.pdbx_ordinal 
4X6 CAG  C N N 1   
4X6 CAF  C N N 2   
4X6 CAK  C Y N 3   
4X6 CAI  C Y N 4   
4X6 NAB  N N N 5   
4X6 CAD  C Y N 6   
4X6 CAC  C Y N 7   
4X6 CAE  C Y N 8   
4X6 CAJ  C Y N 9   
4X6 CAH  C N N 10  
4X6 NAL  N N N 11  
4X6 CAA  C N N 12  
4X6 H1   H N N 13  
4X6 H2   H N N 14  
4X6 H3   H N N 15  
4X6 H4   H N N 16  
4X6 H5   H N N 17  
4X6 H6   H N N 18  
4X6 H7   H N N 19  
4X6 H8   H N N 20  
4X6 H9   H N N 21  
4X6 H10  H N N 22  
4X6 H11  H N N 23  
4X6 H13  H N N 24  
4X6 H14  H N N 25  
4X6 H15  H N N 26  
ALA N    N N N 27  
ALA CA   C N S 28  
ALA C    C N N 29  
ALA O    O N N 30  
ALA CB   C N N 31  
ALA OXT  O N N 32  
ALA H    H N N 33  
ALA H2   H N N 34  
ALA HA   H N N 35  
ALA HB1  H N N 36  
ALA HB2  H N N 37  
ALA HB3  H N N 38  
ALA HXT  H N N 39  
ARG N    N N N 40  
ARG CA   C N S 41  
ARG C    C N N 42  
ARG O    O N N 43  
ARG CB   C N N 44  
ARG CG   C N N 45  
ARG CD   C N N 46  
ARG NE   N N N 47  
ARG CZ   C N N 48  
ARG NH1  N N N 49  
ARG NH2  N N N 50  
ARG OXT  O N N 51  
ARG H    H N N 52  
ARG H2   H N N 53  
ARG HA   H N N 54  
ARG HB2  H N N 55  
ARG HB3  H N N 56  
ARG HG2  H N N 57  
ARG HG3  H N N 58  
ARG HD2  H N N 59  
ARG HD3  H N N 60  
ARG HE   H N N 61  
ARG HH11 H N N 62  
ARG HH12 H N N 63  
ARG HH21 H N N 64  
ARG HH22 H N N 65  
ARG HXT  H N N 66  
ASN N    N N N 67  
ASN CA   C N S 68  
ASN C    C N N 69  
ASN O    O N N 70  
ASN CB   C N N 71  
ASN CG   C N N 72  
ASN OD1  O N N 73  
ASN ND2  N N N 74  
ASN OXT  O N N 75  
ASN H    H N N 76  
ASN H2   H N N 77  
ASN HA   H N N 78  
ASN HB2  H N N 79  
ASN HB3  H N N 80  
ASN HD21 H N N 81  
ASN HD22 H N N 82  
ASN HXT  H N N 83  
ASP N    N N N 84  
ASP CA   C N S 85  
ASP C    C N N 86  
ASP O    O N N 87  
ASP CB   C N N 88  
ASP CG   C N N 89  
ASP OD1  O N N 90  
ASP OD2  O N N 91  
ASP OXT  O N N 92  
ASP H    H N N 93  
ASP H2   H N N 94  
ASP HA   H N N 95  
ASP HB2  H N N 96  
ASP HB3  H N N 97  
ASP HD2  H N N 98  
ASP HXT  H N N 99  
CYS N    N N N 100 
CYS CA   C N R 101 
CYS C    C N N 102 
CYS O    O N N 103 
CYS CB   C N N 104 
CYS SG   S N N 105 
CYS OXT  O N N 106 
CYS H    H N N 107 
CYS H2   H N N 108 
CYS HA   H N N 109 
CYS HB2  H N N 110 
CYS HB3  H N N 111 
CYS HG   H N N 112 
CYS HXT  H N N 113 
DMS S    S N N 114 
DMS O    O N N 115 
DMS C1   C N N 116 
DMS C2   C N N 117 
DMS H11  H N N 118 
DMS H12  H N N 119 
DMS H13  H N N 120 
DMS H21  H N N 121 
DMS H22  H N N 122 
DMS H23  H N N 123 
GLN N    N N N 124 
GLN CA   C N S 125 
GLN C    C N N 126 
GLN O    O N N 127 
GLN CB   C N N 128 
GLN CG   C N N 129 
GLN CD   C N N 130 
GLN OE1  O N N 131 
GLN NE2  N N N 132 
GLN OXT  O N N 133 
GLN H    H N N 134 
GLN H2   H N N 135 
GLN HA   H N N 136 
GLN HB2  H N N 137 
GLN HB3  H N N 138 
GLN HG2  H N N 139 
GLN HG3  H N N 140 
GLN HE21 H N N 141 
GLN HE22 H N N 142 
GLN HXT  H N N 143 
GLU N    N N N 144 
GLU CA   C N S 145 
GLU C    C N N 146 
GLU O    O N N 147 
GLU CB   C N N 148 
GLU CG   C N N 149 
GLU CD   C N N 150 
GLU OE1  O N N 151 
GLU OE2  O N N 152 
GLU OXT  O N N 153 
GLU H    H N N 154 
GLU H2   H N N 155 
GLU HA   H N N 156 
GLU HB2  H N N 157 
GLU HB3  H N N 158 
GLU HG2  H N N 159 
GLU HG3  H N N 160 
GLU HE2  H N N 161 
GLU HXT  H N N 162 
GLY N    N N N 163 
GLY CA   C N N 164 
GLY C    C N N 165 
GLY O    O N N 166 
GLY OXT  O N N 167 
GLY H    H N N 168 
GLY H2   H N N 169 
GLY HA2  H N N 170 
GLY HA3  H N N 171 
GLY HXT  H N N 172 
HIS N    N N N 173 
HIS CA   C N S 174 
HIS C    C N N 175 
HIS O    O N N 176 
HIS CB   C N N 177 
HIS CG   C Y N 178 
HIS ND1  N Y N 179 
HIS CD2  C Y N 180 
HIS CE1  C Y N 181 
HIS NE2  N Y N 182 
HIS OXT  O N N 183 
HIS H    H N N 184 
HIS H2   H N N 185 
HIS HA   H N N 186 
HIS HB2  H N N 187 
HIS HB3  H N N 188 
HIS HD1  H N N 189 
HIS HD2  H N N 190 
HIS HE1  H N N 191 
HIS HE2  H N N 192 
HIS HXT  H N N 193 
HOH O    O N N 194 
HOH H1   H N N 195 
HOH H2   H N N 196 
ILE N    N N N 197 
ILE CA   C N S 198 
ILE C    C N N 199 
ILE O    O N N 200 
ILE CB   C N S 201 
ILE CG1  C N N 202 
ILE CG2  C N N 203 
ILE CD1  C N N 204 
ILE OXT  O N N 205 
ILE H    H N N 206 
ILE H2   H N N 207 
ILE HA   H N N 208 
ILE HB   H N N 209 
ILE HG12 H N N 210 
ILE HG13 H N N 211 
ILE HG21 H N N 212 
ILE HG22 H N N 213 
ILE HG23 H N N 214 
ILE HD11 H N N 215 
ILE HD12 H N N 216 
ILE HD13 H N N 217 
ILE HXT  H N N 218 
LEU N    N N N 219 
LEU CA   C N S 220 
LEU C    C N N 221 
LEU O    O N N 222 
LEU CB   C N N 223 
LEU CG   C N N 224 
LEU CD1  C N N 225 
LEU CD2  C N N 226 
LEU OXT  O N N 227 
LEU H    H N N 228 
LEU H2   H N N 229 
LEU HA   H N N 230 
LEU HB2  H N N 231 
LEU HB3  H N N 232 
LEU HG   H N N 233 
LEU HD11 H N N 234 
LEU HD12 H N N 235 
LEU HD13 H N N 236 
LEU HD21 H N N 237 
LEU HD22 H N N 238 
LEU HD23 H N N 239 
LEU HXT  H N N 240 
LYS N    N N N 241 
LYS CA   C N S 242 
LYS C    C N N 243 
LYS O    O N N 244 
LYS CB   C N N 245 
LYS CG   C N N 246 
LYS CD   C N N 247 
LYS CE   C N N 248 
LYS NZ   N N N 249 
LYS OXT  O N N 250 
LYS H    H N N 251 
LYS H2   H N N 252 
LYS HA   H N N 253 
LYS HB2  H N N 254 
LYS HB3  H N N 255 
LYS HG2  H N N 256 
LYS HG3  H N N 257 
LYS HD2  H N N 258 
LYS HD3  H N N 259 
LYS HE2  H N N 260 
LYS HE3  H N N 261 
LYS HZ1  H N N 262 
LYS HZ2  H N N 263 
LYS HZ3  H N N 264 
LYS HXT  H N N 265 
MET N    N N N 266 
MET CA   C N S 267 
MET C    C N N 268 
MET O    O N N 269 
MET CB   C N N 270 
MET CG   C N N 271 
MET SD   S N N 272 
MET CE   C N N 273 
MET OXT  O N N 274 
MET H    H N N 275 
MET H2   H N N 276 
MET HA   H N N 277 
MET HB2  H N N 278 
MET HB3  H N N 279 
MET HG2  H N N 280 
MET HG3  H N N 281 
MET HE1  H N N 282 
MET HE2  H N N 283 
MET HE3  H N N 284 
MET HXT  H N N 285 
PHE N    N N N 286 
PHE CA   C N S 287 
PHE C    C N N 288 
PHE O    O N N 289 
PHE CB   C N N 290 
PHE CG   C Y N 291 
PHE CD1  C Y N 292 
PHE CD2  C Y N 293 
PHE CE1  C Y N 294 
PHE CE2  C Y N 295 
PHE CZ   C Y N 296 
PHE OXT  O N N 297 
PHE H    H N N 298 
PHE H2   H N N 299 
PHE HA   H N N 300 
PHE HB2  H N N 301 
PHE HB3  H N N 302 
PHE HD1  H N N 303 
PHE HD2  H N N 304 
PHE HE1  H N N 305 
PHE HE2  H N N 306 
PHE HZ   H N N 307 
PHE HXT  H N N 308 
PRO N    N N N 309 
PRO CA   C N S 310 
PRO C    C N N 311 
PRO O    O N N 312 
PRO CB   C N N 313 
PRO CG   C N N 314 
PRO CD   C N N 315 
PRO OXT  O N N 316 
PRO H    H N N 317 
PRO HA   H N N 318 
PRO HB2  H N N 319 
PRO HB3  H N N 320 
PRO HG2  H N N 321 
PRO HG3  H N N 322 
PRO HD2  H N N 323 
PRO HD3  H N N 324 
PRO HXT  H N N 325 
SER N    N N N 326 
SER CA   C N S 327 
SER C    C N N 328 
SER O    O N N 329 
SER CB   C N N 330 
SER OG   O N N 331 
SER OXT  O N N 332 
SER H    H N N 333 
SER H2   H N N 334 
SER HA   H N N 335 
SER HB2  H N N 336 
SER HB3  H N N 337 
SER HG   H N N 338 
SER HXT  H N N 339 
SO4 S    S N N 340 
SO4 O1   O N N 341 
SO4 O2   O N N 342 
SO4 O3   O N N 343 
SO4 O4   O N N 344 
THR N    N N N 345 
THR CA   C N S 346 
THR C    C N N 347 
THR O    O N N 348 
THR CB   C N R 349 
THR OG1  O N N 350 
THR CG2  C N N 351 
THR OXT  O N N 352 
THR H    H N N 353 
THR H2   H N N 354 
THR HA   H N N 355 
THR HB   H N N 356 
THR HG1  H N N 357 
THR HG21 H N N 358 
THR HG22 H N N 359 
THR HG23 H N N 360 
THR HXT  H N N 361 
TYR N    N N N 362 
TYR CA   C N S 363 
TYR C    C N N 364 
TYR O    O N N 365 
TYR CB   C N N 366 
TYR CG   C Y N 367 
TYR CD1  C Y N 368 
TYR CD2  C Y N 369 
TYR CE1  C Y N 370 
TYR CE2  C Y N 371 
TYR CZ   C Y N 372 
TYR OH   O N N 373 
TYR OXT  O N N 374 
TYR H    H N N 375 
TYR H2   H N N 376 
TYR HA   H N N 377 
TYR HB2  H N N 378 
TYR HB3  H N N 379 
TYR HD1  H N N 380 
TYR HD2  H N N 381 
TYR HE1  H N N 382 
TYR HE2  H N N 383 
TYR HH   H N N 384 
TYR HXT  H N N 385 
VAL N    N N N 386 
VAL CA   C N S 387 
VAL C    C N N 388 
VAL O    O N N 389 
VAL CB   C N N 390 
VAL CG1  C N N 391 
VAL CG2  C N N 392 
VAL OXT  O N N 393 
VAL H    H N N 394 
VAL H2   H N N 395 
VAL HA   H N N 396 
VAL HB   H N N 397 
VAL HG11 H N N 398 
VAL HG12 H N N 399 
VAL HG13 H N N 400 
VAL HG21 H N N 401 
VAL HG22 H N N 402 
VAL HG23 H N N 403 
VAL HXT  H N N 404 
# 
loop_
_chem_comp_bond.comp_id 
_chem_comp_bond.atom_id_1 
_chem_comp_bond.atom_id_2 
_chem_comp_bond.value_order 
_chem_comp_bond.pdbx_aromatic_flag 
_chem_comp_bond.pdbx_stereo_config 
_chem_comp_bond.pdbx_ordinal 
4X6 CAD CAC  doub Y N 1   
4X6 CAD CAI  sing Y N 2   
4X6 CAC CAE  sing Y N 3   
4X6 NAB CAI  sing N N 4   
4X6 CAI CAK  doub Y N 5   
4X6 CAE CAJ  doub Y N 6   
4X6 CAK CAJ  sing Y N 7   
4X6 CAK CAF  sing N N 8   
4X6 CAJ CAH  sing N N 9   
4X6 CAF CAG  sing N N 10  
4X6 CAH NAL  sing N N 11  
4X6 CAG NAL  sing N N 12  
4X6 NAL CAA  sing N N 13  
4X6 CAG H1   sing N N 14  
4X6 CAG H2   sing N N 15  
4X6 CAF H3   sing N N 16  
4X6 CAF H4   sing N N 17  
4X6 NAB H5   sing N N 18  
4X6 NAB H6   sing N N 19  
4X6 CAD H7   sing N N 20  
4X6 CAC H8   sing N N 21  
4X6 CAE H9   sing N N 22  
4X6 CAH H10  sing N N 23  
4X6 CAH H11  sing N N 24  
4X6 CAA H13  sing N N 25  
4X6 CAA H14  sing N N 26  
4X6 CAA H15  sing N N 27  
ALA N   CA   sing N N 28  
ALA N   H    sing N N 29  
ALA N   H2   sing N N 30  
ALA CA  C    sing N N 31  
ALA CA  CB   sing N N 32  
ALA CA  HA   sing N N 33  
ALA C   O    doub N N 34  
ALA C   OXT  sing N N 35  
ALA CB  HB1  sing N N 36  
ALA CB  HB2  sing N N 37  
ALA CB  HB3  sing N N 38  
ALA OXT HXT  sing N N 39  
ARG N   CA   sing N N 40  
ARG N   H    sing N N 41  
ARG N   H2   sing N N 42  
ARG CA  C    sing N N 43  
ARG CA  CB   sing N N 44  
ARG CA  HA   sing N N 45  
ARG C   O    doub N N 46  
ARG C   OXT  sing N N 47  
ARG CB  CG   sing N N 48  
ARG CB  HB2  sing N N 49  
ARG CB  HB3  sing N N 50  
ARG CG  CD   sing N N 51  
ARG CG  HG2  sing N N 52  
ARG CG  HG3  sing N N 53  
ARG CD  NE   sing N N 54  
ARG CD  HD2  sing N N 55  
ARG CD  HD3  sing N N 56  
ARG NE  CZ   sing N N 57  
ARG NE  HE   sing N N 58  
ARG CZ  NH1  sing N N 59  
ARG CZ  NH2  doub N N 60  
ARG NH1 HH11 sing N N 61  
ARG NH1 HH12 sing N N 62  
ARG NH2 HH21 sing N N 63  
ARG NH2 HH22 sing N N 64  
ARG OXT HXT  sing N N 65  
ASN N   CA   sing N N 66  
ASN N   H    sing N N 67  
ASN N   H2   sing N N 68  
ASN CA  C    sing N N 69  
ASN CA  CB   sing N N 70  
ASN CA  HA   sing N N 71  
ASN C   O    doub N N 72  
ASN C   OXT  sing N N 73  
ASN CB  CG   sing N N 74  
ASN CB  HB2  sing N N 75  
ASN CB  HB3  sing N N 76  
ASN CG  OD1  doub N N 77  
ASN CG  ND2  sing N N 78  
ASN ND2 HD21 sing N N 79  
ASN ND2 HD22 sing N N 80  
ASN OXT HXT  sing N N 81  
ASP N   CA   sing N N 82  
ASP N   H    sing N N 83  
ASP N   H2   sing N N 84  
ASP CA  C    sing N N 85  
ASP CA  CB   sing N N 86  
ASP CA  HA   sing N N 87  
ASP C   O    doub N N 88  
ASP C   OXT  sing N N 89  
ASP CB  CG   sing N N 90  
ASP CB  HB2  sing N N 91  
ASP CB  HB3  sing N N 92  
ASP CG  OD1  doub N N 93  
ASP CG  OD2  sing N N 94  
ASP OD2 HD2  sing N N 95  
ASP OXT HXT  sing N N 96  
CYS N   CA   sing N N 97  
CYS N   H    sing N N 98  
CYS N   H2   sing N N 99  
CYS CA  C    sing N N 100 
CYS CA  CB   sing N N 101 
CYS CA  HA   sing N N 102 
CYS C   O    doub N N 103 
CYS C   OXT  sing N N 104 
CYS CB  SG   sing N N 105 
CYS CB  HB2  sing N N 106 
CYS CB  HB3  sing N N 107 
CYS SG  HG   sing N N 108 
CYS OXT HXT  sing N N 109 
DMS S   O    doub N N 110 
DMS S   C1   sing N N 111 
DMS S   C2   sing N N 112 
DMS C1  H11  sing N N 113 
DMS C1  H12  sing N N 114 
DMS C1  H13  sing N N 115 
DMS C2  H21  sing N N 116 
DMS C2  H22  sing N N 117 
DMS C2  H23  sing N N 118 
GLN N   CA   sing N N 119 
GLN N   H    sing N N 120 
GLN N   H2   sing N N 121 
GLN CA  C    sing N N 122 
GLN CA  CB   sing N N 123 
GLN CA  HA   sing N N 124 
GLN C   O    doub N N 125 
GLN C   OXT  sing N N 126 
GLN CB  CG   sing N N 127 
GLN CB  HB2  sing N N 128 
GLN CB  HB3  sing N N 129 
GLN CG  CD   sing N N 130 
GLN CG  HG2  sing N N 131 
GLN CG  HG3  sing N N 132 
GLN CD  OE1  doub N N 133 
GLN CD  NE2  sing N N 134 
GLN NE2 HE21 sing N N 135 
GLN NE2 HE22 sing N N 136 
GLN OXT HXT  sing N N 137 
GLU N   CA   sing N N 138 
GLU N   H    sing N N 139 
GLU N   H2   sing N N 140 
GLU CA  C    sing N N 141 
GLU CA  CB   sing N N 142 
GLU CA  HA   sing N N 143 
GLU C   O    doub N N 144 
GLU C   OXT  sing N N 145 
GLU CB  CG   sing N N 146 
GLU CB  HB2  sing N N 147 
GLU CB  HB3  sing N N 148 
GLU CG  CD   sing N N 149 
GLU CG  HG2  sing N N 150 
GLU CG  HG3  sing N N 151 
GLU CD  OE1  doub N N 152 
GLU CD  OE2  sing N N 153 
GLU OE2 HE2  sing N N 154 
GLU OXT HXT  sing N N 155 
GLY N   CA   sing N N 156 
GLY N   H    sing N N 157 
GLY N   H2   sing N N 158 
GLY CA  C    sing N N 159 
GLY CA  HA2  sing N N 160 
GLY CA  HA3  sing N N 161 
GLY C   O    doub N N 162 
GLY C   OXT  sing N N 163 
GLY OXT HXT  sing N N 164 
HIS N   CA   sing N N 165 
HIS N   H    sing N N 166 
HIS N   H2   sing N N 167 
HIS CA  C    sing N N 168 
HIS CA  CB   sing N N 169 
HIS CA  HA   sing N N 170 
HIS C   O    doub N N 171 
HIS C   OXT  sing N N 172 
HIS CB  CG   sing N N 173 
HIS CB  HB2  sing N N 174 
HIS CB  HB3  sing N N 175 
HIS CG  ND1  sing Y N 176 
HIS CG  CD2  doub Y N 177 
HIS ND1 CE1  doub Y N 178 
HIS ND1 HD1  sing N N 179 
HIS CD2 NE2  sing Y N 180 
HIS CD2 HD2  sing N N 181 
HIS CE1 NE2  sing Y N 182 
HIS CE1 HE1  sing N N 183 
HIS NE2 HE2  sing N N 184 
HIS OXT HXT  sing N N 185 
HOH O   H1   sing N N 186 
HOH O   H2   sing N N 187 
ILE N   CA   sing N N 188 
ILE N   H    sing N N 189 
ILE N   H2   sing N N 190 
ILE CA  C    sing N N 191 
ILE CA  CB   sing N N 192 
ILE CA  HA   sing N N 193 
ILE C   O    doub N N 194 
ILE C   OXT  sing N N 195 
ILE CB  CG1  sing N N 196 
ILE CB  CG2  sing N N 197 
ILE CB  HB   sing N N 198 
ILE CG1 CD1  sing N N 199 
ILE CG1 HG12 sing N N 200 
ILE CG1 HG13 sing N N 201 
ILE CG2 HG21 sing N N 202 
ILE CG2 HG22 sing N N 203 
ILE CG2 HG23 sing N N 204 
ILE CD1 HD11 sing N N 205 
ILE CD1 HD12 sing N N 206 
ILE CD1 HD13 sing N N 207 
ILE OXT HXT  sing N N 208 
LEU N   CA   sing N N 209 
LEU N   H    sing N N 210 
LEU N   H2   sing N N 211 
LEU CA  C    sing N N 212 
LEU CA  CB   sing N N 213 
LEU CA  HA   sing N N 214 
LEU C   O    doub N N 215 
LEU C   OXT  sing N N 216 
LEU CB  CG   sing N N 217 
LEU CB  HB2  sing N N 218 
LEU CB  HB3  sing N N 219 
LEU CG  CD1  sing N N 220 
LEU CG  CD2  sing N N 221 
LEU CG  HG   sing N N 222 
LEU CD1 HD11 sing N N 223 
LEU CD1 HD12 sing N N 224 
LEU CD1 HD13 sing N N 225 
LEU CD2 HD21 sing N N 226 
LEU CD2 HD22 sing N N 227 
LEU CD2 HD23 sing N N 228 
LEU OXT HXT  sing N N 229 
LYS N   CA   sing N N 230 
LYS N   H    sing N N 231 
LYS N   H2   sing N N 232 
LYS CA  C    sing N N 233 
LYS CA  CB   sing N N 234 
LYS CA  HA   sing N N 235 
LYS C   O    doub N N 236 
LYS C   OXT  sing N N 237 
LYS CB  CG   sing N N 238 
LYS CB  HB2  sing N N 239 
LYS CB  HB3  sing N N 240 
LYS CG  CD   sing N N 241 
LYS CG  HG2  sing N N 242 
LYS CG  HG3  sing N N 243 
LYS CD  CE   sing N N 244 
LYS CD  HD2  sing N N 245 
LYS CD  HD3  sing N N 246 
LYS CE  NZ   sing N N 247 
LYS CE  HE2  sing N N 248 
LYS CE  HE3  sing N N 249 
LYS NZ  HZ1  sing N N 250 
LYS NZ  HZ2  sing N N 251 
LYS NZ  HZ3  sing N N 252 
LYS OXT HXT  sing N N 253 
MET N   CA   sing N N 254 
MET N   H    sing N N 255 
MET N   H2   sing N N 256 
MET CA  C    sing N N 257 
MET CA  CB   sing N N 258 
MET CA  HA   sing N N 259 
MET C   O    doub N N 260 
MET C   OXT  sing N N 261 
MET CB  CG   sing N N 262 
MET CB  HB2  sing N N 263 
MET CB  HB3  sing N N 264 
MET CG  SD   sing N N 265 
MET CG  HG2  sing N N 266 
MET CG  HG3  sing N N 267 
MET SD  CE   sing N N 268 
MET CE  HE1  sing N N 269 
MET CE  HE2  sing N N 270 
MET CE  HE3  sing N N 271 
MET OXT HXT  sing N N 272 
PHE N   CA   sing N N 273 
PHE N   H    sing N N 274 
PHE N   H2   sing N N 275 
PHE CA  C    sing N N 276 
PHE CA  CB   sing N N 277 
PHE CA  HA   sing N N 278 
PHE C   O    doub N N 279 
PHE C   OXT  sing N N 280 
PHE CB  CG   sing N N 281 
PHE CB  HB2  sing N N 282 
PHE CB  HB3  sing N N 283 
PHE CG  CD1  doub Y N 284 
PHE CG  CD2  sing Y N 285 
PHE CD1 CE1  sing Y N 286 
PHE CD1 HD1  sing N N 287 
PHE CD2 CE2  doub Y N 288 
PHE CD2 HD2  sing N N 289 
PHE CE1 CZ   doub Y N 290 
PHE CE1 HE1  sing N N 291 
PHE CE2 CZ   sing Y N 292 
PHE CE2 HE2  sing N N 293 
PHE CZ  HZ   sing N N 294 
PHE OXT HXT  sing N N 295 
PRO N   CA   sing N N 296 
PRO N   CD   sing N N 297 
PRO N   H    sing N N 298 
PRO CA  C    sing N N 299 
PRO CA  CB   sing N N 300 
PRO CA  HA   sing N N 301 
PRO C   O    doub N N 302 
PRO C   OXT  sing N N 303 
PRO CB  CG   sing N N 304 
PRO CB  HB2  sing N N 305 
PRO CB  HB3  sing N N 306 
PRO CG  CD   sing N N 307 
PRO CG  HG2  sing N N 308 
PRO CG  HG3  sing N N 309 
PRO CD  HD2  sing N N 310 
PRO CD  HD3  sing N N 311 
PRO OXT HXT  sing N N 312 
SER N   CA   sing N N 313 
SER N   H    sing N N 314 
SER N   H2   sing N N 315 
SER CA  C    sing N N 316 
SER CA  CB   sing N N 317 
SER CA  HA   sing N N 318 
SER C   O    doub N N 319 
SER C   OXT  sing N N 320 
SER CB  OG   sing N N 321 
SER CB  HB2  sing N N 322 
SER CB  HB3  sing N N 323 
SER OG  HG   sing N N 324 
SER OXT HXT  sing N N 325 
SO4 S   O1   doub N N 326 
SO4 S   O2   doub N N 327 
SO4 S   O3   sing N N 328 
SO4 S   O4   sing N N 329 
THR N   CA   sing N N 330 
THR N   H    sing N N 331 
THR N   H2   sing N N 332 
THR CA  C    sing N N 333 
THR CA  CB   sing N N 334 
THR CA  HA   sing N N 335 
THR C   O    doub N N 336 
THR C   OXT  sing N N 337 
THR CB  OG1  sing N N 338 
THR CB  CG2  sing N N 339 
THR CB  HB   sing N N 340 
THR OG1 HG1  sing N N 341 
THR CG2 HG21 sing N N 342 
THR CG2 HG22 sing N N 343 
THR CG2 HG23 sing N N 344 
THR OXT HXT  sing N N 345 
TYR N   CA   sing N N 346 
TYR N   H    sing N N 347 
TYR N   H2   sing N N 348 
TYR CA  C    sing N N 349 
TYR CA  CB   sing N N 350 
TYR CA  HA   sing N N 351 
TYR C   O    doub N N 352 
TYR C   OXT  sing N N 353 
TYR CB  CG   sing N N 354 
TYR CB  HB2  sing N N 355 
TYR CB  HB3  sing N N 356 
TYR CG  CD1  doub Y N 357 
TYR CG  CD2  sing Y N 358 
TYR CD1 CE1  sing Y N 359 
TYR CD1 HD1  sing N N 360 
TYR CD2 CE2  doub Y N 361 
TYR CD2 HD2  sing N N 362 
TYR CE1 CZ   doub Y N 363 
TYR CE1 HE1  sing N N 364 
TYR CE2 CZ   sing Y N 365 
TYR CE2 HE2  sing N N 366 
TYR CZ  OH   sing N N 367 
TYR OH  HH   sing N N 368 
TYR OXT HXT  sing N N 369 
VAL N   CA   sing N N 370 
VAL N   H    sing N N 371 
VAL N   H2   sing N N 372 
VAL CA  C    sing N N 373 
VAL CA  CB   sing N N 374 
VAL CA  HA   sing N N 375 
VAL C   O    doub N N 376 
VAL C   OXT  sing N N 377 
VAL CB  CG1  sing N N 378 
VAL CB  CG2  sing N N 379 
VAL CB  HB   sing N N 380 
VAL CG1 HG11 sing N N 381 
VAL CG1 HG12 sing N N 382 
VAL CG1 HG13 sing N N 383 
VAL CG2 HG21 sing N N 384 
VAL CG2 HG22 sing N N 385 
VAL CG2 HG23 sing N N 386 
VAL OXT HXT  sing N N 387 
# 
_atom_sites.entry_id                    5BZG 
_atom_sites.fract_transf_matrix[1][1]   0.02971164 
_atom_sites.fract_transf_matrix[1][2]   0.00911681 
_atom_sites.fract_transf_matrix[1][3]   0.01927321 
_atom_sites.fract_transf_matrix[2][1]   -0.00570321 
_atom_sites.fract_transf_matrix[2][2]   0.00998100 
_atom_sites.fract_transf_matrix[2][3]   0.00407077 
_atom_sites.fract_transf_matrix[3][1]   0.00261079 
_atom_sites.fract_transf_matrix[3][2]   -0.01198629 
_atom_sites.fract_transf_matrix[3][3]   0.03304656 
_atom_sites.fract_transf_vector[1]      0.094898 
_atom_sites.fract_transf_vector[2]      -0.004269 
_atom_sites.fract_transf_vector[3]      0.074686 
# 
loop_
_atom_type.symbol 
C 
N 
O 
S 
# 
loop_
_atom_site.group_PDB 
_atom_site.id 
_atom_site.type_symbol 
_atom_site.label_atom_id 
_atom_site.label_alt_id 
_atom_site.label_comp_id 
_atom_site.label_asym_id 
_atom_site.label_entity_id 
_atom_site.label_seq_id 
_atom_site.pdbx_PDB_ins_code 
_atom_site.Cartn_x 
_atom_site.Cartn_y 
_atom_site.Cartn_z 
_atom_site.occupancy 
_atom_site.B_iso_or_equiv 
_atom_site.pdbx_formal_charge 
_atom_site.auth_seq_id 
_atom_site.auth_comp_id 
_atom_site.auth_asym_id 
_atom_site.auth_atom_id 
_atom_site.pdbx_PDB_model_num 
ATOM   1    N N   . ASN A 1 2   ? 7.462   18.283  9.029   1.00 21.69 ? 24  ASN A N   1 
ATOM   2    C CA  . ASN A 1 2   ? 6.038   17.846  8.830   1.00 22.11 ? 24  ASN A CA  1 
ATOM   3    C C   . ASN A 1 2   ? 5.851   17.317  7.409   1.00 21.49 ? 24  ASN A C   1 
ATOM   4    O O   . ASN A 1 2   ? 5.257   17.979  6.557   1.00 20.90 ? 24  ASN A O   1 
ATOM   5    C CB  . ASN A 1 2   ? 5.065   19.005  9.114   1.00 22.40 ? 24  ASN A CB  1 
ATOM   6    C CG  . ASN A 1 2   ? 3.742   18.530  9.722   1.00 23.51 ? 24  ASN A CG  1 
ATOM   7    O OD1 . ASN A 1 2   ? 3.507   17.329  9.870   1.00 24.72 ? 24  ASN A OD1 1 
ATOM   8    N ND2 . ASN A 1 2   ? 2.881   19.482  10.090  1.00 23.64 ? 24  ASN A ND2 1 
ATOM   9    N N   . GLN A 1 3   ? 6.390   16.122  7.168   1.00 20.88 ? 25  GLN A N   1 
ATOM   10   C CA  . GLN A 1 3   ? 6.563   15.609  5.818   1.00 20.56 ? 25  GLN A CA  1 
ATOM   11   C C   . GLN A 1 3   ? 6.448   14.083  5.839   1.00 19.67 ? 25  GLN A C   1 
ATOM   12   O O   . GLN A 1 3   ? 7.108   13.424  6.649   1.00 19.70 ? 25  GLN A O   1 
ATOM   13   C CB  . GLN A 1 3   ? 7.927   16.063  5.273   1.00 21.22 ? 25  GLN A CB  1 
ATOM   14   C CG  . GLN A 1 3   ? 8.022   16.253  3.761   1.00 23.75 ? 25  GLN A CG  1 
ATOM   15   C CD  . GLN A 1 3   ? 8.225   14.938  3.012   1.00 27.62 ? 25  GLN A CD  1 
ATOM   16   O OE1 . GLN A 1 3   ? 9.094   14.124  3.372   1.00 27.94 ? 25  GLN A OE1 1 
ATOM   17   N NE2 . GLN A 1 3   ? 7.408   14.716  1.969   1.00 26.99 ? 25  GLN A NE2 1 
ATOM   18   N N   . ILE A 1 4   ? 5.585   13.542  4.974   1.00 17.72 ? 26  ILE A N   1 
ATOM   19   C CA  . ILE A 1 4   ? 5.403   12.092  4.820   1.00 16.41 ? 26  ILE A CA  1 
ATOM   20   C C   . ILE A 1 4   ? 5.673   11.661  3.385   1.00 15.41 ? 26  ILE A C   1 
ATOM   21   O O   . ILE A 1 4   ? 5.055   12.172  2.448   1.00 15.61 ? 26  ILE A O   1 
ATOM   22   C CB  . ILE A 1 4   ? 3.972   11.629  5.219   1.00 16.17 ? 26  ILE A CB  1 
ATOM   23   C CG1 . ILE A 1 4   ? 3.710   11.899  6.707   1.00 16.19 ? 26  ILE A CG1 1 
ATOM   24   C CG2 . ILE A 1 4   ? 3.762   10.147  4.893   1.00 16.06 ? 26  ILE A CG2 1 
ATOM   25   C CD1 . ILE A 1 4   ? 2.251   11.758  7.120   1.00 13.08 ? 26  ILE A CD1 1 
ATOM   26   N N   . ASP A 1 5   ? 6.609   10.730  3.229   1.00 14.22 ? 27  ASP A N   1 
ATOM   27   C CA  . ASP A 1 5   ? 6.846   10.049  1.954   1.00 13.68 ? 27  ASP A CA  1 
ATOM   28   C C   . ASP A 1 5   ? 5.981   8.796   1.909   1.00 12.50 ? 27  ASP A C   1 
ATOM   29   O O   . ASP A 1 5   ? 5.934   8.059   2.889   1.00 11.92 ? 27  ASP A O   1 
ATOM   30   C CB  . ASP A 1 5   ? 8.316   9.648   1.820   1.00 13.36 ? 27  ASP A CB  1 
ATOM   31   C CG  . ASP A 1 5   ? 9.223   10.821  1.429   1.00 15.79 ? 27  ASP A CG  1 
ATOM   32   O OD1 . ASP A 1 5   ? 8.799   11.989  1.582   1.00 16.45 ? 27  ASP A OD1 1 
ATOM   33   O OD2 . ASP A 1 5   ? 10.369  10.556  0.978   1.00 18.02 ? 27  ASP A OD2 1 
ATOM   34   N N   . LEU A 1 6   ? 5.283   8.592   0.787   1.00 11.33 ? 28  LEU A N   1 
ATOM   35   C CA  . LEU A 1 6   ? 4.531   7.363   0.515   1.00 9.79  ? 28  LEU A CA  1 
ATOM   36   C C   . LEU A 1 6   ? 5.053   6.661   -0.741  1.00 9.29  ? 28  LEU A C   1 
ATOM   37   O O   . LEU A 1 6   ? 4.828   7.111   -1.856  1.00 9.45  ? 28  LEU A O   1 
ATOM   38   C CB  . LEU A 1 6   ? 3.034   7.656   0.362   1.00 9.79  ? 28  LEU A CB  1 
ATOM   39   C CG  . LEU A 1 6   ? 2.303   8.416   1.476   1.00 7.73  ? 28  LEU A CG  1 
ATOM   40   C CD1 . LEU A 1 6   ? 0.942   8.859   0.968   1.00 5.19  ? 28  LEU A CD1 1 
ATOM   41   C CD2 . LEU A 1 6   ? 2.156   7.536   2.716   1.00 6.65  ? 28  LEU A CD2 1 
ATOM   42   N N   . ASN A 1 7   ? 5.746   5.547   -0.553  1.00 8.51  ? 29  ASN A N   1 
ATOM   43   C CA  . ASN A 1 7   ? 6.293   4.771   -1.675  1.00 7.91  ? 29  ASN A CA  1 
ATOM   44   C C   . ASN A 1 7   ? 5.226   3.854   -2.301  1.00 7.28  ? 29  ASN A C   1 
ATOM   45   O O   . ASN A 1 7   ? 4.718   2.934   -1.641  1.00 6.78  ? 29  ASN A O   1 
ATOM   46   C CB  . ASN A 1 7   ? 7.488   3.936   -1.203  1.00 7.75  ? 29  ASN A CB  1 
ATOM   47   C CG  . ASN A 1 7   ? 8.650   4.787   -0.649  1.00 8.67  ? 29  ASN A CG  1 
ATOM   48   O OD1 . ASN A 1 7   ? 8.906   5.897   -1.085  1.00 10.19 ? 29  ASN A OD1 1 
ATOM   49   N ND2 . ASN A 1 7   ? 9.372   4.226   0.299   1.00 11.61 ? 29  ASN A ND2 1 
ATOM   50   N N   . VAL A 1 8   ? 4.882   4.088   -3.565  1.00 6.54  ? 30  VAL A N   1 
ATOM   51   C CA  . VAL A 1 8   ? 3.787   3.318   -4.176  1.00 6.21  ? 30  VAL A CA  1 
ATOM   52   C C   . VAL A 1 8   ? 4.321   2.451   -5.324  1.00 6.40  ? 30  VAL A C   1 
ATOM   53   O O   . VAL A 1 8   ? 5.341   2.794   -5.951  1.00 5.75  ? 30  VAL A O   1 
ATOM   54   C CB  . VAL A 1 8   ? 2.627   4.224   -4.622  1.00 6.17  ? 30  VAL A CB  1 
ATOM   55   C CG1 . VAL A 1 8   ? 2.195   5.150   -3.452  1.00 6.08  ? 30  VAL A CG1 1 
ATOM   56   C CG2 . VAL A 1 8   ? 3.040   5.072   -5.825  1.00 6.23  ? 30  VAL A CG2 1 
ATOM   57   N N   . THR A 1 9   ? 3.668   1.309   -5.548  1.00 6.18  ? 31  THR A N   1 
ATOM   58   C CA  . THR A 1 9   ? 4.061   0.370   -6.619  1.00 6.50  ? 31  THR A CA  1 
ATOM   59   C C   . THR A 1 9   ? 3.111   0.466   -7.811  1.00 6.88  ? 31  THR A C   1 
ATOM   60   O O   . THR A 1 9   ? 2.154   1.256   -7.786  1.00 7.35  ? 31  THR A O   1 
ATOM   61   C CB  . THR A 1 9   ? 4.004   -1.116  -6.165  1.00 6.46  ? 31  THR A CB  1 
ATOM   62   O OG1 . THR A 1 9   ? 2.667   -1.440  -5.764  1.00 5.38  ? 31  THR A OG1 1 
ATOM   63   C CG2 . THR A 1 9   ? 4.987   -1.430  -5.037  1.00 6.56  ? 31  THR A CG2 1 
ATOM   64   N N   . CYS A 1 10  ? 3.384   -0.344  -8.836  1.00 6.48  ? 32  CYS A N   1 
ATOM   65   C CA  . CYS A 1 10  ? 2.431   -0.648  -9.921  1.00 7.16  ? 32  CYS A CA  1 
ATOM   66   C C   . CYS A 1 10  ? 1.167   -1.216  -9.321  1.00 6.40  ? 32  CYS A C   1 
ATOM   67   O O   . CYS A 1 10  ? 1.234   -1.842  -8.261  1.00 6.63  ? 32  CYS A O   1 
ATOM   68   C CB  . CYS A 1 10  ? 2.995   -1.748  -10.830 1.00 6.69  ? 32  CYS A CB  1 
ATOM   69   S SG  . CYS A 1 10  ? 4.643   -1.469  -11.533 1.00 9.90  ? 32  CYS A SG  1 
ATOM   70   N N   . ARG A 1 11  ? 0.032   -1.025  -9.995  1.00 5.93  ? 33  ARG A N   1 
ATOM   71   C CA  . ARG A 1 11  ? -1.221  -1.665  -9.596  1.00 5.69  ? 33  ARG A CA  1 
ATOM   72   C C   . ARG A 1 11  ? -1.352  -2.971  -10.361 1.00 6.57  ? 33  ARG A C   1 
ATOM   73   O O   . ARG A 1 11  ? -0.965  -3.052  -11.538 1.00 7.61  ? 33  ARG A O   1 
ATOM   74   C CB  . ARG A 1 11  ? -2.457  -0.774  -9.887  1.00 5.76  ? 33  ARG A CB  1 
ATOM   75   C CG  . ARG A 1 11  ? -2.753  0.358   -8.860  1.00 4.79  ? 33  ARG A CG  1 
ATOM   76   C CD  . ARG A 1 11  ? -1.619  1.393   -8.775  1.00 5.55  ? 33  ARG A CD  1 
ATOM   77   N NE  . ARG A 1 11  ? -1.589  2.155   -10.012 1.00 5.98  ? 33  ARG A NE  1 
ATOM   78   C CZ  . ARG A 1 11  ? -0.513  2.682   -10.581 1.00 5.39  ? 33  ARG A CZ  1 
ATOM   79   N NH1 . ARG A 1 11  ? -0.656  3.331   -11.734 1.00 4.93  ? 33  ARG A NH1 1 
ATOM   80   N NH2 . ARG A 1 11  ? 0.690   2.557   -10.029 1.00 4.14  ? 33  ARG A NH2 1 
ATOM   81   N N   . TYR A 1 12  ? -1.913  -3.985  -9.714  1.00 5.87  ? 34  TYR A N   1 
ATOM   82   C CA  . TYR A 1 12  ? -2.204  -5.243  -10.383 1.00 5.97  ? 34  TYR A CA  1 
ATOM   83   C C   . TYR A 1 12  ? -3.628  -5.591  -10.072 1.00 5.38  ? 34  TYR A C   1 
ATOM   84   O O   . TYR A 1 12  ? -3.943  -5.868  -8.934  1.00 5.66  ? 34  TYR A O   1 
ATOM   85   C CB  . TYR A 1 12  ? -1.291  -6.362  -9.882  1.00 5.62  ? 34  TYR A CB  1 
ATOM   86   C CG  . TYR A 1 12  ? 0.105   -6.210  -10.360 1.00 7.94  ? 34  TYR A CG  1 
ATOM   87   C CD1 . TYR A 1 12  ? 0.538   -6.887  -11.499 1.00 8.86  ? 34  TYR A CD1 1 
ATOM   88   C CD2 . TYR A 1 12  ? 1.003   -5.372  -9.689  1.00 8.76  ? 34  TYR A CD2 1 
ATOM   89   C CE1 . TYR A 1 12  ? 1.824   -6.740  -11.952 1.00 11.35 ? 34  TYR A CE1 1 
ATOM   90   C CE2 . TYR A 1 12  ? 2.300   -5.225  -10.132 1.00 10.74 ? 34  TYR A CE2 1 
ATOM   91   C CZ  . TYR A 1 12  ? 2.704   -5.905  -11.261 1.00 12.28 ? 34  TYR A CZ  1 
ATOM   92   O OH  . TYR A 1 12  ? 3.989   -5.763  -11.715 1.00 14.25 ? 34  TYR A OH  1 
ATOM   93   N N   . ALA A 1 13  ? -4.490  -5.554  -11.079 1.00 5.20  ? 35  ALA A N   1 
ATOM   94   C CA  . ALA A 1 13  ? -5.931  -5.686  -10.861 1.00 4.76  ? 35  ALA A CA  1 
ATOM   95   C C   . ALA A 1 13  ? -6.414  -4.741  -9.749  1.00 4.16  ? 35  ALA A C   1 
ATOM   96   O O   . ALA A 1 13  ? -7.228  -5.117  -8.891  1.00 4.17  ? 35  ALA A O   1 
ATOM   97   C CB  . ALA A 1 13  ? -6.317  -7.145  -10.580 1.00 4.06  ? 35  ALA A CB  1 
ATOM   98   N N   . GLY A 1 14  ? -5.889  -3.520  -9.768  1.00 3.45  ? 36  GLY A N   1 
ATOM   99   C CA  . GLY A 1 14  ? -6.329  -2.488  -8.842  1.00 3.77  ? 36  GLY A CA  1 
ATOM   100  C C   . GLY A 1 14  ? -5.586  -2.513  -7.506  1.00 3.88  ? 36  GLY A C   1 
ATOM   101  O O   . GLY A 1 14  ? -5.728  -1.593  -6.717  1.00 4.23  ? 36  GLY A O   1 
ATOM   102  N N   . VAL A 1 15  ? -4.805  -3.561  -7.254  1.00 4.32  ? 37  VAL A N   1 
ATOM   103  C CA  . VAL A 1 15  ? -4.060  -3.733  -5.987  1.00 4.24  ? 37  VAL A CA  1 
ATOM   104  C C   . VAL A 1 15  ? -2.616  -3.200  -6.086  1.00 5.19  ? 37  VAL A C   1 
ATOM   105  O O   . VAL A 1 15  ? -1.865  -3.563  -6.990  1.00 5.85  ? 37  VAL A O   1 
ATOM   106  C CB  . VAL A 1 15  ? -4.077  -5.231  -5.493  1.00 4.56  ? 37  VAL A CB  1 
ATOM   107  C CG1 . VAL A 1 15  ? -3.366  -5.408  -4.144  1.00 2.00  ? 37  VAL A CG1 1 
ATOM   108  C CG2 . VAL A 1 15  ? -5.531  -5.762  -5.373  1.00 2.43  ? 37  VAL A CG2 1 
ATOM   109  N N   . PHE A 1 16  ? -2.247  -2.337  -5.149  1.00 5.68  ? 38  PHE A N   1 
ATOM   110  C CA  . PHE A 1 16  ? -0.873  -1.842  -5.010  1.00 6.20  ? 38  PHE A CA  1 
ATOM   111  C C   . PHE A 1 16  ? -0.405  -1.814  -3.560  1.00 6.16  ? 38  PHE A C   1 
ATOM   112  O O   . PHE A 1 16  ? -1.202  -1.953  -2.635  1.00 6.22  ? 38  PHE A O   1 
ATOM   113  C CB  . PHE A 1 16  ? -0.695  -0.455  -5.646  1.00 6.00  ? 38  PHE A CB  1 
ATOM   114  C CG  . PHE A 1 16  ? -1.533  0.634   -5.028  1.00 6.30  ? 38  PHE A CG  1 
ATOM   115  C CD1 . PHE A 1 16  ? -0.925  1.719   -4.385  1.00 6.82  ? 38  PHE A CD1 1 
ATOM   116  C CD2 . PHE A 1 16  ? -2.920  0.620   -5.127  1.00 5.87  ? 38  PHE A CD2 1 
ATOM   117  C CE1 . PHE A 1 16  ? -1.691  2.734   -3.836  1.00 4.45  ? 38  PHE A CE1 1 
ATOM   118  C CE2 . PHE A 1 16  ? -3.681  1.644   -4.586  1.00 3.05  ? 38  PHE A CE2 1 
ATOM   119  C CZ  . PHE A 1 16  ? -3.068  2.696   -3.937  1.00 4.97  ? 38  PHE A CZ  1 
ATOM   120  N N   . HIS A 1 17  ? 0.900   -1.624  -3.395  1.00 6.56  ? 39  HIS A N   1 
ATOM   121  C CA  . HIS A 1 17  ? 1.566   -1.643  -2.101  1.00 7.10  ? 39  HIS A CA  1 
ATOM   122  C C   . HIS A 1 17  ? 1.984   -0.214  -1.759  1.00 7.61  ? 39  HIS A C   1 
ATOM   123  O O   . HIS A 1 17  ? 2.350   0.539   -2.650  1.00 7.12  ? 39  HIS A O   1 
ATOM   124  C CB  . HIS A 1 17  ? 2.775   -2.587  -2.177  1.00 6.71  ? 39  HIS A CB  1 
ATOM   125  C CG  . HIS A 1 17  ? 3.703   -2.506  -1.004  1.00 6.87  ? 39  HIS A CG  1 
ATOM   126  N ND1 . HIS A 1 17  ? 5.001   -2.054  -1.116  1.00 7.19  ? 39  HIS A ND1 1 
ATOM   127  C CD2 . HIS A 1 17  ? 3.526   -2.822  0.302   1.00 6.44  ? 39  HIS A CD2 1 
ATOM   128  C CE1 . HIS A 1 17  ? 5.586   -2.096  0.068   1.00 6.46  ? 39  HIS A CE1 1 
ATOM   129  N NE2 . HIS A 1 17  ? 4.710   -2.550  0.947   1.00 8.07  ? 39  HIS A NE2 1 
ATOM   130  N N   . VAL A 1 18  ? 1.906   0.151   -0.476  1.00 8.33  ? 40  VAL A N   1 
ATOM   131  C CA  . VAL A 1 18  ? 2.281   1.490   0.002   1.00 8.72  ? 40  VAL A CA  1 
ATOM   132  C C   . VAL A 1 18  ? 3.149   1.369   1.261   1.00 9.89  ? 40  VAL A C   1 
ATOM   133  O O   . VAL A 1 18  ? 2.756   0.715   2.240   1.00 9.71  ? 40  VAL A O   1 
ATOM   134  C CB  . VAL A 1 18  ? 1.035   2.347   0.351   1.00 8.98  ? 40  VAL A CB  1 
ATOM   135  C CG1 . VAL A 1 18  ? 1.435   3.778   0.713   1.00 8.65  ? 40  VAL A CG1 1 
ATOM   136  C CG2 . VAL A 1 18  ? 0.023   2.355   -0.802  1.00 7.39  ? 40  VAL A CG2 1 
ATOM   137  N N   . GLU A 1 19  ? 4.300   2.033   1.225   1.00 10.17 ? 41  GLU A N   1 
ATOM   138  C CA  . GLU A 1 19  ? 5.300   2.026   2.276   1.00 11.48 ? 41  GLU A CA  1 
ATOM   139  C C   . GLU A 1 19  ? 5.408   3.452   2.777   1.00 11.26 ? 41  GLU A C   1 
ATOM   140  O O   . GLU A 1 19  ? 5.693   4.353   1.989   1.00 11.08 ? 41  GLU A O   1 
ATOM   141  C CB  . GLU A 1 19  ? 6.622   1.717   1.620   1.00 11.93 ? 41  GLU A CB  1 
ATOM   142  C CG  . GLU A 1 19  ? 7.519   0.724   2.219   1.00 15.10 ? 41  GLU A CG  1 
ATOM   143  C CD  . GLU A 1 19  ? 8.726   0.548   1.305   1.00 19.20 ? 41  GLU A CD  1 
ATOM   144  O OE1 . GLU A 1 19  ? 9.591   1.447   1.289   1.00 23.57 ? 41  GLU A OE1 1 
ATOM   145  O OE2 . GLU A 1 19  ? 8.786   -0.442  0.556   1.00 20.69 ? 41  GLU A OE2 1 
ATOM   146  N N   . LYS A 1 20  ? 5.203   3.671   4.067   1.00 11.69 ? 42  LYS A N   1 
ATOM   147  C CA  . LYS A 1 20  ? 5.276   5.031   4.615   1.00 12.64 ? 42  LYS A CA  1 
ATOM   148  C C   . LYS A 1 20  ? 6.676   5.317   5.154   1.00 13.07 ? 42  LYS A C   1 
ATOM   149  O O   . LYS A 1 20  ? 7.148   4.610   6.033   1.00 13.60 ? 42  LYS A O   1 
ATOM   150  C CB  . LYS A 1 20  ? 4.223   5.217   5.710   1.00 12.50 ? 42  LYS A CB  1 
ATOM   151  C CG  . LYS A 1 20  ? 4.250   6.560   6.441   1.00 13.13 ? 42  LYS A CG  1 
ATOM   152  C CD  . LYS A 1 20  ? 3.229   6.557   7.581   1.00 14.71 ? 42  LYS A CD  1 
ATOM   153  C CE  . LYS A 1 20  ? 3.311   7.808   8.451   1.00 17.74 ? 42  LYS A CE  1 
ATOM   154  N NZ  . LYS A 1 20  ? 4.088   7.506   9.701   1.00 21.11 ? 42  LYS A NZ  1 
ATOM   155  N N   . ASN A 1 21  ? 7.331   6.347   4.618   1.00 13.71 ? 43  ASN A N   1 
ATOM   156  C CA  . ASN A 1 21  ? 8.708   6.735   5.014   1.00 14.38 ? 43  ASN A CA  1 
ATOM   157  C C   . ASN A 1 21  ? 9.775   5.661   4.881   1.00 14.91 ? 43  ASN A C   1 
ATOM   158  O O   . ASN A 1 21  ? 10.830  5.745   5.508   1.00 15.96 ? 43  ASN A O   1 
ATOM   159  C CB  . ASN A 1 21  ? 8.721   7.358   6.418   1.00 14.36 ? 43  ASN A CB  1 
ATOM   160  C CG  . ASN A 1 21  ? 7.929   8.649   6.466   1.00 13.99 ? 43  ASN A CG  1 
ATOM   161  O OD1 . ASN A 1 21  ? 7.926   9.418   5.503   1.00 13.07 ? 43  ASN A OD1 1 
ATOM   162  N ND2 . ASN A 1 21  ? 7.240   8.877   7.560   1.00 11.83 ? 43  ASN A ND2 1 
ATOM   163  N N   . GLY A 1 22  ? 9.496   4.652   4.064   1.00 15.40 ? 44  GLY A N   1 
ATOM   164  C CA  . GLY A 1 22  ? 10.458  3.599   3.784   1.00 15.87 ? 44  GLY A CA  1 
ATOM   165  C C   . GLY A 1 22  ? 10.758  2.686   4.964   1.00 16.05 ? 44  GLY A C   1 
ATOM   166  O O   . GLY A 1 22  ? 11.860  2.137   5.066   1.00 16.88 ? 44  GLY A O   1 
ATOM   167  N N   . ARG A 1 23  ? 9.781   2.513   5.848   1.00 15.45 ? 45  ARG A N   1 
ATOM   168  C CA  . ARG A 1 23  ? 9.899   1.546   6.928   1.00 15.00 ? 45  ARG A CA  1 
ATOM   169  C C   . ARG A 1 23  ? 8.527   1.135   7.455   1.00 13.63 ? 45  ARG A C   1 
ATOM   170  O O   . ARG A 1 23  ? 7.553   1.877   7.293   1.00 13.32 ? 45  ARG A O   1 
ATOM   171  C CB  . ARG A 1 23  ? 10.764  2.129   8.042   1.00 15.76 ? 45  ARG A CB  1 
ATOM   172  C CG  . ARG A 1 23  ? 10.144  3.313   8.740   1.00 18.41 ? 45  ARG A CG  1 
ATOM   173  C CD  . ARG A 1 23  ? 11.136  3.971   9.688   1.00 21.57 ? 45  ARG A CD  1 
ATOM   174  N NE  . ARG A 1 23  ? 10.450  4.935   10.543  1.00 24.72 ? 45  ARG A NE  1 
ATOM   175  C CZ  . ARG A 1 23  ? 10.351  6.235   10.284  1.00 27.38 ? 45  ARG A CZ  1 
ATOM   176  N NH1 . ARG A 1 23  ? 10.902  6.749   9.185   1.00 28.26 ? 45  ARG A NH1 1 
ATOM   177  N NH2 . ARG A 1 23  ? 9.711   7.026   11.138  1.00 28.32 ? 45  ARG A NH2 1 
ATOM   178  N N   . TYR A 1 24  ? 8.445   -0.040  8.075   1.00 12.12 ? 46  TYR A N   1 
ATOM   179  C CA  . TYR A 1 24  ? 7.192   -0.521  8.650   1.00 11.45 ? 46  TYR A CA  1 
ATOM   180  C C   . TYR A 1 24  ? 6.702   0.463   9.704   1.00 11.06 ? 46  TYR A C   1 
ATOM   181  O O   . TYR A 1 24  ? 7.240   0.524   10.801  1.00 11.97 ? 46  TYR A O   1 
ATOM   182  C CB  . TYR A 1 24  ? 7.369   -1.909  9.287   1.00 10.93 ? 46  TYR A CB  1 
ATOM   183  C CG  . TYR A 1 24  ? 7.616   -3.039  8.308   1.00 9.46  ? 46  TYR A CG  1 
ATOM   184  C CD1 . TYR A 1 24  ? 6.710   -3.312  7.274   1.00 6.79  ? 46  TYR A CD1 1 
ATOM   185  C CD2 . TYR A 1 24  ? 8.756   -3.853  8.421   1.00 9.23  ? 46  TYR A CD2 1 
ATOM   186  C CE1 . TYR A 1 24  ? 6.940   -4.359  6.371   1.00 6.27  ? 46  TYR A CE1 1 
ATOM   187  C CE2 . TYR A 1 24  ? 8.993   -4.922  7.516   1.00 7.59  ? 46  TYR A CE2 1 
ATOM   188  C CZ  . TYR A 1 24  ? 8.067   -5.165  6.500   1.00 6.98  ? 46  TYR A CZ  1 
ATOM   189  O OH  . TYR A 1 24  ? 8.274   -6.199  5.601   1.00 7.76  ? 46  TYR A OH  1 
ATOM   190  N N   . SER A 1 25  ? 5.690   1.250   9.387   1.00 10.40 ? 47  SER A N   1 
ATOM   191  C CA  . SER A 1 25  ? 5.310   2.322   10.297  1.00 9.52  ? 47  SER A CA  1 
ATOM   192  C C   . SER A 1 25  ? 3.849   2.685   10.230  1.00 8.96  ? 47  SER A C   1 
ATOM   193  O O   . SER A 1 25  ? 3.457   3.722   10.766  1.00 9.23  ? 47  SER A O   1 
ATOM   194  C CB  . SER A 1 25  ? 6.148   3.574   10.022  1.00 9.88  ? 47  SER A CB  1 
ATOM   195  O OG  . SER A 1 25  ? 6.056   3.923   8.656   1.00 10.01 ? 47  SER A OG  1 
ATOM   196  N N   . ILE A 1 26  ? 3.045   1.822   9.613   1.00 7.74  ? 48  ILE A N   1 
ATOM   197  C CA  . ILE A 1 26  ? 1.606   2.051   9.487   1.00 6.61  ? 48  ILE A CA  1 
ATOM   198  C C   . ILE A 1 26  ? 0.768   1.139   10.386  1.00 6.87  ? 48  ILE A C   1 
ATOM   199  O O   . ILE A 1 26  ? 0.923   -0.087  10.361  1.00 6.76  ? 48  ILE A O   1 
ATOM   200  C CB  . ILE A 1 26  ? 1.136   1.878   8.018   1.00 5.82  ? 48  ILE A CB  1 
ATOM   201  C CG1 . ILE A 1 26  ? 2.012   2.696   7.063   1.00 3.88  ? 48  ILE A CG1 1 
ATOM   202  C CG2 . ILE A 1 26  ? -0.314  2.268   7.881   1.00 5.42  ? 48  ILE A CG2 1 
ATOM   203  C CD1 . ILE A 1 26  ? 1.893   2.281   5.540   1.00 2.00  ? 48  ILE A CD1 1 
ATOM   204  N N   . SER A 1 27  ? -0.136  1.740   11.167  1.00 7.69  ? 49  SER A N   1 
ATOM   205  C CA  . SER A 1 27  ? -1.068  0.969   11.987  1.00 8.73  ? 49  SER A CA  1 
ATOM   206  C C   . SER A 1 27  ? -2.247  0.521   11.141  1.00 9.53  ? 49  SER A C   1 
ATOM   207  O O   . SER A 1 27  ? -2.409  0.990   10.008  1.00 9.59  ? 49  SER A O   1 
ATOM   208  C CB  . SER A 1 27  ? -1.572  1.793   13.171  1.00 9.93  ? 49  SER A CB  1 
ATOM   209  O OG  . SER A 1 27  ? -2.293  2.939   12.729  1.00 9.30  ? 49  SER A OG  1 
ATOM   210  N N   . ARG A 1 28  ? -3.075  -0.371  11.692  1.00 9.92  ? 50  ARG A N   1 
ATOM   211  C CA  . ARG A 1 28  ? -4.229  -0.892  10.963  1.00 10.95 ? 50  ARG A CA  1 
ATOM   212  C C   . ARG A 1 28  ? -5.150  0.267   10.642  1.00 10.59 ? 50  ARG A C   1 
ATOM   213  O O   . ARG A 1 28  ? -5.574  0.448   9.491   1.00 10.64 ? 50  ARG A O   1 
ATOM   214  C CB  . ARG A 1 28  ? -4.935  -2.006  11.747  1.00 11.59 ? 50  ARG A CB  1 
ATOM   215  C CG  . ARG A 1 28  ? -6.312  -2.466  11.205  1.00 14.90 ? 50  ARG A CG  1 
ATOM   216  C CD  . ARG A 1 28  ? -6.195  -3.167  9.857   1.00 21.48 ? 50  ARG A CD  1 
ATOM   217  N NE  . ARG A 1 28  ? -7.464  -3.675  9.316   1.00 25.88 ? 50  ARG A NE  1 
ATOM   218  C CZ  . ARG A 1 28  ? -8.498  -2.922  8.916   1.00 27.31 ? 50  ARG A CZ  1 
ATOM   219  N NH1 . ARG A 1 28  ? -8.455  -1.591  8.998   1.00 29.70 ? 50  ARG A NH1 1 
ATOM   220  N NH2 . ARG A 1 28  ? -9.589  -3.502  8.423   1.00 26.71 ? 50  ARG A NH2 1 
ATOM   221  N N   . THR A 1 29  ? -5.403  1.094   11.644  1.00 10.45 ? 51  THR A N   1 
ATOM   222  C CA  . THR A 1 29  ? -6.287  2.234   11.460  1.00 10.26 ? 51  THR A CA  1 
ATOM   223  C C   . THR A 1 29  ? -5.749  3.263   10.478  1.00 10.18 ? 51  THR A C   1 
ATOM   224  O O   . THR A 1 29  ? -6.530  3.811   9.712   1.00 10.48 ? 51  THR A O   1 
ATOM   225  C CB  . THR A 1 29  ? -6.700  2.864   12.792  1.00 10.86 ? 51  THR A CB  1 
ATOM   226  O OG1 . THR A 1 29  ? -5.533  3.264   13.520  1.00 10.17 ? 51  THR A OG1 1 
ATOM   227  C CG2 . THR A 1 29  ? -7.482  1.834   13.611  1.00 10.89 ? 51  THR A CG2 1 
ATOM   228  N N   . GLU A 1 30  ? -4.437  3.519   10.478  1.00 9.28  ? 52  GLU A N   1 
ATOM   229  C CA  . GLU A 1 30  ? -3.840  4.444   9.500   1.00 8.70  ? 52  GLU A CA  1 
ATOM   230  C C   . GLU A 1 30  ? -3.891  3.883   8.077   1.00 8.87  ? 52  GLU A C   1 
ATOM   231  O O   . GLU A 1 30  ? -4.076  4.632   7.100   1.00 8.71  ? 52  GLU A O   1 
ATOM   232  C CB  . GLU A 1 30  ? -2.395  4.803   9.887   1.00 8.39  ? 52  GLU A CB  1 
ATOM   233  C CG  . GLU A 1 30  ? -1.683  5.699   8.900   1.00 8.43  ? 52  GLU A CG  1 
ATOM   234  C CD  . GLU A 1 30  ? -0.406  6.318   9.449   1.00 9.89  ? 52  GLU A CD  1 
ATOM   235  O OE1 . GLU A 1 30  ? 0.026   5.986   10.579  1.00 14.21 ? 52  GLU A OE1 1 
ATOM   236  O OE2 . GLU A 1 30  ? 0.168   7.159   8.755   1.00 8.54  ? 52  GLU A OE2 1 
ATOM   237  N N   . ALA A 1 31  ? -3.734  2.560   7.964   1.00 8.74  ? 53  ALA A N   1 
ATOM   238  C CA  . ALA A 1 31  ? -3.773  1.879   6.680   1.00 8.24  ? 53  ALA A CA  1 
ATOM   239  C C   . ALA A 1 31  ? -5.114  2.083   5.982   1.00 8.33  ? 53  ALA A C   1 
ATOM   240  O O   . ALA A 1 31  ? -5.144  2.388   4.790   1.00 8.16  ? 53  ALA A O   1 
ATOM   241  C CB  . ALA A 1 31  ? -3.458  0.374   6.847   1.00 8.33  ? 53  ALA A CB  1 
ATOM   242  N N   . ALA A 1 32  ? -6.214  1.928   6.728   1.00 8.64  ? 54  ALA A N   1 
ATOM   243  C CA  . ALA A 1 32  ? -7.554  2.203   6.202   1.00 9.26  ? 54  ALA A CA  1 
ATOM   244  C C   . ALA A 1 32  ? -7.671  3.654   5.762   1.00 9.95  ? 54  ALA A C   1 
ATOM   245  O O   . ALA A 1 32  ? -8.250  3.933   4.707   1.00 10.14 ? 54  ALA A O   1 
ATOM   246  C CB  . ALA A 1 32  ? -8.643  1.878   7.238   1.00 8.90  ? 54  ALA A CB  1 
ATOM   247  N N   . ASP A 1 33  ? -7.140  4.570   6.576   1.00 10.01 ? 55  ASP A N   1 
ATOM   248  C CA  . ASP A 1 33  ? -7.222  6.001   6.270   1.00 10.69 ? 55  ASP A CA  1 
ATOM   249  C C   . ASP A 1 33  ? -6.422  6.326   5.006   1.00 10.61 ? 55  ASP A C   1 
ATOM   250  O O   . ASP A 1 33  ? -6.833  7.147   4.173   1.00 9.96  ? 55  ASP A O   1 
ATOM   251  C CB  . ASP A 1 33  ? -6.722  6.830   7.449   1.00 10.33 ? 55  ASP A CB  1 
ATOM   252  C CG  . ASP A 1 33  ? -7.769  6.991   8.541   1.00 11.78 ? 55  ASP A CG  1 
ATOM   253  O OD1 . ASP A 1 33  ? -8.954  6.622   8.325   1.00 11.19 ? 55  ASP A OD1 1 
ATOM   254  O OD2 . ASP A 1 33  ? -7.394  7.494   9.624   1.00 10.94 ? 55  ASP A OD2 1 
ATOM   255  N N   . LEU A 1 34  ? -5.287  5.645   4.874   1.00 11.15 ? 56  LEU A N   1 
ATOM   256  C CA  . LEU A 1 34  ? -4.366  5.842   3.762   1.00 11.22 ? 56  LEU A CA  1 
ATOM   257  C C   . LEU A 1 34  ? -4.990  5.410   2.453   1.00 11.14 ? 56  LEU A C   1 
ATOM   258  O O   . LEU A 1 34  ? -4.976  6.164   1.482   1.00 11.33 ? 56  LEU A O   1 
ATOM   259  C CB  . LEU A 1 34  ? -3.074  5.073   4.022   1.00 11.68 ? 56  LEU A CB  1 
ATOM   260  C CG  . LEU A 1 34  ? -1.874  5.253   3.098   1.00 12.53 ? 56  LEU A CG  1 
ATOM   261  C CD1 . LEU A 1 34  ? -1.591  6.731   2.813   1.00 13.70 ? 56  LEU A CD1 1 
ATOM   262  C CD2 . LEU A 1 34  ? -0.651  4.567   3.725   1.00 12.35 ? 56  LEU A CD2 1 
ATOM   263  N N   . CYS A 1 35  ? -5.540  4.192   2.430   1.00 11.15 ? 57  CYS A N   1 
ATOM   264  C CA  . CYS A 1 35  ? -6.220  3.698   1.241   1.00 11.17 ? 57  CYS A CA  1 
ATOM   265  C C   . CYS A 1 35  ? -7.374  4.615   0.839   1.00 10.89 ? 57  CYS A C   1 
ATOM   266  O O   . CYS A 1 35  ? -7.532  4.914   -0.336  1.00 10.41 ? 57  CYS A O   1 
ATOM   267  C CB  . CYS A 1 35  ? -6.674  2.243   1.406   1.00 11.19 ? 57  CYS A CB  1 
ATOM   268  S SG  . CYS A 1 35  ? -5.278  1.088   1.645   1.00 10.72 ? 57  CYS A SG  1 
ATOM   269  N N   A GLN A 1 36  ? -8.154  5.075   1.813   0.50 10.89 ? 58  GLN A N   1 
ATOM   270  N N   B GLN A 1 36  ? -8.155  5.066   1.819   0.50 10.96 ? 58  GLN A N   1 
ATOM   271  C CA  A GLN A 1 36  ? -9.264  5.990   1.519   0.50 11.05 ? 58  GLN A CA  1 
ATOM   272  C CA  B GLN A 1 36  ? -9.260  5.999   1.568   0.50 11.17 ? 58  GLN A CA  1 
ATOM   273  C C   A GLN A 1 36  ? -8.771  7.311   0.906   0.50 10.77 ? 58  GLN A C   1 
ATOM   274  C C   B GLN A 1 36  ? -8.773  7.304   0.917   0.50 10.85 ? 58  GLN A C   1 
ATOM   275  O O   A GLN A 1 36  ? -9.477  7.937   0.108   0.50 11.09 ? 58  GLN A O   1 
ATOM   276  O O   B GLN A 1 36  ? -9.478  7.911   0.105   0.50 11.15 ? 58  GLN A O   1 
ATOM   277  C CB  A GLN A 1 36  ? -10.126 6.239   2.760   0.50 11.16 ? 58  GLN A CB  1 
ATOM   278  C CB  B GLN A 1 36  ? -10.028 6.283   2.864   0.50 11.39 ? 58  GLN A CB  1 
ATOM   279  C CG  A GLN A 1 36  ? -11.436 6.945   2.453   0.50 12.23 ? 58  GLN A CG  1 
ATOM   280  C CG  B GLN A 1 36  ? -11.107 7.352   2.749   0.50 12.58 ? 58  GLN A CG  1 
ATOM   281  C CD  A GLN A 1 36  ? -12.357 7.035   3.651   0.50 12.68 ? 58  GLN A CD  1 
ATOM   282  C CD  B GLN A 1 36  ? -12.360 6.858   2.039   0.50 13.64 ? 58  GLN A CD  1 
ATOM   283  O OE1 A GLN A 1 36  ? -13.161 7.955   3.751   0.50 13.07 ? 58  GLN A OE1 1 
ATOM   284  O OE1 B GLN A 1 36  ? -13.164 7.657   1.557   0.50 14.44 ? 58  GLN A OE1 1 
ATOM   285  N NE2 A GLN A 1 36  ? -12.246 6.078   4.564   0.50 13.46 ? 58  GLN A NE2 1 
ATOM   286  N NE2 B GLN A 1 36  ? -12.534 5.537   1.976   0.50 13.38 ? 58  GLN A NE2 1 
ATOM   287  N N   . ALA A 1 37  ? -7.548  7.708   1.250   1.00 10.50 ? 59  ALA A N   1 
ATOM   288  C CA  . ALA A 1 37  ? -6.931  8.908   0.676   1.00 10.05 ? 59  ALA A CA  1 
ATOM   289  C C   . ALA A 1 37  ? -6.650  8.730   -0.817  1.00 9.90  ? 59  ALA A C   1 
ATOM   290  O O   . ALA A 1 37  ? -6.655  9.694   -1.568  1.00 9.85  ? 59  ALA A O   1 
ATOM   291  C CB  . ALA A 1 37  ? -5.652  9.244   1.421   1.00 9.60  ? 59  ALA A CB  1 
ATOM   292  N N   . PHE A 1 38  ? -6.395  7.486   -1.222  1.00 9.29  ? 60  PHE A N   1 
ATOM   293  C CA  . PHE A 1 38  ? -6.255  7.110   -2.623  1.00 9.30  ? 60  PHE A CA  1 
ATOM   294  C C   . PHE A 1 38  ? -7.589  6.660   -3.258  1.00 9.55  ? 60  PHE A C   1 
ATOM   295  O O   . PHE A 1 38  ? -7.576  5.928   -4.253  1.00 9.22  ? 60  PHE A O   1 
ATOM   296  C CB  . PHE A 1 38  ? -5.273  5.929   -2.755  1.00 8.70  ? 60  PHE A CB  1 
ATOM   297  C CG  . PHE A 1 38  ? -3.838  6.277   -2.523  1.00 7.04  ? 60  PHE A CG  1 
ATOM   298  C CD1 . PHE A 1 38  ? -3.083  6.892   -3.515  1.00 6.56  ? 60  PHE A CD1 1 
ATOM   299  C CD2 . PHE A 1 38  ? -3.217  5.927   -1.322  1.00 7.72  ? 60  PHE A CD2 1 
ATOM   300  C CE1 . PHE A 1 38  ? -1.719  7.190   -3.309  1.00 5.31  ? 60  PHE A CE1 1 
ATOM   301  C CE2 . PHE A 1 38  ? -1.873  6.244   -1.085  1.00 6.49  ? 60  PHE A CE2 1 
ATOM   302  C CZ  . PHE A 1 38  ? -1.121  6.870   -2.087  1.00 6.35  ? 60  PHE A CZ  1 
ATOM   303  N N   . ASN A 1 39  ? -8.726  7.077   -2.698  1.00 10.27 ? 61  ASN A N   1 
ATOM   304  C CA  . ASN A 1 39  ? -10.042 6.525   -3.093  1.00 11.08 ? 61  ASN A CA  1 
ATOM   305  C C   . ASN A 1 39  ? -9.964  5.016   -3.266  1.00 10.66 ? 61  ASN A C   1 
ATOM   306  O O   . ASN A 1 39  ? -10.470 4.462   -4.240  1.00 10.46 ? 61  ASN A O   1 
ATOM   307  C CB  . ASN A 1 39  ? -10.579 7.185   -4.377  1.00 11.95 ? 61  ASN A CB  1 
ATOM   308  C CG  . ASN A 1 39  ? -11.205 8.562   -4.105  1.00 15.47 ? 61  ASN A CG  1 
ATOM   309  O OD1 . ASN A 1 39  ? -11.707 8.823   -2.995  1.00 18.64 ? 61  ASN A OD1 1 
ATOM   310  N ND2 . ASN A 1 39  ? -11.154 9.452   -5.103  1.00 16.42 ? 61  ASN A ND2 1 
ATOM   311  N N   . SER A 1 40  ? -9.307  4.363   -2.314  1.00 9.99  ? 62  SER A N   1 
ATOM   312  C CA  . SER A 1 40  ? -9.118  2.910   -2.346  1.00 9.78  ? 62  SER A CA  1 
ATOM   313  C C   . SER A 1 40  ? -9.569  2.297   -1.027  1.00 9.64  ? 62  SER A C   1 
ATOM   314  O O   . SER A 1 40  ? -9.854  3.009   -0.067  1.00 9.82  ? 62  SER A O   1 
ATOM   315  C CB  . SER A 1 40  ? -7.654  2.582   -2.607  1.00 8.70  ? 62  SER A CB  1 
ATOM   316  O OG  . SER A 1 40  ? -7.273  3.116   -3.859  1.00 8.58  ? 62  SER A OG  1 
ATOM   317  N N   . THR A 1 41  ? -9.632  0.972   -0.992  1.00 10.06 ? 63  THR A N   1 
ATOM   318  C CA  . THR A 1 41  ? -9.955  0.234   0.220   1.00 9.64  ? 63  THR A CA  1 
ATOM   319  C C   . THR A 1 41  ? -8.823  -0.768  0.448   1.00 9.77  ? 63  THR A C   1 
ATOM   320  O O   . THR A 1 41  ? -8.015  -1.011  -0.458  1.00 9.73  ? 63  THR A O   1 
ATOM   321  C CB  . THR A 1 41  ? -11.259 -0.549  0.036   1.00 10.26 ? 63  THR A CB  1 
ATOM   322  O OG1 . THR A 1 41  ? -11.208 -1.249  -1.214  1.00 10.60 ? 63  THR A OG1 1 
ATOM   323  C CG2 . THR A 1 41  ? -12.466 0.395   0.020   1.00 10.88 ? 63  THR A CG2 1 
ATOM   324  N N   A LEU A 1 42  ? -8.757  -1.330  1.653   0.50 9.38  ? 64  LEU A N   1 
ATOM   325  N N   B LEU A 1 42  ? -8.757  -1.331  1.651   0.50 9.42  ? 64  LEU A N   1 
ATOM   326  C CA  A LEU A 1 42  ? -7.911  -2.482  1.912   0.50 9.16  ? 64  LEU A CA  1 
ATOM   327  C CA  B LEU A 1 42  ? -7.908  -2.480  1.909   0.50 9.22  ? 64  LEU A CA  1 
ATOM   328  C C   A LEU A 1 42  ? -8.435  -3.670  1.104   0.50 9.00  ? 64  LEU A C   1 
ATOM   329  C C   B LEU A 1 42  ? -8.433  -3.671  1.107   0.50 9.04  ? 64  LEU A C   1 
ATOM   330  O O   A LEU A 1 42  ? -9.645  -3.946  1.117   0.50 8.93  ? 64  LEU A O   1 
ATOM   331  O O   B LEU A 1 42  ? -9.644  -3.950  1.125   0.50 8.96  ? 64  LEU A O   1 
ATOM   332  C CB  A LEU A 1 42  ? -7.927  -2.830  3.396   0.50 9.28  ? 64  LEU A CB  1 
ATOM   333  C CB  B LEU A 1 42  ? -7.913  -2.819  3.396   0.50 9.41  ? 64  LEU A CB  1 
ATOM   334  C CG  A LEU A 1 42  ? -7.277  -1.830  4.349   0.50 9.59  ? 64  LEU A CG  1 
ATOM   335  C CG  B LEU A 1 42  ? -7.294  -1.771  4.314   0.50 9.73  ? 64  LEU A CG  1 
ATOM   336  C CD1 A LEU A 1 42  ? -7.322  -2.384  5.745   0.50 10.54 ? 64  LEU A CD1 1 
ATOM   337  C CD1 B LEU A 1 42  ? -7.484  -2.188  5.745   0.50 10.95 ? 64  LEU A CD1 1 
ATOM   338  C CD2 A LEU A 1 42  ? -5.851  -1.590  3.941   0.50 10.64 ? 64  LEU A CD2 1 
ATOM   339  C CD2 B LEU A 1 42  ? -5.828  -1.627  4.007   0.50 10.83 ? 64  LEU A CD2 1 
ATOM   340  N N   . PRO A 1 43  ? -7.534  -4.372  0.393   1.00 8.67  ? 65  PRO A N   1 
ATOM   341  C CA  . PRO A 1 43  ? -7.930  -5.511  -0.427  1.00 8.49  ? 65  PRO A CA  1 
ATOM   342  C C   . PRO A 1 43  ? -8.542  -6.646  0.381   1.00 8.27  ? 65  PRO A C   1 
ATOM   343  O O   . PRO A 1 43  ? -8.171  -6.859  1.537   1.00 8.81  ? 65  PRO A O   1 
ATOM   344  C CB  . PRO A 1 43  ? -6.592  -5.981  -1.056  1.00 8.92  ? 65  PRO A CB  1 
ATOM   345  C CG  . PRO A 1 43  ? -5.686  -4.805  -0.962  1.00 8.53  ? 65  PRO A CG  1 
ATOM   346  C CD  . PRO A 1 43  ? -6.090  -4.082  0.273   1.00 8.77  ? 65  PRO A CD  1 
ATOM   347  N N   . THR A 1 44  ? -9.475  -7.376  -0.217  1.00 7.79  ? 66  THR A N   1 
ATOM   348  C CA  . THR A 1 44  ? -9.887  -8.663  0.347   1.00 7.68  ? 66  THR A CA  1 
ATOM   349  C C   . THR A 1 44  ? -8.821  -9.688  -0.060  1.00 7.61  ? 66  THR A C   1 
ATOM   350  O O   . THR A 1 44  ? -7.982  -9.401  -0.925  1.00 7.07  ? 66  THR A O   1 
ATOM   351  C CB  . THR A 1 44  ? -11.256 -9.133  -0.188  1.00 7.75  ? 66  THR A CB  1 
ATOM   352  O OG1 . THR A 1 44  ? -11.174 -9.238  -1.606  1.00 7.23  ? 66  THR A OG1 1 
ATOM   353  C CG2 . THR A 1 44  ? -12.396 -8.139  0.181   1.00 7.43  ? 66  THR A CG2 1 
ATOM   354  N N   . MET A 1 45  ? -8.842  -10.867 0.551   1.00 8.04  ? 67  MET A N   1 
ATOM   355  C CA  . MET A 1 45  ? -7.906  -11.922 0.178   1.00 9.14  ? 67  MET A CA  1 
ATOM   356  C C   . MET A 1 45  ? -8.065  -12.289 -1.297  1.00 9.60  ? 67  MET A C   1 
ATOM   357  O O   . MET A 1 45  ? -7.072  -12.427 -2.014  1.00 9.19  ? 67  MET A O   1 
ATOM   358  C CB  . MET A 1 45  ? -8.027  -13.160 1.081   1.00 9.53  ? 67  MET A CB  1 
ATOM   359  C CG  . MET A 1 45  ? -7.062  -14.293 0.688   1.00 10.58 ? 67  MET A CG  1 
ATOM   360  S SD  . MET A 1 45  ? -5.310  -13.902 0.932   1.00 12.69 ? 67  MET A SD  1 
ATOM   361  C CE  . MET A 1 45  ? -5.267  -13.953 2.715   1.00 10.55 ? 67  MET A CE  1 
ATOM   362  N N   . ASP A 1 46  ? -9.318  -12.399 -1.741  1.00 9.98  ? 68  ASP A N   1 
ATOM   363  C CA  . ASP A 1 46  ? -9.639  -12.641 -3.142  1.00 10.78 ? 68  ASP A CA  1 
ATOM   364  C C   . ASP A 1 46  ? -9.122  -11.593 -4.138  1.00 10.46 ? 68  ASP A C   1 
ATOM   365  O O   . ASP A 1 46  ? -8.560  -11.956 -5.168  1.00 10.68 ? 68  ASP A O   1 
ATOM   366  C CB  . ASP A 1 46  ? -11.137 -12.903 -3.323  1.00 11.47 ? 68  ASP A CB  1 
ATOM   367  C CG  . ASP A 1 46  ? -11.553 -14.340 -2.876  1.00 15.20 ? 68  ASP A CG  1 
ATOM   368  O OD1 . ASP A 1 46  ? -10.699 -15.282 -2.856  1.00 14.48 ? 68  ASP A OD1 1 
ATOM   369  O OD2 . ASP A 1 46  ? -12.757 -14.508 -2.544  1.00 19.43 ? 68  ASP A OD2 1 
ATOM   370  N N   . GLN A 1 47  ? -9.307  -10.310 -3.832  1.00 9.86  ? 69  GLN A N   1 
ATOM   371  C CA  . GLN A 1 47  ? -8.686  -9.225  -4.619  1.00 9.44  ? 69  GLN A CA  1 
ATOM   372  C C   . GLN A 1 47  ? -7.171  -9.385  -4.680  1.00 8.93  ? 69  GLN A C   1 
ATOM   373  O O   . GLN A 1 47  ? -6.569  -9.294  -5.751  1.00 9.47  ? 69  GLN A O   1 
ATOM   374  C CB  . GLN A 1 47  ? -9.075  -7.828  -4.075  1.00 9.11  ? 69  GLN A CB  1 
ATOM   375  C CG  . GLN A 1 47  ? -10.498 -7.446  -4.434  1.00 7.48  ? 69  GLN A CG  1 
ATOM   376  C CD  . GLN A 1 47  ? -11.098 -6.316  -3.596  1.00 6.97  ? 69  GLN A CD  1 
ATOM   377  O OE1 . GLN A 1 47  ? -10.626 -5.974  -2.490  1.00 4.78  ? 69  GLN A OE1 1 
ATOM   378  N NE2 . GLN A 1 47  ? -12.169 -5.737  -4.125  1.00 4.50  ? 69  GLN A NE2 1 
ATOM   379  N N   . MET A 1 48  ? -6.566  -9.644  -3.530  1.00 8.36  ? 70  MET A N   1 
ATOM   380  C CA  . MET A 1 48  ? -5.128  -9.901  -3.429  1.00 7.79  ? 70  MET A CA  1 
ATOM   381  C C   . MET A 1 48  ? -4.667  -11.144 -4.219  1.00 7.49  ? 70  MET A C   1 
ATOM   382  O O   . MET A 1 48  ? -3.575  -11.154 -4.800  1.00 7.40  ? 70  MET A O   1 
ATOM   383  C CB  . MET A 1 48  ? -4.738  -10.004 -1.944  1.00 7.43  ? 70  MET A CB  1 
ATOM   384  C CG  . MET A 1 48  ? -3.300  -10.353 -1.678  1.00 6.50  ? 70  MET A CG  1 
ATOM   385  S SD  . MET A 1 48  ? -2.127  -9.207  -2.477  1.00 5.85  ? 70  MET A SD  1 
ATOM   386  C CE  . MET A 1 48  ? -2.246  -7.744  -1.440  1.00 3.82  ? 70  MET A CE  1 
ATOM   387  N N   . LYS A 1 49  ? -5.501  -12.180 -4.265  1.00 7.63  ? 71  LYS A N   1 
ATOM   388  C CA  . LYS A 1 49  ? -5.179  -13.403 -5.030  1.00 7.57  ? 71  LYS A CA  1 
ATOM   389  C C   . LYS A 1 49  ? -5.228  -13.175 -6.556  1.00 7.36  ? 71  LYS A C   1 
ATOM   390  O O   . LYS A 1 49  ? -4.407  -13.703 -7.306  1.00 6.92  ? 71  LYS A O   1 
ATOM   391  C CB  . LYS A 1 49  ? -6.103  -14.556 -4.621  1.00 8.43  ? 71  LYS A CB  1 
ATOM   392  C CG  . LYS A 1 49  ? -5.656  -15.280 -3.352  1.00 9.17  ? 71  LYS A CG  1 
ATOM   393  C CD  . LYS A 1 49  ? -6.597  -16.390 -2.971  1.00 12.12 ? 71  LYS A CD  1 
ATOM   394  C CE  . LYS A 1 49  ? -6.209  -16.981 -1.600  1.00 13.56 ? 71  LYS A CE  1 
ATOM   395  N NZ  . LYS A 1 49  ? -7.280  -17.926 -1.162  1.00 13.50 ? 71  LYS A NZ  1 
ATOM   396  N N   . LEU A 1 50  ? -6.174  -12.370 -7.016  1.00 7.02  ? 72  LEU A N   1 
ATOM   397  C CA  . LEU A 1 50  ? -6.214  -12.020 -8.433  1.00 7.07  ? 72  LEU A CA  1 
ATOM   398  C C   . LEU A 1 50  ? -5.046  -11.092 -8.809  1.00 6.97  ? 72  LEU A C   1 
ATOM   399  O O   . LEU A 1 50  ? -4.425  -11.249 -9.882  1.00 7.44  ? 72  LEU A O   1 
ATOM   400  C CB  . LEU A 1 50  ? -7.561  -11.390 -8.819  1.00 7.18  ? 72  LEU A CB  1 
ATOM   401  C CG  . LEU A 1 50  ? -7.773  -11.157 -10.326 1.00 9.05  ? 72  LEU A CG  1 
ATOM   402  C CD1 . LEU A 1 50  ? -8.083  -12.482 -11.033 1.00 9.23  ? 72  LEU A CD1 1 
ATOM   403  C CD2 . LEU A 1 50  ? -8.904  -10.155 -10.538 1.00 9.64  ? 72  LEU A CD2 1 
ATOM   404  N N   . ALA A 1 51  ? -4.727  -10.139 -7.939  1.00 6.43  ? 73  ALA A N   1 
ATOM   405  C CA  . ALA A 1 51  ? -3.554  -9.278  -8.171  1.00 6.77  ? 73  ALA A CA  1 
ATOM   406  C C   . ALA A 1 51  ? -2.287  -10.137 -8.370  1.00 6.99  ? 73  ALA A C   1 
ATOM   407  O O   . ALA A 1 51  ? -1.559  -9.979  -9.362  1.00 6.45  ? 73  ALA A O   1 
ATOM   408  C CB  . ALA A 1 51  ? -3.383  -8.298  -7.050  1.00 5.62  ? 73  ALA A CB  1 
ATOM   409  N N   . LEU A 1 52  ? -2.072  -11.069 -7.448  1.00 8.04  ? 74  LEU A N   1 
ATOM   410  C CA  . LEU A 1 52  ? -0.981  -12.058 -7.524  1.00 9.05  ? 74  LEU A CA  1 
ATOM   411  C C   . LEU A 1 52  ? -0.918  -12.761 -8.886  1.00 8.69  ? 74  LEU A C   1 
ATOM   412  O O   . LEU A 1 52  ? 0.134   -12.825 -9.517  1.00 8.47  ? 74  LEU A O   1 
ATOM   413  C CB  . LEU A 1 52  ? -1.131  -13.083 -6.384  1.00 9.53  ? 74  LEU A CB  1 
ATOM   414  C CG  . LEU A 1 52  ? -0.328  -14.400 -6.400  1.00 12.95 ? 74  LEU A CG  1 
ATOM   415  C CD1 . LEU A 1 52  ? 1.095   -14.168 -5.951  1.00 14.15 ? 74  LEU A CD1 1 
ATOM   416  C CD2 . LEU A 1 52  ? -1.024  -15.405 -5.478  1.00 15.11 ? 74  LEU A CD2 1 
ATOM   417  N N   . SER A 1 53  ? -2.062  -13.242 -9.359  1.00 9.45  ? 75  SER A N   1 
ATOM   418  C CA  . SER A 1 53  ? -2.105  -13.969 -10.615 1.00 9.43  ? 75  SER A CA  1 
ATOM   419  C C   . SER A 1 53  ? -1.710  -13.103 -11.805 1.00 9.65  ? 75  SER A C   1 
ATOM   420  O O   . SER A 1 53  ? -1.220  -13.634 -12.812 1.00 10.11 ? 75  SER A O   1 
ATOM   421  C CB  . SER A 1 53  ? -3.468  -14.650 -10.830 1.00 9.25  ? 75  SER A CB  1 
ATOM   422  O OG  . SER A 1 53  ? -4.438  -13.718 -11.264 1.00 9.95  ? 75  SER A OG  1 
ATOM   423  N N   . LYS A 1 54  ? -1.909  -11.785 -11.675 1.00 9.14  ? 76  LYS A N   1 
ATOM   424  C CA  . LYS A 1 54  ? -1.591  -10.810 -12.735 1.00 9.57  ? 76  LYS A CA  1 
ATOM   425  C C   . LYS A 1 54  ? -0.131  -10.339 -12.728 1.00 9.51  ? 76  LYS A C   1 
ATOM   426  O O   . LYS A 1 54  ? 0.281   -9.578  -13.599 1.00 9.26  ? 76  LYS A O   1 
ATOM   427  C CB  . LYS A 1 54  ? -2.509  -9.576  -12.644 1.00 9.14  ? 76  LYS A CB  1 
ATOM   428  C CG  . LYS A 1 54  ? -3.980  -9.865  -12.739 1.00 10.35 ? 76  LYS A CG  1 
ATOM   429  C CD  . LYS A 1 54  ? -4.374  -10.458 -14.089 1.00 14.07 ? 76  LYS A CD  1 
ATOM   430  C CE  . LYS A 1 54  ? -5.884  -10.813 -14.111 1.00 13.85 ? 76  LYS A CE  1 
ATOM   431  N NZ  . LYS A 1 54  ? -6.326  -11.337 -15.442 1.00 14.52 ? 76  LYS A NZ  1 
ATOM   432  N N   . GLY A 1 55  ? 0.642   -10.793 -11.741 1.00 9.66  ? 77  GLY A N   1 
ATOM   433  C CA  . GLY A 1 55  ? 2.058   -10.476 -11.676 1.00 9.83  ? 77  GLY A CA  1 
ATOM   434  C C   . GLY A 1 55  ? 2.522   -9.769  -10.411 1.00 9.82  ? 77  GLY A C   1 
ATOM   435  O O   . GLY A 1 55  ? 3.682   -9.373  -10.335 1.00 10.31 ? 77  GLY A O   1 
ATOM   436  N N   . PHE A 1 56  ? 1.640   -9.621  -9.416  1.00 9.07  ? 78  PHE A N   1 
ATOM   437  C CA  . PHE A 1 56  ? 1.957   -8.858  -8.202  1.00 8.60  ? 78  PHE A CA  1 
ATOM   438  C C   . PHE A 1 56  ? 2.761   -9.636  -7.172  1.00 8.51  ? 78  PHE A C   1 
ATOM   439  O O   . PHE A 1 56  ? 2.297   -10.637 -6.653  1.00 9.12  ? 78  PHE A O   1 
ATOM   440  C CB  . PHE A 1 56  ? 0.667   -8.346  -7.536  1.00 8.06  ? 78  PHE A CB  1 
ATOM   441  C CG  . PHE A 1 56  ? 0.896   -7.341  -6.429  1.00 6.32  ? 78  PHE A CG  1 
ATOM   442  C CD1 . PHE A 1 56  ? 1.851   -6.333  -6.557  1.00 5.41  ? 78  PHE A CD1 1 
ATOM   443  C CD2 . PHE A 1 56  ? 0.112   -7.372  -5.284  1.00 6.53  ? 78  PHE A CD2 1 
ATOM   444  C CE1 . PHE A 1 56  ? 2.036   -5.389  -5.569  1.00 4.67  ? 78  PHE A CE1 1 
ATOM   445  C CE2 . PHE A 1 56  ? 0.288   -6.431  -4.280  1.00 6.15  ? 78  PHE A CE2 1 
ATOM   446  C CZ  . PHE A 1 56  ? 1.264   -5.433  -4.426  1.00 6.23  ? 78  PHE A CZ  1 
ATOM   447  N N   . GLU A 1 57  ? 3.962   -9.158  -6.859  1.00 8.35  ? 79  GLU A N   1 
ATOM   448  C CA  . GLU A 1 57  ? 4.701   -9.675  -5.713  1.00 7.61  ? 79  GLU A CA  1 
ATOM   449  C C   . GLU A 1 57  ? 5.544   -8.590  -5.051  1.00 7.14  ? 79  GLU A C   1 
ATOM   450  O O   . GLU A 1 57  ? 6.027   -7.679  -5.721  1.00 7.16  ? 79  GLU A O   1 
ATOM   451  C CB  . GLU A 1 57  ? 5.550   -10.907 -6.083  1.00 7.84  ? 79  GLU A CB  1 
ATOM   452  C CG  . GLU A 1 57  ? 6.857   -10.628 -6.846  1.00 8.75  ? 79  GLU A CG  1 
ATOM   453  C CD  . GLU A 1 57  ? 7.687   -11.898 -7.052  1.00 9.46  ? 79  GLU A CD  1 
ATOM   454  O OE1 . GLU A 1 57  ? 7.538   -12.867 -6.272  1.00 6.17  ? 79  GLU A OE1 1 
ATOM   455  O OE2 . GLU A 1 57  ? 8.484   -11.926 -8.004  1.00 10.70 ? 79  GLU A OE2 1 
ATOM   456  N N   . THR A 1 58  ? 5.691   -8.678  -3.729  1.00 6.94  ? 80  THR A N   1 
ATOM   457  C CA  . THR A 1 58  ? 6.570   -7.774  -2.972  1.00 7.41  ? 80  THR A CA  1 
ATOM   458  C C   . THR A 1 58  ? 7.396   -8.598  -1.997  1.00 7.88  ? 80  THR A C   1 
ATOM   459  O O   . THR A 1 58  ? 7.252   -9.810  -1.936  1.00 7.53  ? 80  THR A O   1 
ATOM   460  C CB  . THR A 1 58  ? 5.783   -6.717  -2.155  1.00 6.98  ? 80  THR A CB  1 
ATOM   461  O OG1 . THR A 1 58  ? 5.245   -7.341  -0.987  1.00 7.14  ? 80  THR A OG1 1 
ATOM   462  C CG2 . THR A 1 58  ? 4.643   -6.052  -2.982  1.00 5.43  ? 80  THR A CG2 1 
ATOM   463  N N   . CYS A 1 59  ? 8.249   -7.929  -1.230  1.00 8.88  ? 81  CYS A N   1 
ATOM   464  C CA  . CYS A 1 59  ? 9.032   -8.579  -0.181  1.00 9.52  ? 81  CYS A CA  1 
ATOM   465  C C   . CYS A 1 59  ? 8.772   -7.836  1.124   1.00 9.42  ? 81  CYS A C   1 
ATOM   466  O O   . CYS A 1 59  ? 9.683   -7.668  1.954   1.00 8.59  ? 81  CYS A O   1 
ATOM   467  C CB  . CYS A 1 59  ? 10.525  -8.541  -0.522  1.00 10.10 ? 81  CYS A CB  1 
ATOM   468  S SG  . CYS A 1 59  ? 11.554  -9.579  0.558   1.00 12.61 ? 81  CYS A SG  1 
ATOM   469  N N   . ARG A 1 60  ? 7.523   -7.389  1.295   1.00 9.11  ? 82  ARG A N   1 
ATOM   470  C CA  . ARG A 1 60  ? 7.124   -6.602  2.465   1.00 8.66  ? 82  ARG A CA  1 
ATOM   471  C C   . ARG A 1 60  ? 5.752   -6.977  3.023   1.00 9.04  ? 82  ARG A C   1 
ATOM   472  O O   . ARG A 1 60  ? 4.782   -7.166  2.262   1.00 8.69  ? 82  ARG A O   1 
ATOM   473  C CB  . ARG A 1 60  ? 7.135   -5.101  2.128   1.00 9.39  ? 82  ARG A CB  1 
ATOM   474  C CG  . ARG A 1 60  ? 8.460   -4.561  1.620   1.00 8.56  ? 82  ARG A CG  1 
ATOM   475  C CD  . ARG A 1 60  ? 9.365   -4.118  2.746   1.00 11.86 ? 82  ARG A CD  1 
ATOM   476  N NE  . ARG A 1 60  ? 8.815   -2.977  3.491   1.00 13.44 ? 82  ARG A NE  1 
ATOM   477  C CZ  . ARG A 1 60  ? 9.424   -2.386  4.524   1.00 14.92 ? 82  ARG A CZ  1 
ATOM   478  N NH1 . ARG A 1 60  ? 10.633  -2.800  4.928   1.00 11.11 ? 82  ARG A NH1 1 
ATOM   479  N NH2 . ARG A 1 60  ? 8.834   -1.361  5.142   1.00 11.99 ? 82  ARG A NH2 1 
ATOM   480  N N   . TYR A 1 61  ? 5.690   -7.083  4.356   1.00 8.79  ? 83  TYR A N   1 
ATOM   481  C CA  . TYR A 1 61  ? 4.447   -7.260  5.101   1.00 9.05  ? 83  TYR A CA  1 
ATOM   482  C C   . TYR A 1 61  ? 3.548   -6.043  4.992   1.00 8.62  ? 83  TYR A C   1 
ATOM   483  O O   . TYR A 1 61  ? 3.996   -4.906  5.180   1.00 8.18  ? 83  TYR A O   1 
ATOM   484  C CB  . TYR A 1 61  ? 4.746   -7.503  6.585   1.00 9.71  ? 83  TYR A CB  1 
ATOM   485  C CG  . TYR A 1 61  ? 5.377   -8.840  6.855   1.00 11.26 ? 83  TYR A CG  1 
ATOM   486  C CD1 . TYR A 1 61  ? 4.698   -10.017 6.563   1.00 13.42 ? 83  TYR A CD1 1 
ATOM   487  C CD2 . TYR A 1 61  ? 6.648   -8.930  7.426   1.00 14.50 ? 83  TYR A CD2 1 
ATOM   488  C CE1 . TYR A 1 61  ? 5.280   -11.271 6.807   1.00 16.40 ? 83  TYR A CE1 1 
ATOM   489  C CE2 . TYR A 1 61  ? 7.238   -10.173 7.684   1.00 16.14 ? 83  TYR A CE2 1 
ATOM   490  C CZ  . TYR A 1 61  ? 6.544   -11.340 7.367   1.00 17.54 ? 83  TYR A CZ  1 
ATOM   491  O OH  . TYR A 1 61  ? 7.114   -12.577 7.608   1.00 19.74 ? 83  TYR A OH  1 
ATOM   492  N N   . GLY A 1 62  ? 2.275   -6.280  4.702   1.00 8.18  ? 84  GLY A N   1 
ATOM   493  C CA  . GLY A 1 62  ? 1.309   -5.201  4.605   1.00 6.87  ? 84  GLY A CA  1 
ATOM   494  C C   . GLY A 1 62  ? -0.097  -5.678  4.916   1.00 7.29  ? 84  GLY A C   1 
ATOM   495  O O   . GLY A 1 62  ? -0.429  -6.839  4.693   1.00 6.01  ? 84  GLY A O   1 
ATOM   496  N N   . PHE A 1 63  ? -0.919  -4.768  5.434   1.00 6.89  ? 85  PHE A N   1 
ATOM   497  C CA  . PHE A 1 63  ? -2.324  -5.043  5.713   1.00 7.70  ? 85  PHE A CA  1 
ATOM   498  C C   . PHE A 1 63  ? -3.164  -5.293  4.453   1.00 7.72  ? 85  PHE A C   1 
ATOM   499  O O   . PHE A 1 63  ? -3.054  -4.583  3.467   1.00 7.21  ? 85  PHE A O   1 
ATOM   500  C CB  . PHE A 1 63  ? -2.942  -3.840  6.424   1.00 7.38  ? 85  PHE A CB  1 
ATOM   501  C CG  . PHE A 1 63  ? -2.362  -3.569  7.775   1.00 8.75  ? 85  PHE A CG  1 
ATOM   502  C CD1 . PHE A 1 63  ? -2.647  -4.404  8.846   1.00 8.75  ? 85  PHE A CD1 1 
ATOM   503  C CD2 . PHE A 1 63  ? -1.553  -2.452  7.987   1.00 7.51  ? 85  PHE A CD2 1 
ATOM   504  C CE1 . PHE A 1 63  ? -2.125  -4.137  10.111  1.00 9.46  ? 85  PHE A CE1 1 
ATOM   505  C CE2 . PHE A 1 63  ? -1.048  -2.180  9.243   1.00 8.12  ? 85  PHE A CE2 1 
ATOM   506  C CZ  . PHE A 1 63  ? -1.333  -3.021  10.310  1.00 6.44  ? 85  PHE A CZ  1 
ATOM   507  N N   . ILE A 1 64  ? -3.996  -6.319  4.498   1.00 8.17  ? 86  ILE A N   1 
ATOM   508  C CA  . ILE A 1 64  ? -5.193  -6.367  3.652   1.00 7.98  ? 86  ILE A CA  1 
ATOM   509  C C   . ILE A 1 64  ? -6.379  -6.394  4.648   1.00 8.74  ? 86  ILE A C   1 
ATOM   510  O O   . ILE A 1 64  ? -6.168  -6.223  5.840   1.00 8.75  ? 86  ILE A O   1 
ATOM   511  C CB  . ILE A 1 64  ? -5.182  -7.582  2.694   1.00 7.81  ? 86  ILE A CB  1 
ATOM   512  C CG1 . ILE A 1 64  ? -5.082  -8.899  3.468   1.00 6.30  ? 86  ILE A CG1 1 
ATOM   513  C CG2 . ILE A 1 64  ? -4.050  -7.460  1.655   1.00 7.23  ? 86  ILE A CG2 1 
ATOM   514  C CD1 . ILE A 1 64  ? -5.516  -10.138 2.655   1.00 5.26  ? 86  ILE A CD1 1 
ATOM   515  N N   . GLU A 1 65  ? -7.606  -6.590  4.183   1.00 9.39  ? 87  GLU A N   1 
ATOM   516  C CA  . GLU A 1 65  ? -8.745  -6.720  5.093   1.00 10.65 ? 87  GLU A CA  1 
ATOM   517  C C   . GLU A 1 65  ? -8.606  -8.036  5.871   1.00 10.23 ? 87  GLU A C   1 
ATOM   518  O O   . GLU A 1 65  ? -8.664  -9.115  5.280   1.00 11.26 ? 87  GLU A O   1 
ATOM   519  C CB  . GLU A 1 65  ? -10.060 -6.685  4.292   1.00 10.97 ? 87  GLU A CB  1 
ATOM   520  C CG  . GLU A 1 65  ? -11.339 -6.686  5.128   1.00 15.14 ? 87  GLU A CG  1 
ATOM   521  C CD  . GLU A 1 65  ? -11.481 -5.451  6.024   1.00 18.98 ? 87  GLU A CD  1 
ATOM   522  O OE1 . GLU A 1 65  ? -11.289 -4.304  5.545   1.00 18.22 ? 87  GLU A OE1 1 
ATOM   523  O OE2 . GLU A 1 65  ? -11.783 -5.642  7.224   1.00 22.64 ? 87  GLU A OE2 1 
ATOM   524  N N   . GLY A 1 66  ? -8.363  -7.935  7.175   1.00 10.13 ? 88  GLY A N   1 
ATOM   525  C CA  . GLY A 1 66  ? -8.329  -9.100  8.076   1.00 9.32  ? 88  GLY A CA  1 
ATOM   526  C C   . GLY A 1 66  ? -6.978  -9.745  8.383   1.00 8.84  ? 88  GLY A C   1 
ATOM   527  O O   . GLY A 1 66  ? -6.831  -10.451 9.392   1.00 8.27  ? 88  GLY A O   1 
ATOM   528  N N   . ASN A 1 67  ? -5.981  -9.487  7.538   1.00 7.51  ? 89  ASN A N   1 
ATOM   529  C CA  . ASN A 1 67  ? -4.663  -10.108 7.691   1.00 7.54  ? 89  ASN A CA  1 
ATOM   530  C C   . ASN A 1 67  ? -3.525  -9.223  7.225   1.00 6.80  ? 89  ASN A C   1 
ATOM   531  O O   . ASN A 1 67  ? -3.725  -8.189  6.587   1.00 7.41  ? 89  ASN A O   1 
ATOM   532  C CB  . ASN A 1 67  ? -4.572  -11.436 6.908   1.00 6.82  ? 89  ASN A CB  1 
ATOM   533  C CG  . ASN A 1 67  ? -5.366  -12.546 7.535   1.00 7.29  ? 89  ASN A CG  1 
ATOM   534  O OD1 . ASN A 1 67  ? -6.441  -12.891 7.051   1.00 8.21  ? 89  ASN A OD1 1 
ATOM   535  N ND2 . ASN A 1 67  ? -4.841  -13.129 8.610   1.00 8.63  ? 89  ASN A ND2 1 
ATOM   536  N N   . VAL A 1 68  ? -2.323  -9.677  7.527   1.00 6.76  ? 90  VAL A N   1 
ATOM   537  C CA  . VAL A 1 68  ? -1.101  -9.022  7.119   1.00 6.30  ? 90  VAL A CA  1 
ATOM   538  C C   . VAL A 1 68  ? -0.391  -10.042 6.246   1.00 6.39  ? 90  VAL A C   1 
ATOM   539  O O   . VAL A 1 68  ? -0.176  -11.179 6.671   1.00 6.13  ? 90  VAL A O   1 
ATOM   540  C CB  . VAL A 1 68  ? -0.218  -8.697  8.351   1.00 7.21  ? 90  VAL A CB  1 
ATOM   541  C CG1 . VAL A 1 68  ? 1.176   -8.210  7.916   1.00 5.45  ? 90  VAL A CG1 1 
ATOM   542  C CG2 . VAL A 1 68  ? -0.909  -7.675  9.246   1.00 5.27  ? 90  VAL A CG2 1 
ATOM   543  N N   . VAL A 1 69  ? -0.033  -9.656  5.023   1.00 5.77  ? 91  VAL A N   1 
ATOM   544  C CA  . VAL A 1 69  ? 0.439   -10.637 4.069   1.00 5.17  ? 91  VAL A CA  1 
ATOM   545  C C   . VAL A 1 69  ? 1.585   -10.138 3.214   1.00 5.58  ? 91  VAL A C   1 
ATOM   546  O O   . VAL A 1 69  ? 1.901   -8.952  3.227   1.00 5.92  ? 91  VAL A O   1 
ATOM   547  C CB  . VAL A 1 69  ? -0.706  -11.067 3.111   1.00 5.38  ? 91  VAL A CB  1 
ATOM   548  C CG1 . VAL A 1 69  ? -1.951  -11.513 3.906   1.00 5.88  ? 91  VAL A CG1 1 
ATOM   549  C CG2 . VAL A 1 69  ? -1.032  -9.922  2.140   1.00 3.43  ? 91  VAL A CG2 1 
ATOM   550  N N   . ILE A 1 70  ? 2.201   -11.074 2.487   1.00 5.54  ? 92  ILE A N   1 
ATOM   551  C CA  . ILE A 1 70  ? 3.152   -10.788 1.421   1.00 5.82  ? 92  ILE A CA  1 
ATOM   552  C C   . ILE A 1 70  ? 2.785   -11.636 0.199   1.00 6.10  ? 92  ILE A C   1 
ATOM   553  O O   . ILE A 1 70  ? 2.802   -12.861 0.280   1.00 6.24  ? 92  ILE A O   1 
ATOM   554  C CB  . ILE A 1 70  ? 4.604   -11.171 1.782   1.00 5.58  ? 92  ILE A CB  1 
ATOM   555  C CG1 . ILE A 1 70  ? 4.999   -10.640 3.180   1.00 6.58  ? 92  ILE A CG1 1 
ATOM   556  C CG2 . ILE A 1 70  ? 5.534   -10.651 0.712   1.00 4.72  ? 92  ILE A CG2 1 
ATOM   557  C CD1 . ILE A 1 70  ? 6.486   -10.729 3.500   1.00 3.33  ? 92  ILE A CD1 1 
ATOM   558  N N   . PRO A 1 71  ? 2.445   -10.989 -0.937  1.00 6.53  ? 93  PRO A N   1 
ATOM   559  C CA  . PRO A 1 71  ? 2.172   -11.776 -2.128  1.00 6.31  ? 93  PRO A CA  1 
ATOM   560  C C   . PRO A 1 71  ? 3.489   -12.216 -2.744  1.00 7.28  ? 93  PRO A C   1 
ATOM   561  O O   . PRO A 1 71  ? 4.373   -11.385 -2.942  1.00 7.46  ? 93  PRO A O   1 
ATOM   562  C CB  . PRO A 1 71  ? 1.439   -10.787 -3.031  1.00 6.03  ? 93  PRO A CB  1 
ATOM   563  C CG  . PRO A 1 71  ? 2.019   -9.455  -2.678  1.00 5.42  ? 93  PRO A CG  1 
ATOM   564  C CD  . PRO A 1 71  ? 2.337   -9.537  -1.191  1.00 5.96  ? 93  PRO A CD  1 
ATOM   565  N N   . ARG A 1 72  ? 3.624   -13.510 -3.032  1.00 8.25  ? 94  ARG A N   1 
ATOM   566  C CA  . ARG A 1 72  ? 4.874   -14.047 -3.585  1.00 9.19  ? 94  ARG A CA  1 
ATOM   567  C C   . ARG A 1 72  ? 4.642   -14.861 -4.857  1.00 9.73  ? 94  ARG A C   1 
ATOM   568  O O   . ARG A 1 72  ? 3.778   -15.737 -4.895  1.00 8.65  ? 94  ARG A O   1 
ATOM   569  C CB  . ARG A 1 72  ? 5.593   -14.927 -2.552  1.00 9.79  ? 94  ARG A CB  1 
ATOM   570  C CG  . ARG A 1 72  ? 6.132   -14.208 -1.321  1.00 10.65 ? 94  ARG A CG  1 
ATOM   571  C CD  . ARG A 1 72  ? 7.065   -13.085 -1.702  1.00 13.47 ? 94  ARG A CD  1 
ATOM   572  N NE  . ARG A 1 72  ? 8.135   -13.542 -2.575  1.00 13.00 ? 94  ARG A NE  1 
ATOM   573  C CZ  . ARG A 1 72  ? 8.992   -12.746 -3.205  1.00 13.99 ? 94  ARG A CZ  1 
ATOM   574  N NH1 . ARG A 1 72  ? 8.915   -11.426 -3.071  1.00 12.63 ? 94  ARG A NH1 1 
ATOM   575  N NH2 . ARG A 1 72  ? 9.941   -13.281 -3.973  1.00 15.23 ? 94  ARG A NH2 1 
ATOM   576  N N   . ILE A 1 73  ? 5.424   -14.565 -5.895  1.00 10.21 ? 95  ILE A N   1 
ATOM   577  C CA  . ILE A 1 73  ? 5.388   -15.358 -7.116  1.00 11.33 ? 95  ILE A CA  1 
ATOM   578  C C   . ILE A 1 73  ? 6.592   -16.308 -7.149  1.00 12.39 ? 95  ILE A C   1 
ATOM   579  O O   . ILE A 1 73  ? 6.429   -17.531 -7.240  1.00 12.44 ? 95  ILE A O   1 
ATOM   580  C CB  . ILE A 1 73  ? 5.332   -14.452 -8.365  1.00 10.80 ? 95  ILE A CB  1 
ATOM   581  C CG1 . ILE A 1 73  ? 3.963   -13.770 -8.447  1.00 10.27 ? 95  ILE A CG1 1 
ATOM   582  C CG2 . ILE A 1 73  ? 5.604   -15.234 -9.625  1.00 10.48 ? 95  ILE A CG2 1 
ATOM   583  C CD1 . ILE A 1 73  ? 3.816   -12.786 -9.609  1.00 9.27  ? 95  ILE A CD1 1 
ATOM   584  N N   . HIS A 1 74  ? 7.786   -15.717 -7.060  1.00 13.53 ? 96  HIS A N   1 
ATOM   585  C CA  . HIS A 1 74  ? 9.058   -16.416 -7.146  1.00 14.51 ? 96  HIS A CA  1 
ATOM   586  C C   . HIS A 1 74  ? 9.564   -16.709 -5.732  1.00 15.26 ? 96  HIS A C   1 
ATOM   587  O O   . HIS A 1 74  ? 9.552   -15.819 -4.874  1.00 15.65 ? 96  HIS A O   1 
ATOM   588  C CB  . HIS A 1 74  ? 10.086  -15.569 -7.913  1.00 14.28 ? 96  HIS A CB  1 
ATOM   589  C CG  . HIS A 1 74  ? 9.651   -15.181 -9.298  1.00 14.45 ? 96  HIS A CG  1 
ATOM   590  N ND1 . HIS A 1 74  ? 9.072   -13.962 -9.585  1.00 15.73 ? 96  HIS A ND1 1 
ATOM   591  C CD2 . HIS A 1 74  ? 9.717   -15.847 -10.473 1.00 13.37 ? 96  HIS A CD2 1 
ATOM   592  C CE1 . HIS A 1 74  ? 8.794   -13.893 -10.875 1.00 14.88 ? 96  HIS A CE1 1 
ATOM   593  N NE2 . HIS A 1 74  ? 9.175   -15.026 -11.438 1.00 16.71 ? 96  HIS A NE2 1 
ATOM   594  N N   . PRO A 1 75  ? 9.969   -17.964 -5.478  1.00 16.10 ? 97  PRO A N   1 
ATOM   595  C CA  . PRO A 1 75  ? 10.527  -18.351 -4.188  1.00 17.17 ? 97  PRO A CA  1 
ATOM   596  C C   . PRO A 1 75  ? 11.846  -17.636 -3.939  1.00 18.12 ? 97  PRO A C   1 
ATOM   597  O O   . PRO A 1 75  ? 12.758  -17.694 -4.774  1.00 18.15 ? 97  PRO A O   1 
ATOM   598  C CB  . PRO A 1 75  ? 10.795  -19.860 -4.347  1.00 16.90 ? 97  PRO A CB  1 
ATOM   599  C CG  . PRO A 1 75  ? 9.958   -20.292 -5.449  1.00 16.17 ? 97  PRO A CG  1 
ATOM   600  C CD  . PRO A 1 75  ? 9.867   -19.119 -6.385  1.00 16.32 ? 97  PRO A CD  1 
ATOM   601  N N   . ASN A 1 76  ? 11.927  -16.975 -2.792  1.00 18.94 ? 98  ASN A N   1 
ATOM   602  C CA  . ASN A 1 76  ? 13.114  -16.256 -2.368  1.00 19.85 ? 98  ASN A CA  1 
ATOM   603  C C   . ASN A 1 76  ? 13.224  -16.502 -0.878  1.00 20.40 ? 98  ASN A C   1 
ATOM   604  O O   . ASN A 1 76  ? 12.227  -16.382 -0.146  1.00 20.25 ? 98  ASN A O   1 
ATOM   605  C CB  . ASN A 1 76  ? 12.957  -14.764 -2.671  1.00 20.37 ? 98  ASN A CB  1 
ATOM   606  C CG  . ASN A 1 76  ? 14.254  -13.969 -2.484  1.00 21.69 ? 98  ASN A CG  1 
ATOM   607  O OD1 . ASN A 1 76  ? 14.979  -14.146 -1.504  1.00 24.27 ? 98  ASN A OD1 1 
ATOM   608  N ND2 . ASN A 1 76  ? 14.530  -13.073 -3.417  1.00 20.87 ? 98  ASN A ND2 1 
ATOM   609  N N   . ALA A 1 77  ? 14.428  -16.872 -0.438  1.00 20.43 ? 99  ALA A N   1 
ATOM   610  C CA  . ALA A 1 77  ? 14.662  -17.255 0.942   1.00 20.44 ? 99  ALA A CA  1 
ATOM   611  C C   . ALA A 1 77  ? 14.495  -16.119 1.945   1.00 20.42 ? 99  ALA A C   1 
ATOM   612  O O   . ALA A 1 77  ? 14.206  -16.361 3.116   1.00 20.79 ? 99  ALA A O   1 
ATOM   613  C CB  . ALA A 1 77  ? 16.032  -17.890 1.084   1.00 20.81 ? 99  ALA A CB  1 
ATOM   614  N N   . ILE A 1 78  ? 14.670  -14.880 1.507   1.00 20.38 ? 100 ILE A N   1 
ATOM   615  C CA  . ILE A 1 78  ? 14.571  -13.757 2.452   1.00 20.36 ? 100 ILE A CA  1 
ATOM   616  C C   . ILE A 1 78  ? 13.229  -12.997 2.379   1.00 19.95 ? 100 ILE A C   1 
ATOM   617  O O   . ILE A 1 78  ? 13.055  -11.963 3.044   1.00 20.17 ? 100 ILE A O   1 
ATOM   618  C CB  . ILE A 1 78  ? 15.813  -12.824 2.380   1.00 20.27 ? 100 ILE A CB  1 
ATOM   619  C CG1 . ILE A 1 78  ? 15.934  -12.169 1.003   1.00 21.54 ? 100 ILE A CG1 1 
ATOM   620  C CG2 . ILE A 1 78  ? 17.076  -13.629 2.726   1.00 20.39 ? 100 ILE A CG2 1 
ATOM   621  C CD1 . ILE A 1 78  ? 17.008  -11.078 0.935   1.00 24.39 ? 100 ILE A CD1 1 
ATOM   622  N N   . CYS A 1 79  ? 12.294  -13.541 1.593   1.00 18.95 ? 101 CYS A N   1 
ATOM   623  C CA  . CYS A 1 79  ? 10.953  -12.983 1.427   1.00 18.22 ? 101 CYS A CA  1 
ATOM   624  C C   . CYS A 1 79  ? 9.915   -14.048 1.751   1.00 18.42 ? 101 CYS A C   1 
ATOM   625  O O   . CYS A 1 79  ? 9.658   -14.951 0.945   1.00 18.25 ? 101 CYS A O   1 
ATOM   626  C CB  . CYS A 1 79  ? 10.734  -12.479 -0.009  1.00 17.60 ? 101 CYS A CB  1 
ATOM   627  S SG  . CYS A 1 79  ? 11.923  -11.265 -0.602  1.00 15.66 ? 101 CYS A SG  1 
ATOM   628  N N   . ALA A 1 80  ? 9.326   -13.946 2.943   1.00 18.73 ? 102 ALA A N   1 
ATOM   629  C CA  . ALA A 1 80  ? 8.266   -14.855 3.370   1.00 18.81 ? 102 ALA A CA  1 
ATOM   630  C C   . ALA A 1 80  ? 8.779   -16.299 3.467   1.00 19.11 ? 102 ALA A C   1 
ATOM   631  O O   . ALA A 1 80  ? 8.022   -17.257 3.277   1.00 18.53 ? 102 ALA A O   1 
ATOM   632  C CB  . ALA A 1 80  ? 7.065   -14.753 2.420   1.00 18.75 ? 102 ALA A CB  1 
ATOM   633  N N   . ALA A 1 81  ? 10.083  -16.427 3.742   1.00 19.56 ? 103 ALA A N   1 
ATOM   634  C CA  . ALA A 1 81  ? 10.738  -17.714 3.971   1.00 19.28 ? 103 ALA A CA  1 
ATOM   635  C C   . ALA A 1 81  ? 10.440  -18.710 2.850   1.00 19.14 ? 103 ALA A C   1 
ATOM   636  O O   . ALA A 1 81  ? 9.950   -19.808 3.105   1.00 19.32 ? 103 ALA A O   1 
ATOM   637  C CB  . ALA A 1 81  ? 10.337  -18.280 5.344   1.00 19.56 ? 103 ALA A CB  1 
ATOM   638  N N   . ASN A 1 82  ? 10.690  -18.278 1.611   1.00 18.74 ? 104 ASN A N   1 
ATOM   639  C CA  . ASN A 1 82  ? 10.614  -19.125 0.425   1.00 18.75 ? 104 ASN A CA  1 
ATOM   640  C C   . ASN A 1 82  ? 9.209   -19.616 -0.001  1.00 18.30 ? 104 ASN A C   1 
ATOM   641  O O   . ASN A 1 82  ? 9.083   -20.513 -0.848  1.00 18.17 ? 104 ASN A O   1 
ATOM   642  C CB  . ASN A 1 82  ? 11.558  -20.312 0.602   1.00 18.91 ? 104 ASN A CB  1 
ATOM   643  C CG  . ASN A 1 82  ? 12.333  -20.616 -0.639  1.00 20.07 ? 104 ASN A CG  1 
ATOM   644  O OD1 . ASN A 1 82  ? 12.975  -19.741 -1.222  1.00 19.45 ? 104 ASN A OD1 1 
ATOM   645  N ND2 . ASN A 1 82  ? 12.308  -21.882 -1.044  1.00 24.14 ? 104 ASN A ND2 1 
ATOM   646  N N   . HIS A 1 83  ? 8.157   -19.054 0.582   1.00 17.57 ? 105 HIS A N   1 
ATOM   647  C CA  . HIS A 1 83  ? 6.805   -19.411 0.154   1.00 16.86 ? 105 HIS A CA  1 
ATOM   648  C C   . HIS A 1 83  ? 6.401   -18.700 -1.141  1.00 15.98 ? 105 HIS A C   1 
ATOM   649  O O   . HIS A 1 83  ? 7.017   -17.715 -1.534  1.00 15.22 ? 105 HIS A O   1 
ATOM   650  C CB  . HIS A 1 83  ? 5.792   -19.133 1.256   1.00 17.42 ? 105 HIS A CB  1 
ATOM   651  C CG  . HIS A 1 83  ? 5.918   -20.042 2.439   1.00 19.28 ? 105 HIS A CG  1 
ATOM   652  N ND1 . HIS A 1 83  ? 6.720   -19.747 3.522   1.00 20.64 ? 105 HIS A ND1 1 
ATOM   653  C CD2 . HIS A 1 83  ? 5.339   -21.234 2.713   1.00 21.00 ? 105 HIS A CD2 1 
ATOM   654  C CE1 . HIS A 1 83  ? 6.629   -20.718 4.412   1.00 22.02 ? 105 HIS A CE1 1 
ATOM   655  N NE2 . HIS A 1 83  ? 5.794   -21.630 3.948   1.00 22.77 ? 105 HIS A NE2 1 
ATOM   656  N N   . THR A 1 84  ? 5.376   -19.246 -1.796  1.00 15.19 ? 106 THR A N   1 
ATOM   657  C CA  . THR A 1 84  ? 4.712   -18.655 -2.957  1.00 14.07 ? 106 THR A CA  1 
ATOM   658  C C   . THR A 1 84  ? 3.201   -18.551 -2.650  1.00 13.51 ? 106 THR A C   1 
ATOM   659  O O   . THR A 1 84  ? 2.696   -19.208 -1.730  1.00 12.96 ? 106 THR A O   1 
ATOM   660  C CB  . THR A 1 84  ? 4.874   -19.550 -4.208  1.00 14.71 ? 106 THR A CB  1 
ATOM   661  O OG1 . THR A 1 84  ? 4.216   -20.801 -3.962  1.00 14.81 ? 106 THR A OG1 1 
ATOM   662  C CG2 . THR A 1 84  ? 6.357   -19.813 -4.536  1.00 13.25 ? 106 THR A CG2 1 
ATOM   663  N N   . GLY A 1 85  ? 2.483   -17.751 -3.436  1.00 12.46 ? 107 GLY A N   1 
ATOM   664  C CA  . GLY A 1 85  ? 1.073   -17.477 -3.184  1.00 12.03 ? 107 GLY A CA  1 
ATOM   665  C C   . GLY A 1 85  ? 0.982   -16.329 -2.199  1.00 11.41 ? 107 GLY A C   1 
ATOM   666  O O   . GLY A 1 85  ? 2.000   -15.719 -1.871  1.00 11.13 ? 107 GLY A O   1 
ATOM   667  N N   . VAL A 1 86  ? -0.225  -16.033 -1.725  1.00 10.97 ? 108 VAL A N   1 
ATOM   668  C CA  . VAL A 1 86  ? -0.386  -14.949 -0.763  1.00 10.78 ? 108 VAL A CA  1 
ATOM   669  C C   . VAL A 1 86  ? -0.010  -15.463 0.622   1.00 11.33 ? 108 VAL A C   1 
ATOM   670  O O   . VAL A 1 86  ? -0.792  -16.179 1.260   1.00 11.59 ? 108 VAL A O   1 
ATOM   671  C CB  . VAL A 1 86  ? -1.808  -14.347 -0.751  1.00 10.99 ? 108 VAL A CB  1 
ATOM   672  C CG1 . VAL A 1 86  ? -1.832  -13.108 0.126   1.00 9.49  ? 108 VAL A CG1 1 
ATOM   673  C CG2 . VAL A 1 86  ? -2.261  -13.996 -2.165  1.00 9.45  ? 108 VAL A CG2 1 
ATOM   674  N N   . TYR A 1 87  ? 1.194   -15.118 1.074   1.00 11.07 ? 109 TYR A N   1 
ATOM   675  C CA  . TYR A 1 87  ? 1.673   -15.612 2.369   1.00 11.71 ? 109 TYR A CA  1 
ATOM   676  C C   . TYR A 1 87  ? 1.091   -14.768 3.511   1.00 11.39 ? 109 TYR A C   1 
ATOM   677  O O   . TYR A 1 87  ? 1.109   -13.528 3.456   1.00 11.42 ? 109 TYR A O   1 
ATOM   678  C CB  . TYR A 1 87  ? 3.200   -15.661 2.405   1.00 12.06 ? 109 TYR A CB  1 
ATOM   679  C CG  . TYR A 1 87  ? 3.807   -15.967 3.759   1.00 14.54 ? 109 TYR A CG  1 
ATOM   680  C CD1 . TYR A 1 87  ? 3.859   -17.275 4.253   1.00 17.61 ? 109 TYR A CD1 1 
ATOM   681  C CD2 . TYR A 1 87  ? 4.350   -14.949 4.533   1.00 17.11 ? 109 TYR A CD2 1 
ATOM   682  C CE1 . TYR A 1 87  ? 4.425   -17.551 5.521   1.00 21.15 ? 109 TYR A CE1 1 
ATOM   683  C CE2 . TYR A 1 87  ? 4.926   -15.209 5.782   1.00 20.47 ? 109 TYR A CE2 1 
ATOM   684  C CZ  . TYR A 1 87  ? 4.967   -16.504 6.268   1.00 22.22 ? 109 TYR A CZ  1 
ATOM   685  O OH  . TYR A 1 87  ? 5.536   -16.726 7.510   1.00 25.01 ? 109 TYR A OH  1 
ATOM   686  N N   . ILE A 1 88  ? 0.563   -15.456 4.523   1.00 10.53 ? 110 ILE A N   1 
ATOM   687  C CA  . ILE A 1 88  ? -0.154  -14.826 5.618   1.00 9.69  ? 110 ILE A CA  1 
ATOM   688  C C   . ILE A 1 88  ? 0.724   -14.831 6.871   1.00 9.66  ? 110 ILE A C   1 
ATOM   689  O O   . ILE A 1 88  ? 1.116   -15.894 7.353   1.00 8.00  ? 110 ILE A O   1 
ATOM   690  C CB  . ILE A 1 88  ? -1.489  -15.569 5.916   1.00 9.81  ? 110 ILE A CB  1 
ATOM   691  C CG1 . ILE A 1 88  ? -2.363  -15.644 4.663   1.00 8.43  ? 110 ILE A CG1 1 
ATOM   692  C CG2 . ILE A 1 88  ? -2.243  -14.900 7.083   1.00 8.58  ? 110 ILE A CG2 1 
ATOM   693  C CD1 . ILE A 1 88  ? -3.668  -16.372 4.877   1.00 7.90  ? 110 ILE A CD1 1 
ATOM   694  N N   . LEU A 1 89  ? 1.020   -13.639 7.403   1.00 9.46  ? 111 LEU A N   1 
ATOM   695  C CA  . LEU A 1 89  ? 1.776   -13.533 8.660   1.00 9.50  ? 111 LEU A CA  1 
ATOM   696  C C   . LEU A 1 89  ? 0.950   -14.164 9.772   1.00 9.76  ? 111 LEU A C   1 
ATOM   697  O O   . LEU A 1 89  ? -0.229  -13.824 9.938   1.00 10.14 ? 111 LEU A O   1 
ATOM   698  C CB  . LEU A 1 89  ? 2.094   -12.077 9.013   1.00 9.32  ? 111 LEU A CB  1 
ATOM   699  C CG  . LEU A 1 89  ? 2.883   -11.802 10.310  1.00 9.26  ? 111 LEU A CG  1 
ATOM   700  C CD1 . LEU A 1 89  ? 4.247   -12.471 10.294  1.00 7.07  ? 111 LEU A CD1 1 
ATOM   701  C CD2 . LEU A 1 89  ? 3.046   -10.300 10.503  1.00 8.96  ? 111 LEU A CD2 1 
ATOM   702  N N   . VAL A 1 90  ? 1.554   -15.087 10.514  1.00 9.35  ? 112 VAL A N   1 
ATOM   703  C CA  . VAL A 1 90  ? 0.824   -15.799 11.569  1.00 9.74  ? 112 VAL A CA  1 
ATOM   704  C C   . VAL A 1 90  ? 1.205   -15.283 12.960  1.00 9.63  ? 112 VAL A C   1 
ATOM   705  O O   . VAL A 1 90  ? 0.342   -14.841 13.705  1.00 8.99  ? 112 VAL A O   1 
ATOM   706  C CB  . VAL A 1 90  ? 0.996   -17.349 11.473  1.00 9.89  ? 112 VAL A CB  1 
ATOM   707  C CG1 . VAL A 1 90  ? 0.106   -18.080 12.526  1.00 10.07 ? 112 VAL A CG1 1 
ATOM   708  C CG2 . VAL A 1 90  ? 0.602   -17.827 10.079  1.00 10.85 ? 112 VAL A CG2 1 
ATOM   709  N N   . THR A 1 91  ? 2.500   -15.299 13.275  1.00 9.96  ? 113 THR A N   1 
ATOM   710  C CA  . THR A 1 91  ? 2.996   -14.924 14.606  1.00 10.28 ? 113 THR A CA  1 
ATOM   711  C C   . THR A 1 91  ? 3.887   -13.675 14.529  1.00 9.43  ? 113 THR A C   1 
ATOM   712  O O   . THR A 1 91  ? 4.900   -13.684 13.837  1.00 9.02  ? 113 THR A O   1 
ATOM   713  C CB  . THR A 1 91  ? 3.811   -16.090 15.262  1.00 10.45 ? 113 THR A CB  1 
ATOM   714  O OG1 . THR A 1 91  ? 2.993   -17.252 15.365  1.00 10.57 ? 113 THR A OG1 1 
ATOM   715  C CG2 . THR A 1 91  ? 4.304   -15.705 16.686  1.00 11.27 ? 113 THR A CG2 1 
ATOM   716  N N   . SER A 1 92  ? 3.498   -12.613 15.229  1.00 9.11  ? 114 SER A N   1 
ATOM   717  C CA  . SER A 1 92  ? 4.337   -11.417 15.392  1.00 8.60  ? 114 SER A CA  1 
ATOM   718  C C   . SER A 1 92  ? 3.935   -10.620 16.650  1.00 8.84  ? 114 SER A C   1 
ATOM   719  O O   . SER A 1 92  ? 2.744   -10.533 16.960  1.00 8.99  ? 114 SER A O   1 
ATOM   720  C CB  . SER A 1 92  ? 4.263   -10.551 14.130  1.00 9.03  ? 114 SER A CB  1 
ATOM   721  O OG  . SER A 1 92  ? 4.711   -9.220  14.339  1.00 9.77  ? 114 SER A OG  1 
ATOM   722  N N   . ASN A 1 93  ? 4.920   -10.035 17.349  1.00 7.43  ? 115 ASN A N   1 
ATOM   723  C CA  . ASN A 1 93  ? 4.690   -9.218  18.552  1.00 7.26  ? 115 ASN A CA  1 
ATOM   724  C C   . ASN A 1 93  ? 4.070   -7.856  18.261  1.00 6.84  ? 115 ASN A C   1 
ATOM   725  O O   . ASN A 1 93  ? 3.387   -7.279  19.100  1.00 7.45  ? 115 ASN A O   1 
ATOM   726  C CB  . ASN A 1 93  ? 6.021   -8.919  19.277  1.00 6.67  ? 115 ASN A CB  1 
ATOM   727  C CG  . ASN A 1 93  ? 6.596   -10.108 20.017  1.00 6.63  ? 115 ASN A CG  1 
ATOM   728  O OD1 . ASN A 1 93  ? 5.942   -11.144 20.189  1.00 5.87  ? 115 ASN A OD1 1 
ATOM   729  N ND2 . ASN A 1 93  ? 7.842   -9.961  20.474  1.00 6.61  ? 115 ASN A ND2 1 
ATOM   730  N N   . THR A 1 94  ? 4.308   -7.377  17.051  1.00 7.01  ? 116 THR A N   1 
ATOM   731  C CA  . THR A 1 94  ? 4.213   -5.967  16.687  1.00 6.64  ? 116 THR A CA  1 
ATOM   732  C C   . THR A 1 94  ? 3.093   -5.674  15.686  1.00 6.92  ? 116 THR A C   1 
ATOM   733  O O   . THR A 1 94  ? 2.621   -6.558  14.976  1.00 6.11  ? 116 THR A O   1 
ATOM   734  C CB  . THR A 1 94  ? 5.531   -5.530  16.055  1.00 6.38  ? 116 THR A CB  1 
ATOM   735  O OG1 . THR A 1 94  ? 5.857   -6.449  15.016  1.00 6.57  ? 116 THR A OG1 1 
ATOM   736  C CG2 . THR A 1 94  ? 6.648   -5.560  17.069  1.00 4.75  ? 116 THR A CG2 1 
ATOM   737  N N   . SER A 1 95  ? 2.719   -4.400  15.595  1.00 6.79  ? 117 SER A N   1 
ATOM   738  C CA  . SER A 1 95  ? 1.465   -4.034  14.998  1.00 6.50  ? 117 SER A CA  1 
ATOM   739  C C   . SER A 1 95  ? 1.626   -3.106  13.818  1.00 6.81  ? 117 SER A C   1 
ATOM   740  O O   . SER A 1 95  ? 0.646   -2.776  13.170  1.00 7.96  ? 117 SER A O   1 
ATOM   741  C CB  . SER A 1 95  ? 0.571   -3.375  16.064  1.00 5.93  ? 117 SER A CB  1 
ATOM   742  O OG  . SER A 1 95  ? 1.021   -2.074  16.351  1.00 5.88  ? 117 SER A OG  1 
ATOM   743  N N   . HIS A 1 96  ? 2.841   -2.655  13.548  1.00 7.18  ? 118 HIS A N   1 
ATOM   744  C CA  . HIS A 1 96  ? 3.049   -1.701  12.449  1.00 7.25  ? 118 HIS A CA  1 
ATOM   745  C C   . HIS A 1 96  ? 3.700   -2.331  11.230  1.00 7.23  ? 118 HIS A C   1 
ATOM   746  O O   . HIS A 1 96  ? 4.760   -2.957  11.323  1.00 7.91  ? 118 HIS A O   1 
ATOM   747  C CB  . HIS A 1 96  ? 3.833   -0.477  12.918  1.00 7.53  ? 118 HIS A CB  1 
ATOM   748  C CG  . HIS A 1 96  ? 3.004   0.510   13.676  1.00 6.98  ? 118 HIS A CG  1 
ATOM   749  N ND1 . HIS A 1 96  ? 2.096   0.135   14.639  1.00 9.00  ? 118 HIS A ND1 1 
ATOM   750  C CD2 . HIS A 1 96  ? 2.947   1.859   13.621  1.00 9.14  ? 118 HIS A CD2 1 
ATOM   751  C CE1 . HIS A 1 96  ? 1.505   1.207   15.137  1.00 7.93  ? 118 HIS A CE1 1 
ATOM   752  N NE2 . HIS A 1 96  ? 2.006   2.268   14.535  1.00 9.89  ? 118 HIS A NE2 1 
ATOM   753  N N   . TYR A 1 97  ? 3.059   -2.150  10.078  1.00 7.26  ? 119 TYR A N   1 
ATOM   754  C CA  . TYR A 1 97  ? 3.521   -2.758  8.829   1.00 6.40  ? 119 TYR A CA  1 
ATOM   755  C C   . TYR A 1 97  ? 3.349   -1.741  7.691   1.00 6.10  ? 119 TYR A C   1 
ATOM   756  O O   . TYR A 1 97  ? 3.100   -0.551  7.936   1.00 6.15  ? 119 TYR A O   1 
ATOM   757  C CB  . TYR A 1 97  ? 2.730   -4.056  8.562   1.00 5.64  ? 119 TYR A CB  1 
ATOM   758  C CG  . TYR A 1 97  ? 2.811   -5.105  9.675   1.00 5.66  ? 119 TYR A CG  1 
ATOM   759  C CD1 . TYR A 1 97  ? 3.919   -5.961  9.786   1.00 5.40  ? 119 TYR A CD1 1 
ATOM   760  C CD2 . TYR A 1 97  ? 1.772   -5.249  10.610  1.00 5.42  ? 119 TYR A CD2 1 
ATOM   761  C CE1 . TYR A 1 97  ? 4.001   -6.918  10.803  1.00 3.87  ? 119 TYR A CE1 1 
ATOM   762  C CE2 . TYR A 1 97  ? 1.847   -6.183  11.631  1.00 5.44  ? 119 TYR A CE2 1 
ATOM   763  C CZ  . TYR A 1 97  ? 2.956   -7.028  11.713  1.00 5.10  ? 119 TYR A CZ  1 
ATOM   764  O OH  . TYR A 1 97  ? 3.018   -7.963  12.715  1.00 4.95  ? 119 TYR A OH  1 
ATOM   765  N N   . ASP A 1 98  ? 3.479   -2.194  6.453   1.00 5.95  ? 120 ASP A N   1 
ATOM   766  C CA  . ASP A 1 98  ? 3.068   -1.385  5.307   1.00 6.17  ? 120 ASP A CA  1 
ATOM   767  C C   . ASP A 1 98  ? 1.571   -1.709  5.073   1.00 6.23  ? 120 ASP A C   1 
ATOM   768  O O   . ASP A 1 98  ? 0.937   -2.380  5.891   1.00 5.85  ? 120 ASP A O   1 
ATOM   769  C CB  . ASP A 1 98  ? 3.875   -1.729  4.042   1.00 5.87  ? 120 ASP A CB  1 
ATOM   770  C CG  . ASP A 1 98  ? 5.412   -1.507  4.172   1.00 5.83  ? 120 ASP A CG  1 
ATOM   771  O OD1 . ASP A 1 98  ? 5.972   -0.701  4.991   1.00 4.31  ? 120 ASP A OD1 1 
ATOM   772  O OD2 . ASP A 1 98  ? 6.076   -2.173  3.347   1.00 6.58  ? 120 ASP A OD2 1 
ATOM   773  N N   . THR A 1 99  ? 1.006   -1.215  3.974   1.00 6.53  ? 121 THR A N   1 
ATOM   774  C CA  . THR A 1 99  ? -0.379  -1.508  3.620   1.00 6.63  ? 121 THR A CA  1 
ATOM   775  C C   . THR A 1 99  ? -0.480  -1.842  2.141   1.00 6.75  ? 121 THR A C   1 
ATOM   776  O O   . THR A 1 99  ? 0.366   -1.418  1.357   1.00 6.43  ? 121 THR A O   1 
ATOM   777  C CB  . THR A 1 99  ? -1.362  -0.341  4.000   1.00 6.74  ? 121 THR A CB  1 
ATOM   778  O OG1 . THR A 1 99  ? -2.701  -0.838  4.012   1.00 6.04  ? 121 THR A OG1 1 
ATOM   779  C CG2 . THR A 1 99  ? -1.263  0.854   3.025   1.00 6.77  ? 121 THR A CG2 1 
ATOM   780  N N   . TYR A 1 100 ? -1.487  -2.636  1.778   1.00 6.08  ? 122 TYR A N   1 
ATOM   781  C CA  . TYR A 1 100 ? -1.891  -2.758  0.387   1.00 6.30  ? 122 TYR A CA  1 
ATOM   782  C C   . TYR A 1 100 ? -3.196  -1.984  0.255   1.00 6.60  ? 122 TYR A C   1 
ATOM   783  O O   . TYR A 1 100 ? -3.925  -1.855  1.225   1.00 6.62  ? 122 TYR A O   1 
ATOM   784  C CB  . TYR A 1 100 ? -2.060  -4.233  -0.022  1.00 6.34  ? 122 TYR A CB  1 
ATOM   785  C CG  . TYR A 1 100 ? -0.766  -4.979  0.092   1.00 5.60  ? 122 TYR A CG  1 
ATOM   786  C CD1 . TYR A 1 100 ? 0.160   -4.935  -0.943  1.00 4.81  ? 122 TYR A CD1 1 
ATOM   787  C CD2 . TYR A 1 100 ? -0.434  -5.672  1.257   1.00 4.93  ? 122 TYR A CD2 1 
ATOM   788  C CE1 . TYR A 1 100 ? 1.377   -5.583  -0.844  1.00 6.37  ? 122 TYR A CE1 1 
ATOM   789  C CE2 . TYR A 1 100 ? 0.792   -6.346  1.365   1.00 7.99  ? 122 TYR A CE2 1 
ATOM   790  C CZ  . TYR A 1 100 ? 1.701   -6.280  0.308   1.00 7.64  ? 122 TYR A CZ  1 
ATOM   791  O OH  . TYR A 1 100 ? 2.932   -6.908  0.381   1.00 8.54  ? 122 TYR A OH  1 
ATOM   792  N N   . CYS A 1 101 ? -3.474  -1.444  -0.921  1.00 7.30  ? 123 CYS A N   1 
ATOM   793  C CA  . CYS A 1 101 ? -4.740  -0.754  -1.162  1.00 7.90  ? 123 CYS A CA  1 
ATOM   794  C C   . CYS A 1 101 ? -5.294  -1.303  -2.452  1.00 7.70  ? 123 CYS A C   1 
ATOM   795  O O   . CYS A 1 101 ? -4.545  -1.821  -3.268  1.00 7.86  ? 123 CYS A O   1 
ATOM   796  C CB  . CYS A 1 101 ? -4.545  0.765   -1.276  1.00 8.38  ? 123 CYS A CB  1 
ATOM   797  S SG  . CYS A 1 101 ? -3.944  1.596   0.208   1.00 10.46 ? 123 CYS A SG  1 
ATOM   798  N N   . PHE A 1 102 ? -6.605  -1.203  -2.629  1.00 8.15  ? 124 PHE A N   1 
ATOM   799  C CA  . PHE A 1 102 ? -7.244  -1.637  -3.858  1.00 7.85  ? 124 PHE A CA  1 
ATOM   800  C C   . PHE A 1 102 ? -8.063  -0.497  -4.433  1.00 8.68  ? 124 PHE A C   1 
ATOM   801  O O   . PHE A 1 102 ? -8.981  0.002   -3.769  1.00 8.27  ? 124 PHE A O   1 
ATOM   802  C CB  . PHE A 1 102 ? -8.126  -2.854  -3.599  1.00 8.18  ? 124 PHE A CB  1 
ATOM   803  C CG  . PHE A 1 102 ? -9.147  -3.090  -4.658  1.00 6.46  ? 124 PHE A CG  1 
ATOM   804  C CD1 . PHE A 1 102 ? -8.792  -3.670  -5.862  1.00 6.27  ? 124 PHE A CD1 1 
ATOM   805  C CD2 . PHE A 1 102 ? -10.472 -2.745  -4.447  1.00 5.41  ? 124 PHE A CD2 1 
ATOM   806  C CE1 . PHE A 1 102 ? -9.741  -3.885  -6.859  1.00 7.11  ? 124 PHE A CE1 1 
ATOM   807  C CE2 . PHE A 1 102 ? -11.427 -2.948  -5.443  1.00 5.02  ? 124 PHE A CE2 1 
ATOM   808  C CZ  . PHE A 1 102 ? -11.056 -3.527  -6.655  1.00 4.34  ? 124 PHE A CZ  1 
ATOM   809  N N   . ASN A 1 103 ? -7.715  -0.099  -5.661  1.00 8.96  ? 125 ASN A N   1 
ATOM   810  C CA  . ASN A 1 103 ? -8.449  0.896   -6.419  1.00 9.66  ? 125 ASN A CA  1 
ATOM   811  C C   . ASN A 1 103 ? -9.252  0.252   -7.553  1.00 9.49  ? 125 ASN A C   1 
ATOM   812  O O   . ASN A 1 103 ? -8.689  -0.193  -8.566  1.00 9.50  ? 125 ASN A O   1 
ATOM   813  C CB  . ASN A 1 103 ? -7.500  1.979   -6.973  1.00 10.35 ? 125 ASN A CB  1 
ATOM   814  C CG  . ASN A 1 103 ? -8.251  3.169   -7.567  1.00 12.75 ? 125 ASN A CG  1 
ATOM   815  O OD1 . ASN A 1 103 ? -9.400  3.050   -7.992  1.00 14.55 ? 125 ASN A OD1 1 
ATOM   816  N ND2 . ASN A 1 103 ? -7.606  4.330   -7.578  1.00 17.62 ? 125 ASN A ND2 1 
ATOM   817  N N   . ALA A 1 104 ? -10.572 0.239   -7.387  1.00 9.04  ? 126 ALA A N   1 
ATOM   818  C CA  . ALA A 1 104 ? -11.466 -0.446  -8.316  1.00 8.89  ? 126 ALA A CA  1 
ATOM   819  C C   . ALA A 1 104 ? -11.553 0.161   -9.720  1.00 9.18  ? 126 ALA A C   1 
ATOM   820  O O   . ALA A 1 104 ? -12.022 -0.514  -10.646 1.00 9.69  ? 126 ALA A O   1 
ATOM   821  C CB  . ALA A 1 104 ? -12.861 -0.573  -7.711  1.00 9.19  ? 126 ALA A CB  1 
ATOM   822  N N   A SER A 1 105 ? -11.110 1.414   -9.863  0.50 8.73  ? 127 SER A N   1 
ATOM   823  N N   B SER A 1 105 ? -11.122 1.414   -9.877  0.50 9.05  ? 127 SER A N   1 
ATOM   824  C CA  A SER A 1 105 ? -11.104 2.114   -11.154 0.50 8.36  ? 127 SER A CA  1 
ATOM   825  C CA  B SER A 1 105 ? -11.126 2.061   -11.193 0.50 9.03  ? 127 SER A CA  1 
ATOM   826  C C   A SER A 1 105 ? -9.820  1.886   -11.947 0.50 8.50  ? 127 SER A C   1 
ATOM   827  C C   B SER A 1 105 ? -9.761  2.026   -11.885 0.50 8.89  ? 127 SER A C   1 
ATOM   828  O O   A SER A 1 105 ? -9.746  2.259   -13.122 0.50 8.62  ? 127 SER A O   1 
ATOM   829  O O   B SER A 1 105 ? -9.576  2.666   -12.923 0.50 9.19  ? 127 SER A O   1 
ATOM   830  C CB  A SER A 1 105 ? -11.322 3.619   -10.963 0.50 8.51  ? 127 SER A CB  1 
ATOM   831  C CB  B SER A 1 105 ? -11.664 3.494   -11.116 0.50 9.30  ? 127 SER A CB  1 
ATOM   832  O OG  A SER A 1 105 ? -12.596 3.887   -10.404 0.50 6.51  ? 127 SER A OG  1 
ATOM   833  O OG  B SER A 1 105 ? -10.918 4.280   -10.211 0.50 9.58  ? 127 SER A OG  1 
ATOM   834  N N   . ALA A 1 106 ? -8.814  1.278   -11.311 1.00 8.23  ? 128 ALA A N   1 
ATOM   835  C CA  . ALA A 1 106 ? -7.533  1.000   -11.977 1.00 7.47  ? 128 ALA A CA  1 
ATOM   836  C C   . ALA A 1 106 ? -7.707  -0.022  -13.131 1.00 6.61  ? 128 ALA A C   1 
ATOM   837  O O   . ALA A 1 106 ? -8.714  -0.697  -13.195 1.00 6.53  ? 128 ALA A O   1 
ATOM   838  C CB  . ALA A 1 106 ? -6.503  0.514   -10.953 1.00 7.23  ? 128 ALA A CB  1 
ATOM   839  N N   . PRO A 1 107 ? -6.730  -0.141  -14.054 1.00 7.01  ? 129 PRO A N   1 
ATOM   840  C CA  . PRO A 1 107 ? -6.933  -1.163  -15.106 1.00 6.86  ? 129 PRO A CA  1 
ATOM   841  C C   . PRO A 1 107 ? -6.992  -2.601  -14.577 1.00 7.24  ? 129 PRO A C   1 
ATOM   842  O O   . PRO A 1 107 ? -6.534  -2.861  -13.473 1.00 7.41  ? 129 PRO A O   1 
ATOM   843  C CB  . PRO A 1 107 ? -5.719  -0.970  -16.033 1.00 7.38  ? 129 PRO A CB  1 
ATOM   844  C CG  . PRO A 1 107 ? -5.267  0.480   -15.775 1.00 7.49  ? 129 PRO A CG  1 
ATOM   845  C CD  . PRO A 1 107 ? -5.510  0.662   -14.284 1.00 6.13  ? 129 PRO A CD  1 
ATOM   846  N N   . PRO A 1 108 ? -7.566  -3.536  -15.359 1.00 7.76  ? 130 PRO A N   1 
ATOM   847  C CA  . PRO A 1 108 ? -7.771  -4.907  -14.900 1.00 8.18  ? 130 PRO A CA  1 
ATOM   848  C C   . PRO A 1 108 ? -6.504  -5.721  -14.627 1.00 8.81  ? 130 PRO A C   1 
ATOM   849  O O   . PRO A 1 108 ? -6.559  -6.670  -13.841 1.00 8.58  ? 130 PRO A O   1 
ATOM   850  C CB  . PRO A 1 108 ? -8.556  -5.551  -16.052 1.00 8.32  ? 130 PRO A CB  1 
ATOM   851  C CG  . PRO A 1 108 ? -8.251  -4.685  -17.258 1.00 7.50  ? 130 PRO A CG  1 
ATOM   852  C CD  . PRO A 1 108 ? -8.151  -3.316  -16.696 1.00 7.76  ? 130 PRO A CD  1 
ATOM   853  N N   . GLU A 1 109 ? -5.394  -5.369  -15.261 1.00 8.80  ? 131 GLU A N   1 
ATOM   854  C CA  . GLU A 1 109 ? -4.192  -6.194  -15.177 1.00 10.21 ? 131 GLU A CA  1 
ATOM   855  C C   . GLU A 1 109 ? -3.039  -5.360  -14.629 1.00 10.17 ? 131 GLU A C   1 
ATOM   856  O O   . GLU A 1 109 ? -3.256  -4.637  -13.671 1.00 10.42 ? 131 GLU A O   1 
ATOM   857  C CB  . GLU A 1 109 ? -3.913  -6.865  -16.527 1.00 10.47 ? 131 GLU A CB  1 
ATOM   858  C CG  . GLU A 1 109 ? -5.016  -7.877  -16.832 1.00 14.66 ? 131 GLU A CG  1 
ATOM   859  C CD  . GLU A 1 109 ? -4.885  -8.554  -18.153 1.00 19.32 ? 131 GLU A CD  1 
ATOM   860  O OE1 . GLU A 1 109 ? -4.884  -7.843  -19.182 1.00 21.82 ? 131 GLU A OE1 1 
ATOM   861  O OE2 . GLU A 1 109 ? -4.818  -9.803  -18.155 1.00 22.61 ? 131 GLU A OE2 1 
ATOM   862  N N   . GLU A 1 110 ? -1.842  -5.451  -15.209 1.00 10.75 ? 132 GLU A N   1 
ATOM   863  C CA  . GLU A 1 110 ? -0.679  -4.689  -14.719 1.00 11.18 ? 132 GLU A CA  1 
ATOM   864  C C   . GLU A 1 110 ? -0.738  -3.233  -15.154 1.00 10.90 ? 132 GLU A C   1 
ATOM   865  O O   . GLU A 1 110 ? -0.768  -2.938  -16.339 1.00 10.94 ? 132 GLU A O   1 
ATOM   866  C CB  . GLU A 1 110 ? 0.648   -5.317  -15.187 1.00 11.35 ? 132 GLU A CB  1 
ATOM   867  C CG  . GLU A 1 110 ? 1.905   -4.538  -14.692 1.00 13.57 ? 132 GLU A CG  1 
ATOM   868  C CD  . GLU A 1 110 ? 3.235   -5.188  -15.109 1.00 15.89 ? 132 GLU A CD  1 
ATOM   869  O OE1 . GLU A 1 110 ? 3.672   -5.010  -16.260 1.00 16.44 ? 132 GLU A OE1 1 
ATOM   870  O OE2 . GLU A 1 110 ? 3.859   -5.862  -14.267 1.00 18.49 ? 132 GLU A OE2 1 
ATOM   871  N N   . ASP A 1 111 ? -0.763  -2.319  -14.194 1.00 11.13 ? 133 ASP A N   1 
ATOM   872  C CA  . ASP A 1 111 ? -0.665  -0.896  -14.516 1.00 11.05 ? 133 ASP A CA  1 
ATOM   873  C C   . ASP A 1 111 ? 0.590   -0.353  -13.839 1.00 11.23 ? 133 ASP A C   1 
ATOM   874  O O   . ASP A 1 111 ? 0.551   0.006   -12.659 1.00 10.56 ? 133 ASP A O   1 
ATOM   875  C CB  . ASP A 1 111 ? -1.907  -0.146  -14.016 1.00 11.14 ? 133 ASP A CB  1 
ATOM   876  C CG  . ASP A 1 111 ? -1.852  1.347   -14.298 1.00 12.12 ? 133 ASP A CG  1 
ATOM   877  O OD1 . ASP A 1 111 ? -0.972  1.803   -15.056 1.00 13.14 ? 133 ASP A OD1 1 
ATOM   878  O OD2 . ASP A 1 111 ? -2.702  2.089   -13.764 1.00 14.76 ? 133 ASP A OD2 1 
ATOM   879  N N   . CYS A 1 112 ? 1.691   -0.289  -14.584 1.00 11.69 ? 134 CYS A N   1 
ATOM   880  C CA  . CYS A 1 112 ? 2.949   0.229   -14.032 1.00 12.35 ? 134 CYS A CA  1 
ATOM   881  C C   . CYS A 1 112 ? 3.227   1.664   -14.400 1.00 13.30 ? 134 CYS A C   1 
ATOM   882  O O   . CYS A 1 112 ? 4.391   2.073   -14.467 1.00 14.32 ? 134 CYS A O   1 
ATOM   883  C CB  . CYS A 1 112 ? 4.145   -0.635  -14.438 1.00 12.02 ? 134 CYS A CB  1 
ATOM   884  S SG  . CYS A 1 112 ? 4.352   -2.112  -13.468 1.00 11.39 ? 134 CYS A SG  1 
ATOM   885  N N   . THR A 1 113 ? 2.171   2.431   -14.650 1.00 13.87 ? 135 THR A N   1 
ATOM   886  C CA  . THR A 1 113 ? 2.305   3.868   -14.776 1.00 14.11 ? 135 THR A CA  1 
ATOM   887  C C   . THR A 1 113 ? 2.428   4.486   -13.376 1.00 14.58 ? 135 THR A C   1 
ATOM   888  O O   . THR A 1 113 ? 2.053   3.850   -12.374 1.00 14.84 ? 135 THR A O   1 
ATOM   889  C CB  . THR A 1 113 ? 1.125   4.502   -15.523 1.00 14.26 ? 135 THR A CB  1 
ATOM   890  O OG1 . THR A 1 113 ? -0.104  4.216   -14.832 1.00 14.05 ? 135 THR A OG1 1 
ATOM   891  C CG2 . THR A 1 113 ? 1.058   4.000   -16.987 1.00 13.76 ? 135 THR A CG2 1 
ATOM   892  N N   A SER A 1 114 ? 2.946   5.715   -13.324 0.50 14.60 ? 136 SER A N   1 
ATOM   893  N N   B SER A 1 114 ? 2.952   5.710   -13.314 0.50 14.47 ? 136 SER A N   1 
ATOM   894  C CA  A SER A 1 114 ? 3.131   6.459   -12.078 0.50 14.88 ? 136 SER A CA  1 
ATOM   895  C CA  B SER A 1 114 ? 3.159   6.416   -12.049 0.50 14.60 ? 136 SER A CA  1 
ATOM   896  C C   A SER A 1 114 ? 1.835   6.960   -11.463 0.50 14.98 ? 136 SER A C   1 
ATOM   897  C C   B SER A 1 114 ? 1.879   7.003   -11.467 0.50 14.84 ? 136 SER A C   1 
ATOM   898  O O   A SER A 1 114 ? 0.870   7.256   -12.168 0.50 14.79 ? 136 SER A O   1 
ATOM   899  O O   B SER A 1 114 ? 0.970   7.395   -12.199 0.50 14.63 ? 136 SER A O   1 
ATOM   900  C CB  A SER A 1 114 ? 4.068   7.647   -12.298 0.50 14.58 ? 136 SER A CB  1 
ATOM   901  C CB  B SER A 1 114 ? 4.199   7.524   -12.218 0.50 14.29 ? 136 SER A CB  1 
ATOM   902  O OG  A SER A 1 114 ? 5.417   7.250   -12.162 0.50 15.35 ? 136 SER A OG  1 
ATOM   903  O OG  B SER A 1 114 ? 3.899   8.326   -13.339 0.50 13.87 ? 136 SER A OG  1 
ATOM   904  N N   . VAL A 1 115 ? 1.832   7.070   -10.139 1.00 15.10 ? 137 VAL A N   1 
ATOM   905  C CA  . VAL A 1 115 ? 0.703   7.646   -9.424  1.00 15.63 ? 137 VAL A CA  1 
ATOM   906  C C   . VAL A 1 115 ? 0.993   9.129   -9.255  1.00 16.44 ? 137 VAL A C   1 
ATOM   907  O O   . VAL A 1 115 ? 2.068   9.505   -8.745  1.00 16.21 ? 137 VAL A O   1 
ATOM   908  C CB  . VAL A 1 115 ? 0.480   6.972   -8.067  1.00 15.58 ? 137 VAL A CB  1 
ATOM   909  C CG1 . VAL A 1 115 ? -0.707  7.616   -7.324  1.00 14.97 ? 137 VAL A CG1 1 
ATOM   910  C CG2 . VAL A 1 115 ? 0.244   5.495   -8.260  1.00 15.35 ? 137 VAL A CG2 1 
ATOM   911  N N   . THR A 1 116 ? 0.041   9.951   -9.707  1.00 17.47 ? 138 THR A N   1 
ATOM   912  C CA  . THR A 1 116 ? 0.181   11.417  -9.764  1.00 19.04 ? 138 THR A CA  1 
ATOM   913  C C   . THR A 1 116 ? -0.753  12.235  -8.853  1.00 19.16 ? 138 THR A C   1 
ATOM   914  O O   . THR A 1 116 ? -0.730  13.461  -8.905  1.00 19.81 ? 138 THR A O   1 
ATOM   915  C CB  . THR A 1 116 ? -0.002  11.954  -11.205 1.00 19.15 ? 138 THR A CB  1 
ATOM   916  O OG1 . THR A 1 116 ? -1.258  11.497  -11.741 1.00 21.33 ? 138 THR A OG1 1 
ATOM   917  C CG2 . THR A 1 116 ? 1.147   11.502  -12.089 1.00 20.10 ? 138 THR A CG2 1 
ATOM   918  N N   . ASP A 1 117 ? -1.602  11.581  -8.063  1.00 19.31 ? 139 ASP A N   1 
ATOM   919  C CA  . ASP A 1 117 ? -2.406  12.304  -7.080  1.00 19.52 ? 139 ASP A CA  1 
ATOM   920  C C   . ASP A 1 117 ? -2.758  11.420  -5.899  1.00 18.96 ? 139 ASP A C   1 
ATOM   921  O O   . ASP A 1 117 ? -2.544  10.202  -5.918  1.00 18.81 ? 139 ASP A O   1 
ATOM   922  C CB  . ASP A 1 117 ? -3.676  12.945  -7.698  1.00 20.15 ? 139 ASP A CB  1 
ATOM   923  C CG  . ASP A 1 117 ? -4.314  14.055  -6.789  1.00 21.94 ? 139 ASP A CG  1 
ATOM   924  O OD1 . ASP A 1 117 ? -3.685  14.554  -5.814  1.00 22.67 ? 139 ASP A OD1 1 
ATOM   925  O OD2 . ASP A 1 117 ? -5.471  14.438  -7.058  1.00 22.70 ? 139 ASP A OD2 1 
ATOM   926  N N   . LEU A 1 118 ? -3.275  12.074  -4.866  1.00 18.64 ? 140 LEU A N   1 
ATOM   927  C CA  . LEU A 1 118 ? -3.818  11.454  -3.676  1.00 18.00 ? 140 LEU A CA  1 
ATOM   928  C C   . LEU A 1 118 ? -5.168  12.137  -3.641  1.00 17.79 ? 140 LEU A C   1 
ATOM   929  O O   . LEU A 1 118 ? -5.364  13.116  -2.912  1.00 18.31 ? 140 LEU A O   1 
ATOM   930  C CB  . LEU A 1 118 ? -2.951  11.820  -2.468  1.00 17.64 ? 140 LEU A CB  1 
ATOM   931  C CG  . LEU A 1 118 ? -3.227  11.239  -1.087  1.00 17.69 ? 140 LEU A CG  1 
ATOM   932  C CD1 . LEU A 1 118 ? -2.878  9.768   -1.053  1.00 16.97 ? 140 LEU A CD1 1 
ATOM   933  C CD2 . LEU A 1 118 ? -2.427  11.983  -0.031  1.00 16.62 ? 140 LEU A CD2 1 
ATOM   934  N N   . PRO A 1 119 ? -6.099  11.653  -4.484  1.00 17.22 ? 141 PRO A N   1 
ATOM   935  C CA  . PRO A 1 119 ? -7.269  12.440  -4.860  1.00 16.72 ? 141 PRO A CA  1 
ATOM   936  C C   . PRO A 1 119 ? -8.208  12.748  -3.703  1.00 16.62 ? 141 PRO A C   1 
ATOM   937  O O   . PRO A 1 119 ? -8.996  13.696  -3.794  1.00 16.48 ? 141 PRO A O   1 
ATOM   938  C CB  . PRO A 1 119 ? -7.973  11.553  -5.896  1.00 16.85 ? 141 PRO A CB  1 
ATOM   939  C CG  . PRO A 1 119 ? -7.481  10.188  -5.625  1.00 16.18 ? 141 PRO A CG  1 
ATOM   940  C CD  . PRO A 1 119 ? -6.081  10.343  -5.158  1.00 16.94 ? 141 PRO A CD  1 
ATOM   941  N N   . ASN A 1 120 ? -8.114  11.975  -2.624  1.00 15.71 ? 142 ASN A N   1 
ATOM   942  C CA  . ASN A 1 120 ? -9.053  12.139  -1.524  1.00 15.35 ? 142 ASN A CA  1 
ATOM   943  C C   . ASN A 1 120 ? -8.395  12.528  -0.203  1.00 15.05 ? 142 ASN A C   1 
ATOM   944  O O   . ASN A 1 120 ? -8.967  12.320  0.862   1.00 14.95 ? 142 ASN A O   1 
ATOM   945  C CB  . ASN A 1 120 ? -9.891  10.879  -1.375  1.00 15.53 ? 142 ASN A CB  1 
ATOM   946  C CG  . ASN A 1 120 ? -11.202 11.118  -0.659  1.00 16.35 ? 142 ASN A CG  1 
ATOM   947  O OD1 . ASN A 1 120 ? -11.814 12.192  -0.755  1.00 17.97 ? 142 ASN A OD1 1 
ATOM   948  N ND2 . ASN A 1 120 ? -11.655 10.098  0.062   1.00 16.76 ? 142 ASN A ND2 1 
ATOM   949  N N   . SER A 1 121 ? -7.201  13.116  -0.267  1.00 14.58 ? 143 SER A N   1 
ATOM   950  C CA  . SER A 1 121 ? -6.590  13.662  0.940   1.00 14.66 ? 143 SER A CA  1 
ATOM   951  C C   . SER A 1 121 ? -7.433  14.864  1.356   1.00 14.36 ? 143 SER A C   1 
ATOM   952  O O   . SER A 1 121 ? -8.090  15.485  0.511   1.00 14.52 ? 143 SER A O   1 
ATOM   953  C CB  . SER A 1 121 ? -5.169  14.112  0.663   1.00 14.42 ? 143 SER A CB  1 
ATOM   954  O OG  . SER A 1 121 ? -5.174  15.117  -0.330  1.00 14.94 ? 143 SER A OG  1 
ATOM   955  N N   . PHE A 1 122 ? -7.430  15.195  2.639   1.00 13.86 ? 144 PHE A N   1 
ATOM   956  C CA  . PHE A 1 122 ? -8.187  16.370  3.096   1.00 13.65 ? 144 PHE A CA  1 
ATOM   957  C C   . PHE A 1 122 ? -7.286  17.526  3.554   1.00 12.70 ? 144 PHE A C   1 
ATOM   958  O O   . PHE A 1 122 ? -6.071  17.400  3.497   1.00 12.58 ? 144 PHE A O   1 
ATOM   959  C CB  . PHE A 1 122 ? -9.271  15.998  4.121   1.00 14.05 ? 144 PHE A CB  1 
ATOM   960  C CG  . PHE A 1 122 ? -8.769  15.287  5.348   1.00 15.64 ? 144 PHE A CG  1 
ATOM   961  C CD1 . PHE A 1 122 ? -8.144  15.994  6.379   1.00 17.20 ? 144 PHE A CD1 1 
ATOM   962  C CD2 . PHE A 1 122 ? -8.983  13.918  5.502   1.00 16.73 ? 144 PHE A CD2 1 
ATOM   963  C CE1 . PHE A 1 122 ? -7.704  15.331  7.541   1.00 19.50 ? 144 PHE A CE1 1 
ATOM   964  C CE2 . PHE A 1 122 ? -8.537  13.242  6.650   1.00 17.36 ? 144 PHE A CE2 1 
ATOM   965  C CZ  . PHE A 1 122 ? -7.899  13.946  7.669   1.00 18.19 ? 144 PHE A CZ  1 
ATOM   966  N N   . ASP A 1 123 ? -7.871  18.664  3.946   1.00 12.33 ? 145 ASP A N   1 
ATOM   967  C CA  . ASP A 1 123 ? -7.074  19.824  4.407   1.00 11.45 ? 145 ASP A CA  1 
ATOM   968  C C   . ASP A 1 123 ? -6.233  19.464  5.641   1.00 11.26 ? 145 ASP A C   1 
ATOM   969  O O   . ASP A 1 123 ? -6.688  18.758  6.540   1.00 10.71 ? 145 ASP A O   1 
ATOM   970  C CB  . ASP A 1 123 ? -7.950  21.063  4.687   1.00 11.02 ? 145 ASP A CB  1 
ATOM   971  C CG  . ASP A 1 123 ? -7.113  22.312  5.057   1.00 10.29 ? 145 ASP A CG  1 
ATOM   972  O OD1 . ASP A 1 123 ? -6.788  23.117  4.162   1.00 10.22 ? 145 ASP A OD1 1 
ATOM   973  O OD2 . ASP A 1 123 ? -6.765  22.495  6.237   1.00 8.08  ? 145 ASP A OD2 1 
ATOM   974  N N   . GLY A 1 124 ? -5.005  19.961  5.661   1.00 11.96 ? 146 GLY A N   1 
ATOM   975  C CA  . GLY A 1 124 ? -4.028  19.616  6.703   1.00 12.42 ? 146 GLY A CA  1 
ATOM   976  C C   . GLY A 1 124 ? -2.691  20.247  6.404   1.00 12.53 ? 146 GLY A C   1 
ATOM   977  O O   . GLY A 1 124 ? -2.504  20.781  5.307   1.00 12.51 ? 146 GLY A O   1 
ATOM   978  N N   . PRO A 1 125 ? -1.747  20.193  7.376   1.00 12.79 ? 147 PRO A N   1 
ATOM   979  C CA  . PRO A 1 125 ? -0.500  20.931  7.271   1.00 13.23 ? 147 PRO A CA  1 
ATOM   980  C C   . PRO A 1 125 ? 0.701   20.074  6.829   1.00 13.55 ? 147 PRO A C   1 
ATOM   981  O O   . PRO A 1 125 ? 1.824   20.580  6.814   1.00 13.91 ? 147 PRO A O   1 
ATOM   982  C CB  . PRO A 1 125 ? -0.267  21.366  8.717   1.00 13.71 ? 147 PRO A CB  1 
ATOM   983  C CG  . PRO A 1 125 ? -0.690  20.152  9.490   1.00 13.13 ? 147 PRO A CG  1 
ATOM   984  C CD  . PRO A 1 125 ? -1.877  19.570  8.708   1.00 12.85 ? 147 PRO A CD  1 
ATOM   985  N N   . VAL A 1 126 ? 0.459   18.809  6.478   1.00 12.89 ? 148 VAL A N   1 
ATOM   986  C CA  . VAL A 1 126 ? 1.528   17.875  6.125   1.00 12.22 ? 148 VAL A CA  1 
ATOM   987  C C   . VAL A 1 126 ? 1.882   17.985  4.642   1.00 11.88 ? 148 VAL A C   1 
ATOM   988  O O   . VAL A 1 126 ? 1.006   18.012  3.780   1.00 12.03 ? 148 VAL A O   1 
ATOM   989  C CB  . VAL A 1 126 ? 1.141   16.412  6.502   1.00 12.39 ? 148 VAL A CB  1 
ATOM   990  C CG1 . VAL A 1 126 ? 2.226   15.409  6.113   1.00 11.45 ? 148 VAL A CG1 1 
ATOM   991  C CG2 . VAL A 1 126 ? 0.841   16.303  8.002   1.00 12.69 ? 148 VAL A CG2 1 
ATOM   992  N N   . THR A 1 127 ? 3.172   18.067  4.349   1.00 11.33 ? 149 THR A N   1 
ATOM   993  C CA  . THR A 1 127 ? 3.651   17.884  2.983   1.00 11.54 ? 149 THR A CA  1 
ATOM   994  C C   . THR A 1 127 ? 3.676   16.369  2.685   1.00 10.47 ? 149 THR A C   1 
ATOM   995  O O   . THR A 1 127 ? 4.533   15.659  3.195   1.00 10.21 ? 149 THR A O   1 
ATOM   996  C CB  . THR A 1 127 ? 5.077   18.478  2.792   1.00 11.36 ? 149 THR A CB  1 
ATOM   997  O OG1 . THR A 1 127 ? 5.043   19.888  3.011   1.00 13.18 ? 149 THR A OG1 1 
ATOM   998  C CG2 . THR A 1 127 ? 5.604   18.217  1.353   1.00 13.13 ? 149 THR A CG2 1 
ATOM   999  N N   . ILE A 1 128 ? 2.735   15.894  1.874   1.00 9.73  ? 150 ILE A N   1 
ATOM   1000 C CA  . ILE A 1 128 ? 2.667   14.480  1.504   1.00 8.86  ? 150 ILE A CA  1 
ATOM   1001 C C   . ILE A 1 128 ? 3.246   14.285  0.104   1.00 9.24  ? 150 ILE A C   1 
ATOM   1002 O O   . ILE A 1 128 ? 2.810   14.931  -0.869  1.00 9.31  ? 150 ILE A O   1 
ATOM   1003 C CB  . ILE A 1 128 ? 1.209   13.903  1.586   1.00 8.83  ? 150 ILE A CB  1 
ATOM   1004 C CG1 . ILE A 1 128 ? 0.637   14.077  3.004   1.00 7.24  ? 150 ILE A CG1 1 
ATOM   1005 C CG2 . ILE A 1 128 ? 1.192   12.439  1.156   1.00 8.39  ? 150 ILE A CG2 1 
ATOM   1006 C CD1 . ILE A 1 128 ? -0.891  13.977  3.108   1.00 7.89  ? 150 ILE A CD1 1 
ATOM   1007 N N   . THR A 1 129 ? 4.229   13.386  0.009   1.00 8.31  ? 151 THR A N   1 
ATOM   1008 C CA  . THR A 1 129 ? 4.895   13.117  -1.249  1.00 7.79  ? 151 THR A CA  1 
ATOM   1009 C C   . THR A 1 129 ? 4.674   11.664  -1.663  1.00 7.76  ? 151 THR A C   1 
ATOM   1010 O O   . THR A 1 129 ? 5.048   10.744  -0.935  1.00 7.71  ? 151 THR A O   1 
ATOM   1011 C CB  . THR A 1 129 ? 6.415   13.409  -1.139  1.00 7.81  ? 151 THR A CB  1 
ATOM   1012 O OG1 . THR A 1 129 ? 6.615   14.783  -0.795  1.00 6.11  ? 151 THR A OG1 1 
ATOM   1013 C CG2 . THR A 1 129 ? 7.114   13.127  -2.429  1.00 7.97  ? 151 THR A CG2 1 
ATOM   1014 N N   . ILE A 1 130 ? 4.045   11.467  -2.819  1.00 7.45  ? 152 ILE A N   1 
ATOM   1015 C CA  . ILE A 1 130 ? 3.956   10.150  -3.432  1.00 6.78  ? 152 ILE A CA  1 
ATOM   1016 C C   . ILE A 1 130 ? 5.275   9.902   -4.124  1.00 6.56  ? 152 ILE A C   1 
ATOM   1017 O O   . ILE A 1 130 ? 5.707   10.708  -4.954  1.00 5.86  ? 152 ILE A O   1 
ATOM   1018 C CB  . ILE A 1 130 ? 2.803   10.059  -4.479  1.00 7.18  ? 152 ILE A CB  1 
ATOM   1019 C CG1 . ILE A 1 130 ? 1.455   10.517  -3.896  1.00 7.50  ? 152 ILE A CG1 1 
ATOM   1020 C CG2 . ILE A 1 130 ? 2.707   8.657   -5.074  1.00 6.27  ? 152 ILE A CG2 1 
ATOM   1021 C CD1 . ILE A 1 130 ? 1.046   9.863   -2.613  1.00 10.62 ? 152 ILE A CD1 1 
ATOM   1022 N N   . VAL A 1 131 ? 5.933   8.794   -3.793  1.00 6.33  ? 153 VAL A N   1 
ATOM   1023 C CA  . VAL A 1 131 ? 7.187   8.469   -4.473  1.00 6.06  ? 153 VAL A CA  1 
ATOM   1024 C C   . VAL A 1 131 ? 7.023   7.184   -5.291  1.00 6.37  ? 153 VAL A C   1 
ATOM   1025 O O   . VAL A 1 131 ? 6.866   6.110   -4.705  1.00 5.65  ? 153 VAL A O   1 
ATOM   1026 C CB  . VAL A 1 131 ? 8.391   8.337   -3.478  1.00 5.85  ? 153 VAL A CB  1 
ATOM   1027 C CG1 . VAL A 1 131 ? 9.670   8.006   -4.228  1.00 7.00  ? 153 VAL A CG1 1 
ATOM   1028 C CG2 . VAL A 1 131 ? 8.571   9.602   -2.637  1.00 4.65  ? 153 VAL A CG2 1 
ATOM   1029 N N   . ASN A 1 132 ? 7.092   7.294   -6.624  1.00 5.58  ? 154 ASN A N   1 
ATOM   1030 C CA  . ASN A 1 132 ? 7.054   6.120   -7.492  1.00 6.26  ? 154 ASN A CA  1 
ATOM   1031 C C   . ASN A 1 132 ? 8.393   5.395   -7.569  1.00 6.96  ? 154 ASN A C   1 
ATOM   1032 O O   . ASN A 1 132 ? 9.445   5.966   -7.258  1.00 7.83  ? 154 ASN A O   1 
ATOM   1033 C CB  . ASN A 1 132 ? 6.551   6.507   -8.890  1.00 5.24  ? 154 ASN A CB  1 
ATOM   1034 C CG  . ASN A 1 132 ? 5.146   7.051   -8.844  1.00 6.45  ? 154 ASN A CG  1 
ATOM   1035 O OD1 . ASN A 1 132 ? 4.169   6.282   -8.863  1.00 4.47  ? 154 ASN A OD1 1 
ATOM   1036 N ND2 . ASN A 1 132 ? 5.023   8.385   -8.705  1.00 3.07  ? 154 ASN A ND2 1 
ATOM   1037 N N   . ARG A 1 133 ? 8.353   4.149   -8.015  1.00 7.74  ? 155 ARG A N   1 
ATOM   1038 C CA  . ARG A 1 133 ? 9.563   3.327   -8.154  1.00 8.73  ? 155 ARG A CA  1 
ATOM   1039 C C   . ARG A 1 133 ? 10.581  3.917   -9.135  1.00 9.13  ? 155 ARG A C   1 
ATOM   1040 O O   . ARG A 1 133 ? 11.796  3.806   -8.903  1.00 9.57  ? 155 ARG A O   1 
ATOM   1041 C CB  . ARG A 1 133 ? 9.215   1.857   -8.483  1.00 8.78  ? 155 ARG A CB  1 
ATOM   1042 C CG  . ARG A 1 133 ? 10.426  0.867   -8.471  1.00 8.98  ? 155 ARG A CG  1 
ATOM   1043 C CD  . ARG A 1 133 ? 11.150  0.792   -7.097  1.00 11.18 ? 155 ARG A CD  1 
ATOM   1044 N NE  . ARG A 1 133 ? 12.007  1.964   -6.826  1.00 12.86 ? 155 ARG A NE  1 
ATOM   1045 C CZ  . ARG A 1 133 ? 12.978  2.002   -5.912  1.00 11.76 ? 155 ARG A CZ  1 
ATOM   1046 N NH1 . ARG A 1 133 ? 13.224  0.930   -5.155  1.00 11.47 ? 155 ARG A NH1 1 
ATOM   1047 N NH2 . ARG A 1 133 ? 13.708  3.106   -5.755  1.00 9.06  ? 155 ARG A NH2 1 
ATOM   1048 N N   . ASP A 1 134 ? 10.097  4.576   -10.194 1.00 9.25  ? 156 ASP A N   1 
ATOM   1049 C CA  . ASP A 1 134 ? 10.979  5.229   -11.159 1.00 9.85  ? 156 ASP A CA  1 
ATOM   1050 C C   . ASP A 1 134 ? 11.447  6.602   -10.690 1.00 10.10 ? 156 ASP A C   1 
ATOM   1051 O O   . ASP A 1 134 ? 12.051  7.339   -11.451 1.00 10.55 ? 156 ASP A O   1 
ATOM   1052 C CB  . ASP A 1 134 ? 10.343  5.323   -12.569 1.00 10.13 ? 156 ASP A CB  1 
ATOM   1053 C CG  . ASP A 1 134 ? 9.148   6.267   -12.625 1.00 10.10 ? 156 ASP A CG  1 
ATOM   1054 O OD1 . ASP A 1 134 ? 8.785   6.891   -11.592 1.00 9.44  ? 156 ASP A OD1 1 
ATOM   1055 O OD2 . ASP A 1 134 ? 8.551   6.366   -13.720 1.00 10.50 ? 156 ASP A OD2 1 
ATOM   1056 N N   . GLY A 1 135 ? 11.155  6.941   -9.438  1.00 10.86 ? 157 GLY A N   1 
ATOM   1057 C CA  . GLY A 1 135 ? 11.625  8.190   -8.824  1.00 10.72 ? 157 GLY A CA  1 
ATOM   1058 C C   . GLY A 1 135 ? 10.716  9.406   -8.971  1.00 11.05 ? 157 GLY A C   1 
ATOM   1059 O O   . GLY A 1 135 ? 10.925  10.415  -8.293  1.00 10.94 ? 157 GLY A O   1 
ATOM   1060 N N   A THR A 1 136 ? 9.695   9.298   -9.822  0.50 11.06 ? 158 THR A N   1 
ATOM   1061 N N   B THR A 1 136 ? 9.728   9.319   -9.859  0.50 10.87 ? 158 THR A N   1 
ATOM   1062 C CA  A THR A 1 136 ? 8.749   10.397  -10.042 0.50 11.12 ? 158 THR A CA  1 
ATOM   1063 C CA  B THR A 1 136 ? 8.849   10.458  -10.122 0.50 10.73 ? 158 THR A CA  1 
ATOM   1064 C C   A THR A 1 136 ? 8.025   10.776  -8.757  0.50 11.12 ? 158 THR A C   1 
ATOM   1065 C C   B THR A 1 136 ? 7.958   10.752  -8.928  0.50 10.75 ? 158 THR A C   1 
ATOM   1066 O O   A THR A 1 136 ? 7.639   9.915   -7.977  0.50 11.16 ? 158 THR A O   1 
ATOM   1067 O O   B THR A 1 136 ? 7.442   9.846   -8.284  0.50 10.82 ? 158 THR A O   1 
ATOM   1068 C CB  A THR A 1 136 ? 7.709   10.054  -11.112 0.50 10.86 ? 158 THR A CB  1 
ATOM   1069 C CB  B THR A 1 136 ? 8.024   10.268  -11.394 0.50 10.45 ? 158 THR A CB  1 
ATOM   1070 O OG1 A THR A 1 136 ? 8.359   9.441   -12.232 0.50 11.25 ? 158 THR A OG1 1 
ATOM   1071 O OG1 B THR A 1 136 ? 7.209   9.099   -11.270 0.50 10.10 ? 158 THR A OG1 1 
ATOM   1072 C CG2 A THR A 1 136 ? 7.001   11.310  -11.567 0.50 10.87 ? 158 THR A CG2 1 
ATOM   1073 C CG2 B THR A 1 136 ? 8.954   10.097  -12.571 0.50 10.44 ? 158 THR A CG2 1 
ATOM   1074 N N   A ARG A 1 137 ? 7.846   12.071  -8.545  0.50 11.32 ? 159 ARG A N   1 
ATOM   1075 N N   B ARG A 1 137 ? 7.793   12.033  -8.639  0.50 10.86 ? 159 ARG A N   1 
ATOM   1076 C CA  A ARG A 1 137 ? 7.236   12.568  -7.318  0.50 11.63 ? 159 ARG A CA  1 
ATOM   1077 C CA  B ARG A 1 137 ? 7.166   12.461  -7.404  0.50 11.08 ? 159 ARG A CA  1 
ATOM   1078 C C   A ARG A 1 137 ? 6.030   13.448  -7.589  0.50 12.10 ? 159 ARG A C   1 
ATOM   1079 C C   B ARG A 1 137 ? 5.995   13.395  -7.634  0.50 11.78 ? 159 ARG A C   1 
ATOM   1080 O O   A ARG A 1 137 ? 6.015   14.225  -8.543  0.50 11.75 ? 159 ARG A O   1 
ATOM   1081 O O   B ARG A 1 137 ? 5.977   14.168  -8.593  0.50 11.45 ? 159 ARG A O   1 
ATOM   1082 C CB  A ARG A 1 137 ? 8.259   13.345  -6.473  0.50 11.31 ? 159 ARG A CB  1 
ATOM   1083 C CB  B ARG A 1 137 ? 8.202   13.147  -6.503  0.50 10.74 ? 159 ARG A CB  1 
ATOM   1084 C CG  A ARG A 1 137 ? 9.153   12.454  -5.612  0.50 11.44 ? 159 ARG A CG  1 
ATOM   1085 C CG  B ARG A 1 137 ? 9.192   12.171  -5.879  0.50 9.59  ? 159 ARG A CG  1 
ATOM   1086 C CD  A ARG A 1 137 ? 10.169  13.272  -4.804  0.50 10.70 ? 159 ARG A CD  1 
ATOM   1087 C CD  B ARG A 1 137 ? 10.363  12.900  -5.224  0.50 7.85  ? 159 ARG A CD  1 
ATOM   1088 N NE  A ARG A 1 137 ? 11.171  12.404  -4.202  0.50 9.21  ? 159 ARG A NE  1 
ATOM   1089 N NE  B ARG A 1 137 ? 11.001  12.045  -4.238  0.50 5.64  ? 159 ARG A NE  1 
ATOM   1090 C CZ  A ARG A 1 137 ? 11.273  12.154  -2.901  0.50 10.27 ? 159 ARG A CZ  1 
ATOM   1091 C CZ  B ARG A 1 137 ? 11.834  11.052  -4.535  0.50 4.92  ? 159 ARG A CZ  1 
ATOM   1092 N NH1 A ARG A 1 137 ? 10.451  12.734  -2.039  0.50 8.30  ? 159 ARG A NH1 1 
ATOM   1093 N NH1 B ARG A 1 137 ? 12.171  10.796  -5.806  0.50 2.00  ? 159 ARG A NH1 1 
ATOM   1094 N NH2 A ARG A 1 137 ? 12.215  11.325  -2.464  0.50 10.93 ? 159 ARG A NH2 1 
ATOM   1095 N NH2 B ARG A 1 137 ? 12.345  10.327  -3.548  0.50 4.53  ? 159 ARG A NH2 1 
ATOM   1096 N N   . TYR A 1 138 ? 5.018   13.307  -6.739  1.00 12.51 ? 160 TYR A N   1 
ATOM   1097 C CA  . TYR A 1 138 ? 3.903   14.236  -6.705  1.00 13.90 ? 160 TYR A CA  1 
ATOM   1098 C C   . TYR A 1 138 ? 3.730   14.647  -5.255  1.00 13.98 ? 160 TYR A C   1 
ATOM   1099 O O   . TYR A 1 138 ? 3.678   13.788  -4.371  1.00 14.19 ? 160 TYR A O   1 
ATOM   1100 C CB  . TYR A 1 138 ? 2.620   13.594  -7.227  1.00 14.45 ? 160 TYR A CB  1 
ATOM   1101 C CG  . TYR A 1 138 ? 1.399   14.419  -6.891  1.00 17.48 ? 160 TYR A CG  1 
ATOM   1102 C CD1 . TYR A 1 138 ? 1.109   15.598  -7.606  1.00 20.39 ? 160 TYR A CD1 1 
ATOM   1103 C CD2 . TYR A 1 138 ? 0.553   14.054  -5.839  1.00 19.60 ? 160 TYR A CD2 1 
ATOM   1104 C CE1 . TYR A 1 138 ? -0.015  16.374  -7.296  1.00 21.01 ? 160 TYR A CE1 1 
ATOM   1105 C CE2 . TYR A 1 138 ? -0.571  14.829  -5.504  1.00 21.04 ? 160 TYR A CE2 1 
ATOM   1106 C CZ  . TYR A 1 138 ? -0.853  15.984  -6.244  1.00 21.52 ? 160 TYR A CZ  1 
ATOM   1107 O OH  . TYR A 1 138 ? -1.951  16.772  -5.932  1.00 20.47 ? 160 TYR A OH  1 
ATOM   1108 N N   . SER A 1 139 ? 3.655   15.949  -5.012  1.00 14.03 ? 161 SER A N   1 
ATOM   1109 C CA  . SER A 1 139 ? 3.502   16.460  -3.651  1.00 14.55 ? 161 SER A CA  1 
ATOM   1110 C C   . SER A 1 139 ? 2.259   17.320  -3.464  1.00 14.37 ? 161 SER A C   1 
ATOM   1111 O O   . SER A 1 139 ? 1.836   18.028  -4.387  1.00 14.20 ? 161 SER A O   1 
ATOM   1112 C CB  . SER A 1 139 ? 4.727   17.259  -3.241  1.00 14.28 ? 161 SER A CB  1 
ATOM   1113 O OG  . SER A 1 139 ? 5.747   16.362  -2.882  1.00 16.58 ? 161 SER A OG  1 
ATOM   1114 N N   . LYS A 1 140 ? 1.678   17.235  -2.272  1.00 14.01 ? 162 LYS A N   1 
ATOM   1115 C CA  . LYS A 1 140 ? 0.596   18.115  -1.870  1.00 14.63 ? 162 LYS A CA  1 
ATOM   1116 C C   . LYS A 1 140 ? 0.568   18.307  -0.354  1.00 14.91 ? 162 LYS A C   1 
ATOM   1117 O O   . LYS A 1 140 ? 0.987   17.421  0.422   1.00 15.00 ? 162 LYS A O   1 
ATOM   1118 C CB  . LYS A 1 140 ? -0.770  17.640  -2.403  1.00 14.75 ? 162 LYS A CB  1 
ATOM   1119 C CG  . LYS A 1 140 ? -1.279  16.318  -1.862  1.00 14.95 ? 162 LYS A CG  1 
ATOM   1120 C CD  . LYS A 1 140 ? -2.546  15.865  -2.583  1.00 17.65 ? 162 LYS A CD  1 
ATOM   1121 C CE  . LYS A 1 140 ? -3.739  16.811  -2.391  1.00 19.23 ? 162 LYS A CE  1 
ATOM   1122 N NZ  . LYS A 1 140 ? -5.026  16.209  -2.915  1.00 20.18 ? 162 LYS A NZ  1 
ATOM   1123 N N   . LYS A 1 141 ? 0.118   19.490  0.048   1.00 14.92 ? 163 LYS A N   1 
ATOM   1124 C CA  . LYS A 1 141 ? -0.177  19.771  1.438   1.00 15.15 ? 163 LYS A CA  1 
ATOM   1125 C C   . LYS A 1 141 ? -1.556  19.203  1.761   1.00 14.33 ? 163 LYS A C   1 
ATOM   1126 O O   . LYS A 1 141 ? -2.536  19.437  1.043   1.00 13.58 ? 163 LYS A O   1 
ATOM   1127 C CB  . LYS A 1 141 ? -0.111  21.279  1.715   1.00 15.86 ? 163 LYS A CB  1 
ATOM   1128 C CG  . LYS A 1 141 ? 0.042   21.629  3.202   1.00 18.12 ? 163 LYS A CG  1 
ATOM   1129 C CD  . LYS A 1 141 ? 0.512   23.082  3.465   1.00 22.96 ? 163 LYS A CD  1 
ATOM   1130 C CE  . LYS A 1 141 ? -0.605  24.150  3.346   1.00 25.97 ? 163 LYS A CE  1 
ATOM   1131 N NZ  . LYS A 1 141 ? -1.809  23.891  4.204   1.00 28.61 ? 163 LYS A NZ  1 
ATOM   1132 N N   . GLY A 1 142 ? -1.617  18.420  2.830   1.00 13.65 ? 164 GLY A N   1 
ATOM   1133 C CA  . GLY A 1 142 ? -2.880  17.884  3.289   1.00 13.87 ? 164 GLY A CA  1 
ATOM   1134 C C   . GLY A 1 142 ? -2.733  17.039  4.535   1.00 14.04 ? 164 GLY A C   1 
ATOM   1135 O O   . GLY A 1 142 ? -1.818  17.243  5.337   1.00 14.35 ? 164 GLY A O   1 
ATOM   1136 N N   . GLU A 1 143 ? -3.654  16.093  4.690   1.00 14.03 ? 165 GLU A N   1 
ATOM   1137 C CA  . GLU A 1 143 ? -3.650  15.135  5.793   1.00 14.15 ? 165 GLU A CA  1 
ATOM   1138 C C   . GLU A 1 143 ? -4.591  13.998  5.389   1.00 14.16 ? 165 GLU A C   1 
ATOM   1139 O O   . GLU A 1 143 ? -5.493  14.194  4.557   1.00 13.50 ? 165 GLU A O   1 
ATOM   1140 C CB  . GLU A 1 143 ? -4.081  15.821  7.101   1.00 14.14 ? 165 GLU A CB  1 
ATOM   1141 C CG  . GLU A 1 143 ? -4.186  14.933  8.350   1.00 16.05 ? 165 GLU A CG  1 
ATOM   1142 C CD  . GLU A 1 143 ? -2.894  14.219  8.685   1.00 17.30 ? 165 GLU A CD  1 
ATOM   1143 O OE1 . GLU A 1 143 ? -2.070  14.795  9.422   1.00 19.40 ? 165 GLU A OE1 1 
ATOM   1144 O OE2 . GLU A 1 143 ? -2.704  13.075  8.221   1.00 18.39 ? 165 GLU A OE2 1 
ATOM   1145 N N   . TYR A 1 144 ? -4.370  12.812  5.948   1.00 14.05 ? 166 TYR A N   1 
ATOM   1146 C CA  . TYR A 1 144 ? -5.235  11.671  5.680   1.00 14.45 ? 166 TYR A CA  1 
ATOM   1147 C C   . TYR A 1 144 ? -5.604  10.905  6.957   1.00 15.10 ? 166 TYR A C   1 
ATOM   1148 O O   . TYR A 1 144 ? -6.505  10.075  6.936   1.00 14.69 ? 166 TYR A O   1 
ATOM   1149 C CB  . TYR A 1 144 ? -4.599  10.739  4.639   1.00 14.30 ? 166 TYR A CB  1 
ATOM   1150 C CG  . TYR A 1 144 ? -3.289  10.126  5.091   1.00 14.07 ? 166 TYR A CG  1 
ATOM   1151 C CD1 . TYR A 1 144 ? -3.273  8.940   5.803   1.00 15.20 ? 166 TYR A CD1 1 
ATOM   1152 C CD2 . TYR A 1 144 ? -2.065  10.738  4.802   1.00 13.52 ? 166 TYR A CD2 1 
ATOM   1153 C CE1 . TYR A 1 144 ? -2.061  8.374   6.241   1.00 15.15 ? 166 TYR A CE1 1 
ATOM   1154 C CE2 . TYR A 1 144 ? -0.858  10.186  5.231   1.00 13.57 ? 166 TYR A CE2 1 
ATOM   1155 C CZ  . TYR A 1 144 ? -0.871  9.004   5.945   1.00 13.44 ? 166 TYR A CZ  1 
ATOM   1156 O OH  . TYR A 1 144 ? 0.303   8.440   6.370   1.00 16.70 ? 166 TYR A OH  1 
ATOM   1157 N N   . ARG A 1 145 ? -4.919  11.194  8.063   1.00 15.85 ? 167 ARG A N   1 
ATOM   1158 C CA  . ARG A 1 145 ? -5.127  10.450  9.312   1.00 17.31 ? 167 ARG A CA  1 
ATOM   1159 C C   . ARG A 1 145 ? -6.301  11.030  10.098  1.00 18.06 ? 167 ARG A C   1 
ATOM   1160 O O   . ARG A 1 145 ? -6.326  12.228  10.386  1.00 18.29 ? 167 ARG A O   1 
ATOM   1161 C CB  . ARG A 1 145 ? -3.845  10.443  10.168  1.00 17.18 ? 167 ARG A CB  1 
ATOM   1162 C CG  . ARG A 1 145 ? -2.642  9.775   9.502   1.00 16.91 ? 167 ARG A CG  1 
ATOM   1163 C CD  . ARG A 1 145 ? -1.324  10.177  10.155  1.00 16.93 ? 167 ARG A CD  1 
ATOM   1164 N NE  . ARG A 1 145 ? -1.038  11.605  9.991   1.00 16.25 ? 167 ARG A NE  1 
ATOM   1165 C CZ  . ARG A 1 145 ? 0.011   12.229  10.526  1.00 17.74 ? 167 ARG A CZ  1 
ATOM   1166 N NH1 . ARG A 1 145 ? 0.887   11.563  11.269  1.00 16.18 ? 167 ARG A NH1 1 
ATOM   1167 N NH2 . ARG A 1 145 ? 0.197   13.526  10.316  1.00 16.01 ? 167 ARG A NH2 1 
ATOM   1168 N N   . THR A 1 146 ? -7.276  10.184  10.427  1.00 19.37 ? 168 THR A N   1 
ATOM   1169 C CA  . THR A 1 146 ? -8.463  10.623  11.155  1.00 20.66 ? 168 THR A CA  1 
ATOM   1170 C C   . THR A 1 146 ? -8.396  10.248  12.636  1.00 22.05 ? 168 THR A C   1 
ATOM   1171 O O   . THR A 1 146 ? -9.175  10.774  13.444  1.00 22.10 ? 168 THR A O   1 
ATOM   1172 C CB  . THR A 1 146 ? -9.773  10.046  10.571  1.00 20.83 ? 168 THR A CB  1 
ATOM   1173 O OG1 . THR A 1 146 ? -9.812  8.628   10.782  1.00 19.84 ? 168 THR A OG1 1 
ATOM   1174 C CG2 . THR A 1 146 ? -9.905  10.357  9.074   1.00 20.99 ? 168 THR A CG2 1 
ATOM   1175 N N   . HIS A 1 147 ? -7.477  9.346   12.986  1.00 22.87 ? 169 HIS A N   1 
ATOM   1176 C CA  . HIS A 1 147 ? -7.320  8.897   14.376  1.00 24.43 ? 169 HIS A CA  1 
ATOM   1177 C C   . HIS A 1 147 ? -6.149  9.590   15.071  1.00 25.28 ? 169 HIS A C   1 
ATOM   1178 O O   . HIS A 1 147 ? -5.021  9.550   14.579  1.00 25.14 ? 169 HIS A O   1 
ATOM   1179 C CB  . HIS A 1 147 ? -7.153  7.379   14.441  1.00 24.32 ? 169 HIS A CB  1 
ATOM   1180 C CG  . HIS A 1 147 ? -8.352  6.625   13.970  1.00 24.92 ? 169 HIS A CG  1 
ATOM   1181 N ND1 . HIS A 1 147 ? -8.487  6.174   12.675  1.00 25.35 ? 169 HIS A ND1 1 
ATOM   1182 C CD2 . HIS A 1 147 ? -9.484  6.257   14.616  1.00 26.85 ? 169 HIS A CD2 1 
ATOM   1183 C CE1 . HIS A 1 147 ? -9.642  5.544   12.547  1.00 26.97 ? 169 HIS A CE1 1 
ATOM   1184 N NE2 . HIS A 1 147 ? -10.268 5.584   13.711  1.00 28.30 ? 169 HIS A NE2 1 
ATOM   1185 N N   . GLN A 1 148 ? -6.426  10.223  16.213  1.00 26.59 ? 170 GLN A N   1 
ATOM   1186 C CA  . GLN A 1 148 ? -5.404  10.981  16.943  1.00 27.71 ? 170 GLN A CA  1 
ATOM   1187 C C   . GLN A 1 148 ? -4.183  10.142  17.344  1.00 27.91 ? 170 GLN A C   1 
ATOM   1188 O O   . GLN A 1 148 ? -3.047  10.603  17.213  1.00 28.33 ? 170 GLN A O   1 
ATOM   1189 C CB  . GLN A 1 148 ? -6.006  11.696  18.165  1.00 28.17 ? 170 GLN A CB  1 
ATOM   1190 C CG  . GLN A 1 148 ? -5.060  12.721  18.824  1.00 29.10 ? 170 GLN A CG  1 
ATOM   1191 C CD  . GLN A 1 148 ? -4.449  13.714  17.830  1.00 30.55 ? 170 GLN A CD  1 
ATOM   1192 O OE1 . GLN A 1 148 ? -5.149  14.280  16.979  1.00 32.58 ? 170 GLN A OE1 1 
ATOM   1193 N NE2 . GLN A 1 148 ? -3.141  13.936  17.943  1.00 29.31 ? 170 GLN A NE2 1 
ATOM   1194 N N   . GLU A 1 149 ? -4.420  8.912   17.806  1.00 28.36 ? 171 GLU A N   1 
ATOM   1195 C CA  . GLU A 1 149 ? -3.334  8.009   18.214  1.00 28.50 ? 171 GLU A CA  1 
ATOM   1196 C C   . GLU A 1 149 ? -2.367  7.661   17.067  1.00 27.69 ? 171 GLU A C   1 
ATOM   1197 O O   . GLU A 1 149 ? -1.281  7.125   17.305  1.00 27.64 ? 171 GLU A O   1 
ATOM   1198 C CB  . GLU A 1 149 ? -3.873  6.750   18.917  1.00 28.94 ? 171 GLU A CB  1 
ATOM   1199 C CG  . GLU A 1 149 ? -4.685  5.812   18.030  1.00 31.82 ? 171 GLU A CG  1 
ATOM   1200 C CD  . GLU A 1 149 ? -6.179  6.168   17.931  1.00 35.35 ? 171 GLU A CD  1 
ATOM   1201 O OE1 . GLU A 1 149 ? -6.603  7.299   18.308  1.00 34.81 ? 171 GLU A OE1 1 
ATOM   1202 O OE2 . GLU A 1 149 ? -6.936  5.279   17.462  1.00 36.91 ? 171 GLU A OE2 1 
ATOM   1203 N N   . ASP A 1 150 ? -2.754  7.993   15.836  1.00 26.86 ? 172 ASP A N   1 
ATOM   1204 C CA  . ASP A 1 150 ? -1.895  7.786   14.668  1.00 26.34 ? 172 ASP A CA  1 
ATOM   1205 C C   . ASP A 1 150 ? -0.932  8.948   14.359  1.00 26.36 ? 172 ASP A C   1 
ATOM   1206 O O   . ASP A 1 150 ? 0.095   8.738   13.698  1.00 26.61 ? 172 ASP A O   1 
ATOM   1207 C CB  . ASP A 1 150 ? -2.725  7.424   13.424  1.00 25.70 ? 172 ASP A CB  1 
ATOM   1208 C CG  . ASP A 1 150 ? -3.358  6.038   13.517  1.00 24.64 ? 172 ASP A CG  1 
ATOM   1209 O OD1 . ASP A 1 150 ? -2.741  5.117   14.085  1.00 23.24 ? 172 ASP A OD1 1 
ATOM   1210 O OD2 . ASP A 1 150 ? -4.480  5.861   13.005  1.00 24.07 ? 172 ASP A OD2 1 
ATOM   1211 N N   A ILE A 1 151 ? -1.255  10.152  14.823  0.50 26.24 ? 173 ILE A N   1 
ATOM   1212 N N   B ILE A 1 151 ? -1.265  10.143  14.850  0.50 26.19 ? 173 ILE A N   1 
ATOM   1213 C CA  A ILE A 1 151 ? -0.420  11.329  14.543  0.50 26.35 ? 173 ILE A CA  1 
ATOM   1214 C CA  B ILE A 1 151 ? -0.490  11.362  14.580  0.50 26.27 ? 173 ILE A CA  1 
ATOM   1215 C C   A ILE A 1 151 ? 0.777   11.474  15.489  0.50 26.30 ? 173 ILE A C   1 
ATOM   1216 C C   B ILE A 1 151 ? 0.483   11.742  15.705  0.50 26.15 ? 173 ILE A C   1 
ATOM   1217 O O   A ILE A 1 151 ? 1.917   11.188  15.114  0.50 26.19 ? 173 ILE A O   1 
ATOM   1218 O O   B ILE A 1 151 ? 0.137   11.708  16.890  0.50 25.95 ? 173 ILE A O   1 
ATOM   1219 C CB  A ILE A 1 151 ? -1.243  12.616  14.571  0.50 26.28 ? 173 ILE A CB  1 
ATOM   1220 C CB  B ILE A 1 151 ? -1.419  12.550  14.302  0.50 26.21 ? 173 ILE A CB  1 
ATOM   1221 C CG1 A ILE A 1 151 ? -2.348  12.548  13.514  0.50 25.91 ? 173 ILE A CG1 1 
ATOM   1222 C CG1 B ILE A 1 151 ? -2.514  12.138  13.318  0.50 25.81 ? 173 ILE A CG1 1 
ATOM   1223 C CG2 A ILE A 1 151 ? -0.331  13.823  14.361  0.50 26.59 ? 173 ILE A CG2 1 
ATOM   1224 C CG2 B ILE A 1 151 ? -0.620  13.743  13.783  0.50 26.69 ? 173 ILE A CG2 1 
ATOM   1225 C CD1 A ILE A 1 151 ? -3.364  13.660  13.615  0.50 26.41 ? 173 ILE A CD1 1 
ATOM   1226 C CD1 B ILE A 1 151 ? -3.604  13.163  13.150  0.50 26.34 ? 173 ILE A CD1 1 
HETATM 1227 S S   . DMS B 2 .   ? -5.068  -12.914 13.717  1.00 17.15 ? 201 DMS A S   1 
HETATM 1228 O O   . DMS B 2 .   ? -3.358  -13.017 14.183  1.00 16.02 ? 201 DMS A O   1 
HETATM 1229 C C1  . DMS B 2 .   ? -5.098  -12.410 11.973  1.00 15.50 ? 201 DMS A C1  1 
HETATM 1230 C C2  . DMS B 2 .   ? -5.776  -14.589 13.673  1.00 15.31 ? 201 DMS A C2  1 
HETATM 1231 C CAG . 4X6 C 3 .   ? 10.517  -0.828  -2.435  1.00 34.48 ? 202 4X6 A CAG 1 
HETATM 1232 C CAF . 4X6 C 3 .   ? 9.324   -0.308  -3.258  1.00 33.89 ? 202 4X6 A CAF 1 
HETATM 1233 C CAK . 4X6 C 3 .   ? 9.397   1.080   -3.512  1.00 32.82 ? 202 4X6 A CAK 1 
HETATM 1234 C CAI . 4X6 C 3 .   ? 8.422   1.670   -4.331  1.00 31.67 ? 202 4X6 A CAI 1 
HETATM 1235 N NAB . 4X6 C 3 .   ? 7.482   0.857   -4.821  1.00 32.02 ? 202 4X6 A NAB 1 
HETATM 1236 C CAD . 4X6 C 3 .   ? 8.431   3.035   -4.625  1.00 29.99 ? 202 4X6 A CAD 1 
HETATM 1237 C CAC . 4X6 C 3 .   ? 9.436   3.837   -4.083  1.00 31.91 ? 202 4X6 A CAC 1 
HETATM 1238 C CAE . 4X6 C 3 .   ? 10.420  3.278   -3.261  1.00 32.80 ? 202 4X6 A CAE 1 
HETATM 1239 C CAJ . 4X6 C 3 .   ? 10.411  1.901   -2.969  1.00 33.57 ? 202 4X6 A CAJ 1 
HETATM 1240 C CAH . 4X6 C 3 .   ? 11.415  1.373   -2.130  1.00 34.70 ? 202 4X6 A CAH 1 
HETATM 1241 N NAL . 4X6 C 3 .   ? 10.924  0.164   -1.437  1.00 34.23 ? 202 4X6 A NAL 1 
HETATM 1242 C CAA . 4X6 C 3 .   ? 11.953  -0.387  -0.558  1.00 35.17 ? 202 4X6 A CAA 1 
HETATM 1243 S S   . SO4 D 4 .   ? -4.334  4.460   -7.504  1.00 41.77 ? 203 SO4 A S   1 
HETATM 1244 O O1  . SO4 D 4 .   ? -4.712  5.585   -8.372  1.00 41.05 ? 203 SO4 A O1  1 
HETATM 1245 O O2  . SO4 D 4 .   ? -4.386  3.198   -8.244  1.00 40.61 ? 203 SO4 A O2  1 
HETATM 1246 O O3  . SO4 D 4 .   ? -2.975  4.706   -7.031  1.00 43.16 ? 203 SO4 A O3  1 
HETATM 1247 O O4  . SO4 D 4 .   ? -5.219  4.395   -6.345  1.00 40.78 ? 203 SO4 A O4  1 
HETATM 1248 O O   . HOH E 5 .   ? -3.877  2.500   -11.759 1.00 9.02  ? 301 HOH A O   1 
HETATM 1249 O O   . HOH E 5 .   ? -4.434  -2.574  -12.141 1.00 10.75 ? 302 HOH A O   1 
HETATM 1250 O O   . HOH E 5 .   ? -8.796  -7.444  -12.875 1.00 11.46 ? 303 HOH A O   1 
HETATM 1251 O O   . HOH E 5 .   ? 5.348   1.587   6.008   1.00 2.34  ? 304 HOH A O   1 
HETATM 1252 O O   . HOH E 5 .   ? 9.188   -16.304 -1.473  1.00 7.93  ? 305 HOH A O   1 
HETATM 1253 O O   . HOH E 5 .   ? -2.193  -15.102 13.155  1.00 9.65  ? 306 HOH A O   1 
HETATM 1254 O O   . HOH E 5 .   ? -2.054  -12.012 9.507   1.00 8.42  ? 307 HOH A O   1 
HETATM 1255 O O   . HOH E 5 .   ? -3.892  -16.272 -7.145  1.00 8.07  ? 308 HOH A O   1 
HETATM 1256 O O   . HOH E 5 .   ? -11.522 -4.157  -0.799  1.00 7.27  ? 309 HOH A O   1 
HETATM 1257 O O   . HOH E 5 .   ? -8.066  9.411   4.803   1.00 3.31  ? 310 HOH A O   1 
HETATM 1258 O O   . HOH E 5 .   ? 6.727   8.238   -14.307 1.00 13.45 ? 311 HOH A O   1 
HETATM 1259 O O   . HOH E 5 .   ? -13.638 -10.129 -2.321  1.00 12.97 ? 312 HOH A O   1 
HETATM 1260 O O   . HOH E 5 .   ? 6.042   0.561   -2.115  1.00 3.51  ? 313 HOH A O   1 
HETATM 1261 O O   . HOH E 5 .   ? -7.386  -15.550 6.917   1.00 7.97  ? 314 HOH A O   1 
HETATM 1262 O O   . HOH E 5 .   ? -5.067  17.764  0.671   1.00 12.91 ? 315 HOH A O   1 
HETATM 1263 O O   . HOH E 5 .   ? -4.769  -3.799  -17.548 1.00 12.93 ? 316 HOH A O   1 
HETATM 1264 O O   . HOH E 5 .   ? -10.233 2.419   3.268   1.00 14.23 ? 317 HOH A O   1 
HETATM 1265 O O   . HOH E 5 .   ? 5.291   -7.163  -9.176  1.00 10.94 ? 318 HOH A O   1 
HETATM 1266 O O   . HOH E 5 .   ? -10.751 -10.915 2.941   1.00 8.89  ? 319 HOH A O   1 
HETATM 1267 O O   . HOH E 5 .   ? 0.472   -18.555 4.287   1.00 8.37  ? 320 HOH A O   1 
HETATM 1268 O O   . HOH E 5 .   ? 7.292   -3.516  -3.108  1.00 13.43 ? 321 HOH A O   1 
# 
